data_6XPO
#
_entry.id   6XPO
#
_cell.length_a   200.660
_cell.length_b   186.180
_cell.length_c   107.400
_cell.angle_alpha   90.000
_cell.angle_beta   110.130
_cell.angle_gamma   90.000
#
_symmetry.space_group_name_H-M   'C 1 2 1'
#
loop_
_entity.id
_entity.type
_entity.pdbx_description
1 polymer Hemagglutinin
2 branched beta-D-mannopyranose-(1-4)-2-acetamido-2-deoxy-beta-D-glucopyranose-(1-4)-2-acetamido-2-deoxy-beta-D-glucopyranose
3 branched alpha-D-mannopyranose-(1-6)-beta-D-mannopyranose-(1-4)-2-acetamido-2-deoxy-beta-D-glucopyranose-(1-4)-[alpha-L-fucopyranose-(1-6)]2-acetamido-2-deoxy-beta-D-glucopyranose
4 branched 2-acetamido-2-deoxy-beta-D-glucopyranose-(1-4)-2-acetamido-2-deoxy-beta-D-glucopyranose
5 non-polymer 2-acetamido-2-deoxy-beta-D-glucopyranose
#
_entity_poly.entity_id   1
_entity_poly.type   'polypeptide(L)'
_entity_poly.pdbx_seq_one_letter_code
;ASQNLPGNDNSTATLCLGHHAVPNGTLVKTITNDQIEVTNATELVQSSSTGRICDSPHRILDGKNCTLIDALLGDPHCDG
FQNEKWDLFVERSKAFSNCYPYDVPDYASLRSLVASSGTLEFINEGFNWTGVTQSGGSYACKRGSDNSFFSRLNWLYESE
SKYPVLNVTMPNNGNFDKLYIWGVHHPSTDKEQTKLYVRASGRVTVSTKRSQQTIIPNIGSRPWVRGLSSGISIYWTIVK
PGDILLINSNGNLIAPRGYFKIRTGKSSIMRSDAPIGTCSSECITPNGSIPNDKPFQNVNKITYGACPKYVKQNTLKLAT
GMRNVPEKQTRGIFGAIAGFIENGWEGMVDGWYGFRHQNSEGTGQAADLKSTQAAIDQINGKLNRVIEKTNEKFHQIEKE
FSEVEGRIQDLEKYVEDTKIDLWSYNAELLVALENQHTIDLTDSEMNKLFEKTRRQLRENAEDMGNGCFKIYHKCDNACI
GSIRNGTYDHDVYRDEALNNRFQIKGVELKSGALEVLFQ
;
_entity_poly.pdbx_strand_id   A,B,C
#
loop_
_chem_comp.id
_chem_comp.type
_chem_comp.name
_chem_comp.formula
BMA D-saccharide, beta linking beta-D-mannopyranose 'C6 H12 O6'
FUC L-saccharide, alpha linking alpha-L-fucopyranose 'C6 H12 O5'
MAN D-saccharide, alpha linking alpha-D-mannopyranose 'C6 H12 O6'
NAG D-saccharide, beta linking 2-acetamido-2-deoxy-beta-D-glucopyranose 'C8 H15 N O6'
#
# COMPACT_ATOMS: atom_id res chain seq x y z
N ASN A 10 47.25 -49.24 3.79
CA ASN A 10 48.21 -48.85 4.82
C ASN A 10 49.19 -47.81 4.29
N SER A 11 49.32 -47.74 2.97
CA SER A 11 50.17 -46.76 2.32
C SER A 11 49.39 -45.56 1.81
N THR A 12 48.14 -45.41 2.22
CA THR A 12 47.30 -44.28 1.81
C THR A 12 46.56 -43.74 3.02
N ALA A 13 45.85 -42.64 2.80
CA ALA A 13 45.00 -42.03 3.81
C ALA A 13 43.72 -41.53 3.14
N THR A 14 42.69 -41.37 3.95
CA THR A 14 41.39 -40.90 3.48
C THR A 14 41.03 -39.60 4.20
N LEU A 15 40.71 -38.58 3.43
CA LEU A 15 40.31 -37.28 3.95
C LEU A 15 38.90 -36.97 3.47
N CYS A 16 37.99 -36.74 4.41
CA CYS A 16 36.59 -36.54 4.07
C CYS A 16 36.14 -35.12 4.43
N LEU A 17 35.24 -34.60 3.60
CA LEU A 17 34.68 -33.26 3.74
C LEU A 17 33.21 -33.37 4.15
N GLY A 18 32.85 -32.71 5.25
CA GLY A 18 31.49 -32.81 5.73
C GLY A 18 31.01 -31.52 6.39
N HIS A 19 29.71 -31.54 6.71
CA HIS A 19 29.05 -30.45 7.42
C HIS A 19 28.23 -31.05 8.55
N HIS A 20 27.87 -30.21 9.52
CA HIS A 20 27.27 -30.72 10.75
C HIS A 20 25.80 -31.03 10.54
N ALA A 21 25.18 -31.59 11.57
CA ALA A 21 23.75 -31.92 11.57
C ALA A 21 23.29 -32.03 13.02
N VAL A 22 21.97 -31.96 13.20
CA VAL A 22 21.41 -31.91 14.55
C VAL A 22 20.24 -32.89 14.63
N PRO A 23 19.92 -33.37 15.84
CA PRO A 23 18.87 -34.39 15.97
C PRO A 23 17.44 -33.84 15.96
N ASN A 24 17.23 -32.53 16.08
CA ASN A 24 15.88 -31.99 16.09
C ASN A 24 15.52 -31.35 14.75
N GLY A 25 16.12 -30.23 14.41
CA GLY A 25 15.84 -29.59 13.15
C GLY A 25 14.55 -28.80 13.16
N THR A 26 14.47 -27.85 12.23
CA THR A 26 13.34 -26.94 12.15
C THR A 26 12.94 -26.76 10.70
N LEU A 27 11.63 -26.80 10.44
CA LEU A 27 11.08 -26.62 9.10
C LEU A 27 10.93 -25.14 8.79
N VAL A 28 11.27 -24.76 7.55
CA VAL A 28 11.14 -23.40 7.07
C VAL A 28 10.60 -23.45 5.64
N LYS A 29 10.19 -22.29 5.15
CA LYS A 29 9.69 -22.14 3.78
C LYS A 29 10.76 -21.49 2.91
N THR A 30 10.83 -21.94 1.66
CA THR A 30 11.72 -21.36 0.66
C THR A 30 10.89 -21.06 -0.60
N ILE A 31 11.57 -20.55 -1.62
CA ILE A 31 10.93 -20.36 -2.92
C ILE A 31 10.48 -21.70 -3.49
N THR A 32 11.27 -22.75 -3.26
CA THR A 32 10.97 -24.06 -3.80
C THR A 32 9.97 -24.81 -2.92
N ASN A 33 10.39 -25.19 -1.72
CA ASN A 33 9.69 -26.17 -0.90
C ASN A 33 8.88 -25.49 0.19
N ASP A 34 7.74 -26.08 0.51
CA ASP A 34 6.89 -25.57 1.58
C ASP A 34 7.42 -25.94 2.96
N GLN A 35 8.14 -27.06 3.06
CA GLN A 35 8.71 -27.50 4.33
C GLN A 35 10.08 -28.11 4.04
N ILE A 36 11.15 -27.40 4.39
CA ILE A 36 12.50 -27.91 4.30
C ILE A 36 13.16 -27.75 5.66
N GLU A 37 13.97 -28.75 6.04
CA GLU A 37 14.53 -28.83 7.38
C GLU A 37 15.92 -28.23 7.41
N VAL A 38 16.12 -27.24 8.28
CA VAL A 38 17.40 -26.61 8.50
C VAL A 38 17.82 -26.85 9.95
N THR A 39 19.09 -26.56 10.24
CA THR A 39 19.62 -26.85 11.57
C THR A 39 19.06 -25.89 12.61
N ASN A 40 19.06 -24.59 12.31
CA ASN A 40 18.58 -23.57 13.24
C ASN A 40 17.60 -22.65 12.52
N ALA A 41 16.76 -21.98 13.31
CA ALA A 41 15.81 -21.01 12.80
C ALA A 41 15.31 -20.15 13.95
N THR A 42 15.04 -18.88 13.63
CA THR A 42 14.50 -17.93 14.59
C THR A 42 13.14 -17.42 14.11
N GLU A 43 12.36 -16.91 15.05
CA GLU A 43 11.01 -16.44 14.77
C GLU A 43 11.02 -14.94 14.45
N LEU A 44 10.20 -14.56 13.46
CA LEU A 44 10.10 -13.16 13.04
C LEU A 44 8.78 -12.51 13.40
N VAL A 45 7.75 -13.26 13.72
CA VAL A 45 6.43 -12.72 14.02
C VAL A 45 6.23 -12.75 15.52
N GLN A 46 6.17 -11.57 16.15
CA GLN A 46 5.83 -11.47 17.55
C GLN A 46 4.35 -11.80 17.75
N SER A 47 4.06 -12.78 18.61
CA SER A 47 2.69 -13.24 18.78
C SER A 47 2.29 -13.38 20.24
N SER A 48 3.12 -12.91 21.18
CA SER A 48 2.81 -12.98 22.60
C SER A 48 3.04 -11.62 23.24
N SER A 49 2.40 -11.43 24.39
CA SER A 49 2.52 -10.18 25.13
C SER A 49 2.35 -10.45 26.61
N THR A 50 2.94 -9.57 27.43
CA THR A 50 2.82 -9.72 28.87
C THR A 50 1.40 -9.42 29.34
N GLY A 51 0.69 -8.52 28.65
CA GLY A 51 -0.60 -8.06 29.07
C GLY A 51 -0.58 -6.79 29.89
N ARG A 52 0.61 -6.28 30.23
CA ARG A 52 0.76 -5.07 31.02
C ARG A 52 1.27 -3.96 30.11
N ILE A 53 0.64 -2.80 30.17
CA ILE A 53 1.14 -1.63 29.45
C ILE A 53 2.27 -1.01 30.26
N CYS A 54 3.44 -0.88 29.66
CA CYS A 54 4.60 -0.33 30.35
C CYS A 54 4.49 1.18 30.43
N ASP A 55 4.54 1.72 31.64
CA ASP A 55 4.50 3.17 31.85
C ASP A 55 5.76 3.89 31.41
N SER A 56 6.73 3.17 30.85
CA SER A 56 7.96 3.73 30.30
C SER A 56 8.19 3.17 28.90
N PRO A 57 8.79 3.95 28.01
CA PRO A 57 9.24 5.33 28.20
C PRO A 57 8.20 6.38 27.77
N HIS A 58 6.96 5.95 27.55
CA HIS A 58 5.90 6.83 27.07
C HIS A 58 5.07 7.34 28.25
N ARG A 59 4.68 8.60 28.18
CA ARG A 59 3.79 9.17 29.19
C ARG A 59 2.40 8.56 29.02
N ILE A 60 2.07 7.62 29.89
CA ILE A 60 0.78 6.93 29.87
C ILE A 60 -0.14 7.61 30.86
N LEU A 61 -1.31 8.03 30.40
CA LEU A 61 -2.32 8.66 31.24
C LEU A 61 -3.55 7.76 31.27
N ASP A 62 -3.83 7.18 32.43
CA ASP A 62 -4.96 6.27 32.58
C ASP A 62 -6.24 7.07 32.74
N GLY A 63 -7.16 6.91 31.79
CA GLY A 63 -8.42 7.63 31.86
C GLY A 63 -9.33 7.14 32.98
N LYS A 64 -9.14 5.89 33.40
CA LYS A 64 -9.88 5.30 34.51
C LYS A 64 -11.38 5.35 34.27
N ASN A 65 -12.11 6.13 35.07
CA ASN A 65 -13.55 6.29 34.90
C ASN A 65 -13.93 7.34 33.86
N CYS A 66 -12.98 7.89 33.12
CA CYS A 66 -13.25 9.06 32.29
C CYS A 66 -12.82 8.83 30.85
N THR A 67 -13.64 9.32 29.93
CA THR A 67 -13.25 9.43 28.52
C THR A 67 -12.50 10.73 28.30
N LEU A 68 -11.87 10.85 27.13
CA LEU A 68 -11.15 12.07 26.82
C LEU A 68 -12.08 13.28 26.75
N ILE A 69 -13.32 13.06 26.28
CA ILE A 69 -14.24 14.17 26.07
C ILE A 69 -14.82 14.65 27.40
N ASP A 70 -15.11 13.71 28.31
CA ASP A 70 -15.60 14.11 29.62
C ASP A 70 -14.55 14.91 30.38
N ALA A 71 -13.30 14.45 30.37
CA ALA A 71 -12.22 15.23 30.98
C ALA A 71 -12.02 16.55 30.25
N LEU A 72 -12.19 16.55 28.93
CA LEU A 72 -12.13 17.77 28.15
C LEU A 72 -13.16 18.79 28.64
N LEU A 73 -14.44 18.37 28.65
CA LEU A 73 -15.51 19.31 28.96
C LEU A 73 -15.46 19.76 30.41
N GLY A 74 -15.39 18.81 31.34
CA GLY A 74 -15.28 19.16 32.75
C GLY A 74 -16.27 18.45 33.65
N ASP A 75 -16.67 17.24 33.25
CA ASP A 75 -17.49 16.38 34.08
C ASP A 75 -16.85 16.26 35.47
N PRO A 76 -17.55 16.66 36.55
CA PRO A 76 -16.87 16.85 37.84
C PRO A 76 -16.05 15.67 38.34
N HIS A 77 -16.49 14.43 38.13
CA HIS A 77 -15.68 13.31 38.57
C HIS A 77 -14.40 13.17 37.77
N CYS A 78 -14.24 13.97 36.70
CA CYS A 78 -13.06 13.96 35.86
C CYS A 78 -12.20 15.20 36.06
N ASP A 79 -12.42 15.95 37.15
CA ASP A 79 -11.69 17.18 37.37
C ASP A 79 -10.22 16.96 37.67
N GLY A 80 -9.83 15.73 38.01
CA GLY A 80 -8.43 15.44 38.21
C GLY A 80 -7.59 15.56 36.95
N PHE A 81 -8.22 15.44 35.79
CA PHE A 81 -7.52 15.47 34.51
C PHE A 81 -7.30 16.87 33.96
N GLN A 82 -7.58 17.91 34.73
CA GLN A 82 -7.45 19.27 34.21
C GLN A 82 -5.99 19.59 33.90
N ASN A 83 -5.78 20.21 32.75
CA ASN A 83 -4.47 20.67 32.28
C ASN A 83 -3.46 19.53 32.17
N GLU A 84 -3.94 18.30 32.11
CA GLU A 84 -3.05 17.15 32.12
C GLU A 84 -2.48 16.91 30.73
N LYS A 85 -1.32 16.23 30.68
CA LYS A 85 -0.63 15.96 29.43
C LYS A 85 -0.31 14.47 29.35
N TRP A 86 -0.14 13.99 28.12
CA TRP A 86 0.05 12.56 27.89
C TRP A 86 0.72 12.33 26.55
N ASP A 87 1.42 11.20 26.45
CA ASP A 87 1.79 10.64 25.15
C ASP A 87 0.70 9.70 24.64
N LEU A 88 0.26 8.77 25.48
CA LEU A 88 -0.79 7.82 25.14
C LEU A 88 -1.87 7.89 26.21
N PHE A 89 -3.03 8.41 25.87
CA PHE A 89 -4.17 8.47 26.77
C PHE A 89 -5.00 7.21 26.58
N VAL A 90 -5.20 6.45 27.66
CA VAL A 90 -5.82 5.13 27.59
C VAL A 90 -7.25 5.24 28.12
N GLU A 91 -8.22 5.12 27.24
CA GLU A 91 -9.62 5.07 27.66
C GLU A 91 -9.99 3.65 28.07
N ARG A 92 -10.72 3.55 29.19
CA ARG A 92 -11.18 2.28 29.73
C ARG A 92 -12.60 2.00 29.27
N SER A 93 -13.00 0.74 29.38
CA SER A 93 -14.37 0.37 29.03
C SER A 93 -15.37 0.86 30.08
N LYS A 94 -14.94 0.94 31.34
CA LYS A 94 -15.82 1.29 32.45
C LYS A 94 -16.15 2.78 32.52
N ALA A 95 -15.49 3.61 31.70
CA ALA A 95 -15.69 5.05 31.76
C ALA A 95 -17.16 5.40 31.51
N PHE A 96 -17.57 6.55 32.04
CA PHE A 96 -18.99 6.75 32.26
C PHE A 96 -19.24 8.25 32.39
N SER A 97 -20.46 8.68 32.11
CA SER A 97 -20.81 10.09 32.09
C SER A 97 -21.76 10.40 33.24
N ASN A 98 -21.38 11.38 34.07
CA ASN A 98 -22.14 11.70 35.27
C ASN A 98 -22.50 13.18 35.37
N CYS A 99 -22.26 13.97 34.32
CA CYS A 99 -22.66 15.37 34.34
C CYS A 99 -23.93 15.58 33.52
N TYR A 100 -24.07 16.74 32.92
CA TYR A 100 -25.28 17.06 32.18
C TYR A 100 -25.32 16.26 30.88
N PRO A 101 -26.51 15.84 30.43
CA PRO A 101 -26.59 15.08 29.18
C PRO A 101 -26.07 15.89 28.00
N TYR A 102 -25.38 15.22 27.08
CA TYR A 102 -24.79 15.91 25.95
C TYR A 102 -24.63 14.96 24.77
N ASP A 103 -24.50 15.55 23.59
CA ASP A 103 -24.04 14.86 22.40
C ASP A 103 -22.97 15.71 21.73
N VAL A 104 -22.17 15.08 20.87
CA VAL A 104 -21.13 15.79 20.15
C VAL A 104 -21.25 15.45 18.66
N PRO A 105 -21.83 16.33 17.83
CA PRO A 105 -21.77 16.10 16.39
C PRO A 105 -20.33 16.03 15.92
N ASP A 106 -20.03 14.99 15.13
CA ASP A 106 -18.66 14.63 14.75
C ASP A 106 -17.82 14.39 16.02
N TYR A 107 -18.28 13.42 16.81
CA TYR A 107 -17.59 13.09 18.06
C TYR A 107 -16.17 12.62 17.81
N ALA A 108 -15.96 11.82 16.76
CA ALA A 108 -14.67 11.16 16.56
C ALA A 108 -13.58 12.17 16.24
N SER A 109 -13.90 13.20 15.45
CA SER A 109 -12.88 14.17 15.05
C SER A 109 -12.38 14.96 16.25
N LEU A 110 -13.31 15.46 17.08
CA LEU A 110 -12.90 16.20 18.28
C LEU A 110 -12.06 15.33 19.20
N ARG A 111 -12.46 14.07 19.39
CA ARG A 111 -11.64 13.14 20.15
C ARG A 111 -10.28 12.91 19.49
N SER A 112 -10.25 12.94 18.14
CA SER A 112 -9.01 12.69 17.43
C SER A 112 -8.00 13.82 17.63
N LEU A 113 -8.43 15.05 17.38
CA LEU A 113 -7.49 16.17 17.38
C LEU A 113 -7.01 16.51 18.79
N VAL A 114 -7.86 16.33 19.80
CA VAL A 114 -7.41 16.55 21.18
C VAL A 114 -6.39 15.50 21.60
N ALA A 115 -6.61 14.24 21.15
CA ALA A 115 -5.66 13.19 21.47
C ALA A 115 -4.31 13.45 20.80
N SER A 116 -4.32 13.92 19.56
CA SER A 116 -3.07 14.24 18.87
C SER A 116 -2.35 15.39 19.56
N SER A 117 -3.09 16.39 20.04
CA SER A 117 -2.49 17.49 20.77
C SER A 117 -1.85 17.01 22.07
N GLY A 118 -2.43 16.00 22.70
CA GLY A 118 -1.83 15.38 23.86
C GLY A 118 -1.78 16.26 25.09
N THR A 119 -2.69 17.22 25.21
CA THR A 119 -2.71 18.11 26.36
C THR A 119 -4.11 18.66 26.56
N LEU A 120 -4.52 18.75 27.83
CA LEU A 120 -5.75 19.42 28.22
C LEU A 120 -5.48 20.78 28.84
N GLU A 121 -4.27 21.32 28.65
CA GLU A 121 -3.89 22.65 29.10
C GLU A 121 -4.92 23.70 28.67
N PHE A 122 -5.68 24.21 29.63
CA PHE A 122 -6.74 25.17 29.38
C PHE A 122 -6.28 26.56 29.82
N ILE A 123 -6.61 27.57 29.04
CA ILE A 123 -6.28 28.96 29.33
C ILE A 123 -7.57 29.75 29.41
N ASN A 124 -7.80 30.38 30.56
CA ASN A 124 -9.03 31.12 30.79
C ASN A 124 -8.98 32.49 30.13
N GLU A 125 -10.11 32.91 29.58
CA GLU A 125 -10.27 34.21 28.96
C GLU A 125 -11.58 34.82 29.45
N GLY A 126 -11.51 36.07 29.90
CA GLY A 126 -12.68 36.75 30.39
C GLY A 126 -13.51 37.34 29.27
N PHE A 127 -14.59 36.67 28.90
CA PHE A 127 -15.45 37.33 27.92
C PHE A 127 -16.33 38.33 28.65
N ASN A 128 -16.91 39.25 27.88
CA ASN A 128 -17.60 40.39 28.49
C ASN A 128 -18.84 39.95 29.26
N TRP A 129 -19.64 39.05 28.67
CA TRP A 129 -20.95 38.60 29.16
C TRP A 129 -21.65 39.56 30.12
N THR A 130 -21.81 40.81 29.75
CA THR A 130 -22.60 41.77 30.52
C THR A 130 -23.97 41.91 29.88
N GLY A 131 -25.02 41.72 30.67
CA GLY A 131 -26.38 41.64 30.19
C GLY A 131 -27.00 40.28 30.34
N VAL A 132 -26.21 39.26 30.67
CA VAL A 132 -26.69 37.92 30.94
C VAL A 132 -26.12 37.49 32.28
N THR A 133 -26.76 36.51 32.90
CA THR A 133 -26.17 35.92 34.09
C THR A 133 -25.39 34.67 33.68
N GLN A 134 -24.57 34.17 34.59
CA GLN A 134 -23.42 33.37 34.22
C GLN A 134 -23.22 32.21 35.18
N SER A 135 -22.64 31.12 34.67
CA SER A 135 -22.29 29.94 35.44
C SER A 135 -23.54 29.23 36.01
N GLY A 136 -24.53 29.02 35.14
CA GLY A 136 -25.69 28.25 35.54
C GLY A 136 -25.34 26.78 35.70
N GLY A 137 -26.05 26.13 36.62
CA GLY A 137 -25.79 24.73 36.93
C GLY A 137 -27.06 23.90 36.89
N SER A 138 -26.91 22.62 37.22
CA SER A 138 -28.02 21.69 37.22
C SER A 138 -27.71 20.55 38.18
N TYR A 139 -28.77 20.01 38.81
CA TYR A 139 -28.60 18.96 39.80
C TYR A 139 -28.08 17.67 39.20
N ALA A 140 -28.22 17.47 37.89
CA ALA A 140 -27.68 16.29 37.25
C ALA A 140 -26.17 16.30 37.16
N CYS A 141 -25.52 17.42 37.50
CA CYS A 141 -24.07 17.56 37.39
C CYS A 141 -23.54 18.05 38.75
N LYS A 142 -23.66 17.18 39.75
CA LYS A 142 -23.21 17.50 41.10
C LYS A 142 -21.69 17.52 41.16
N ARG A 143 -21.13 18.69 41.46
CA ARG A 143 -19.74 18.82 41.87
C ARG A 143 -19.71 19.06 43.38
N GLY A 144 -19.21 18.08 44.12
CA GLY A 144 -19.38 18.11 45.56
C GLY A 144 -20.84 17.86 45.89
N SER A 145 -21.43 18.76 46.66
CA SER A 145 -22.85 18.69 47.00
C SER A 145 -23.67 19.79 46.33
N ASP A 146 -23.05 20.67 45.56
CA ASP A 146 -23.74 21.76 44.89
C ASP A 146 -24.12 21.36 43.47
N ASN A 147 -25.12 22.07 42.93
CA ASN A 147 -25.50 21.89 41.54
C ASN A 147 -24.50 22.62 40.67
N SER A 148 -23.71 21.88 39.89
CA SER A 148 -22.68 22.50 39.07
C SER A 148 -22.90 22.18 37.59
N PHE A 149 -21.81 22.16 36.84
CA PHE A 149 -21.88 22.08 35.38
C PHE A 149 -20.47 21.75 34.88
N PHE A 150 -20.34 21.59 33.57
CA PHE A 150 -19.04 21.33 32.97
C PHE A 150 -18.07 22.46 33.31
N SER A 151 -16.90 22.08 33.83
CA SER A 151 -15.97 23.07 34.39
C SER A 151 -15.47 24.04 33.33
N ARG A 152 -15.34 23.59 32.08
CA ARG A 152 -14.83 24.42 31.00
C ARG A 152 -15.93 25.02 30.15
N LEU A 153 -17.20 24.85 30.56
CA LEU A 153 -18.33 25.41 29.84
C LEU A 153 -19.05 26.41 30.74
N ASN A 154 -19.49 27.52 30.14
CA ASN A 154 -20.15 28.61 30.85
C ASN A 154 -21.58 28.72 30.32
N TRP A 155 -22.55 28.49 31.18
CA TRP A 155 -23.95 28.39 30.77
C TRP A 155 -24.67 29.70 31.09
N LEU A 156 -25.14 30.37 30.04
CA LEU A 156 -25.67 31.72 30.11
C LEU A 156 -27.19 31.69 30.05
N TYR A 157 -27.82 32.67 30.67
CA TYR A 157 -29.20 32.50 31.07
C TYR A 157 -29.64 33.87 31.58
N GLU A 158 -30.96 34.11 31.59
CA GLU A 158 -31.48 35.48 31.68
C GLU A 158 -30.92 36.24 32.87
N SER A 159 -30.85 37.56 32.73
CA SER A 159 -30.47 38.47 33.81
C SER A 159 -31.55 39.51 33.96
N GLU A 160 -32.15 39.59 35.15
CA GLU A 160 -33.26 40.51 35.42
C GLU A 160 -34.39 40.32 34.41
N SER A 161 -34.64 39.07 34.05
CA SER A 161 -35.73 38.67 33.15
C SER A 161 -35.57 39.27 31.75
N LYS A 162 -34.33 39.46 31.31
CA LYS A 162 -34.06 39.83 29.92
C LYS A 162 -32.80 39.11 29.45
N TYR A 163 -32.68 38.99 28.13
CA TYR A 163 -31.55 38.27 27.51
C TYR A 163 -31.29 38.90 26.15
N PRO A 164 -30.41 39.89 26.08
CA PRO A 164 -30.22 40.63 24.83
C PRO A 164 -29.36 39.84 23.83
N VAL A 165 -29.33 40.37 22.61
CA VAL A 165 -28.44 39.82 21.58
C VAL A 165 -27.00 40.03 22.00
N LEU A 166 -26.21 38.96 21.97
CA LEU A 166 -24.83 38.99 22.45
C LEU A 166 -23.89 39.06 21.25
N ASN A 167 -23.11 40.13 21.18
CA ASN A 167 -22.01 40.25 20.22
C ASN A 167 -20.71 40.31 21.02
N VAL A 168 -20.03 39.18 21.13
CA VAL A 168 -18.79 39.09 21.89
C VAL A 168 -17.70 38.55 20.98
N THR A 169 -16.52 39.15 21.05
CA THR A 169 -15.36 38.73 20.26
C THR A 169 -14.19 38.45 21.19
N MET A 170 -13.16 37.80 20.63
CA MET A 170 -11.96 37.44 21.35
C MET A 170 -10.85 37.12 20.35
N PRO A 171 -9.90 38.03 20.15
CA PRO A 171 -8.86 37.81 19.14
C PRO A 171 -7.78 36.84 19.63
N ASN A 172 -7.08 36.27 18.65
CA ASN A 172 -5.90 35.45 18.88
C ASN A 172 -4.69 36.25 18.40
N ASN A 173 -3.94 36.81 19.35
CA ASN A 173 -2.73 37.55 19.04
C ASN A 173 -1.46 36.76 19.27
N GLY A 174 -1.57 35.55 19.82
CA GLY A 174 -0.42 34.67 19.98
C GLY A 174 -0.01 34.03 18.67
N ASN A 175 0.99 33.16 18.76
CA ASN A 175 1.54 32.50 17.59
C ASN A 175 1.25 31.01 17.63
N PHE A 176 -0.02 30.65 17.78
CA PHE A 176 -0.33 29.31 18.25
C PHE A 176 -1.85 29.14 18.24
N ASP A 177 -2.30 27.90 18.01
CA ASP A 177 -3.70 27.66 17.72
C ASP A 177 -4.53 27.55 18.99
N LYS A 178 -5.77 28.03 18.90
CA LYS A 178 -6.72 28.03 20.02
C LYS A 178 -7.88 27.12 19.67
N LEU A 179 -8.14 26.14 20.55
CA LEU A 179 -9.32 25.29 20.46
C LEU A 179 -10.37 25.79 21.43
N TYR A 180 -11.46 26.35 20.91
CA TYR A 180 -12.58 26.78 21.74
C TYR A 180 -13.67 25.72 21.71
N ILE A 181 -14.08 25.28 22.89
CA ILE A 181 -15.15 24.30 23.05
C ILE A 181 -16.37 25.03 23.62
N TRP A 182 -17.53 24.81 23.02
CA TRP A 182 -18.75 25.51 23.38
C TRP A 182 -19.95 24.62 23.06
N GLY A 183 -21.14 25.14 23.29
CA GLY A 183 -22.31 24.29 23.14
C GLY A 183 -23.61 25.07 22.96
N VAL A 184 -24.67 24.30 22.72
CA VAL A 184 -26.02 24.83 22.51
C VAL A 184 -26.98 24.00 23.37
N HIS A 185 -27.84 24.69 24.12
CA HIS A 185 -28.80 24.01 24.99
C HIS A 185 -30.08 23.69 24.22
N HIS A 186 -30.70 22.57 24.58
CA HIS A 186 -31.97 22.12 24.02
C HIS A 186 -32.95 21.91 25.16
N PRO A 187 -33.74 22.92 25.52
CA PRO A 187 -34.58 22.81 26.71
C PRO A 187 -35.63 21.72 26.58
N SER A 188 -36.06 21.20 27.73
CA SER A 188 -37.02 20.11 27.76
C SER A 188 -38.41 20.57 27.32
N THR A 189 -38.82 21.77 27.72
CA THR A 189 -40.14 22.28 27.42
C THR A 189 -40.05 23.74 27.00
N ASP A 190 -41.18 24.29 26.56
CA ASP A 190 -41.25 25.72 26.28
C ASP A 190 -41.17 26.54 27.56
N LYS A 191 -41.56 25.95 28.70
CA LYS A 191 -41.41 26.64 29.98
C LYS A 191 -39.93 26.86 30.29
N GLU A 192 -39.12 25.82 30.17
CA GLU A 192 -37.68 25.95 30.42
C GLU A 192 -37.02 26.90 29.43
N GLN A 193 -37.51 26.92 28.18
CA GLN A 193 -36.96 27.82 27.17
C GLN A 193 -37.08 29.28 27.61
N THR A 194 -38.30 29.73 27.89
CA THR A 194 -38.52 31.13 28.21
C THR A 194 -38.06 31.49 29.62
N LYS A 195 -38.07 30.52 30.55
CA LYS A 195 -37.60 30.81 31.90
C LYS A 195 -36.12 31.16 31.91
N LEU A 196 -35.33 30.46 31.11
CA LEU A 196 -33.88 30.68 31.07
C LEU A 196 -33.46 31.70 30.01
N TYR A 197 -34.24 31.85 28.94
CA TYR A 197 -33.77 32.60 27.78
C TYR A 197 -34.79 33.61 27.28
N VAL A 198 -35.97 33.70 27.88
CA VAL A 198 -37.01 34.69 27.57
C VAL A 198 -37.56 34.49 26.16
N ARG A 199 -36.70 34.62 25.14
CA ARG A 199 -37.17 34.46 23.77
C ARG A 199 -37.67 33.04 23.51
N ALA A 200 -38.58 32.93 22.54
CA ALA A 200 -39.16 31.64 22.20
C ALA A 200 -38.12 30.71 21.58
N SER A 201 -37.25 31.24 20.73
CA SER A 201 -36.21 30.44 20.10
C SER A 201 -34.93 31.26 20.03
N GLY A 202 -33.85 30.71 20.56
CA GLY A 202 -32.55 31.33 20.44
C GLY A 202 -31.88 30.97 19.13
N ARG A 203 -30.70 31.56 18.93
CA ARG A 203 -29.85 31.25 17.78
C ARG A 203 -28.41 31.38 18.23
N VAL A 204 -27.59 30.39 17.90
CA VAL A 204 -26.17 30.41 18.24
C VAL A 204 -25.37 30.51 16.95
N THR A 205 -24.39 31.41 16.94
CA THR A 205 -23.53 31.59 15.76
C THR A 205 -22.14 31.93 16.24
N VAL A 206 -21.21 30.98 16.11
CA VAL A 206 -19.79 31.18 16.39
C VAL A 206 -19.07 31.29 15.06
N SER A 207 -18.24 32.33 14.91
CA SER A 207 -17.64 32.63 13.62
C SER A 207 -16.18 33.00 13.78
N THR A 208 -15.42 32.72 12.72
CA THR A 208 -14.07 33.23 12.51
C THR A 208 -14.04 33.94 11.16
N LYS A 209 -12.86 34.43 10.77
CA LYS A 209 -12.71 34.96 9.43
C LYS A 209 -12.85 33.86 8.37
N ARG A 210 -12.60 32.61 8.76
CA ARG A 210 -12.64 31.48 7.84
C ARG A 210 -13.94 30.67 7.95
N SER A 211 -14.53 30.55 9.12
CA SER A 211 -15.62 29.61 9.33
C SER A 211 -16.83 30.31 9.93
N GLN A 212 -17.94 29.59 9.93
CA GLN A 212 -19.15 30.04 10.61
C GLN A 212 -20.01 28.83 10.92
N GLN A 213 -20.38 28.69 12.19
CA GLN A 213 -21.18 27.60 12.70
C GLN A 213 -22.44 28.18 13.34
N THR A 214 -23.57 27.98 12.67
CA THR A 214 -24.86 28.48 13.14
C THR A 214 -25.74 27.30 13.51
N ILE A 215 -26.17 27.25 14.76
CA ILE A 215 -26.93 26.13 15.30
C ILE A 215 -28.26 26.65 15.84
N ILE A 216 -29.35 26.16 15.27
CA ILE A 216 -30.69 26.49 15.74
C ILE A 216 -31.05 25.51 16.86
N PRO A 217 -31.28 25.99 18.08
CA PRO A 217 -31.67 25.06 19.16
C PRO A 217 -33.07 24.51 18.93
N ASN A 218 -33.28 23.30 19.46
CA ASN A 218 -34.57 22.64 19.39
C ASN A 218 -35.06 22.37 20.81
N ILE A 219 -36.38 22.38 20.97
CA ILE A 219 -37.02 22.34 22.28
C ILE A 219 -37.59 20.95 22.49
N GLY A 220 -37.24 20.32 23.61
CA GLY A 220 -37.76 19.01 23.94
C GLY A 220 -37.35 17.91 23.00
N SER A 221 -36.22 18.08 22.31
CA SER A 221 -35.77 17.13 21.30
C SER A 221 -34.72 16.16 21.84
N ARG A 222 -34.65 15.99 23.16
CA ARG A 222 -33.65 15.13 23.76
C ARG A 222 -34.33 14.07 24.62
N PRO A 223 -33.92 12.81 24.52
CA PRO A 223 -34.53 11.76 25.35
C PRO A 223 -34.10 11.87 26.80
N TRP A 224 -34.71 11.04 27.63
CA TRP A 224 -34.51 11.10 29.08
C TRP A 224 -33.18 10.48 29.43
N VAL A 225 -32.30 11.26 30.07
CA VAL A 225 -31.00 10.76 30.53
C VAL A 225 -30.72 11.35 31.90
N ARG A 226 -30.65 10.49 32.92
CA ARG A 226 -30.21 10.85 34.26
C ARG A 226 -31.07 11.97 34.86
N GLY A 227 -32.38 11.86 34.68
CA GLY A 227 -33.32 12.78 35.31
C GLY A 227 -33.75 13.96 34.47
N LEU A 228 -33.34 14.02 33.20
CA LEU A 228 -33.60 15.19 32.38
C LEU A 228 -33.93 14.78 30.95
N SER A 229 -34.95 15.44 30.38
CA SER A 229 -35.28 15.31 28.97
C SER A 229 -34.72 16.45 28.14
N SER A 230 -33.58 16.99 28.55
CA SER A 230 -32.89 18.06 27.82
C SER A 230 -31.41 17.70 27.71
N GLY A 231 -30.70 18.48 26.89
CA GLY A 231 -29.29 18.22 26.69
C GLY A 231 -28.64 19.37 25.95
N ILE A 232 -27.32 19.25 25.79
CA ILE A 232 -26.51 20.27 25.15
C ILE A 232 -25.70 19.63 24.03
N SER A 233 -25.61 20.33 22.90
CA SER A 233 -24.83 19.88 21.75
C SER A 233 -23.46 20.54 21.80
N ILE A 234 -22.40 19.72 21.78
CA ILE A 234 -21.05 20.23 21.89
C ILE A 234 -20.47 20.43 20.50
N TYR A 235 -19.94 21.63 20.26
CA TYR A 235 -19.25 21.98 19.03
C TYR A 235 -17.87 22.51 19.38
N TRP A 236 -17.03 22.69 18.36
CA TRP A 236 -15.70 23.22 18.58
C TRP A 236 -15.29 24.10 17.40
N THR A 237 -14.47 25.10 17.70
CA THR A 237 -13.98 26.06 16.72
C THR A 237 -12.52 26.35 17.01
N ILE A 238 -11.68 26.27 15.98
CA ILE A 238 -10.25 26.55 16.11
C ILE A 238 -9.98 27.92 15.51
N VAL A 239 -9.29 28.77 16.27
CA VAL A 239 -9.00 30.14 15.88
C VAL A 239 -7.49 30.26 15.65
N LYS A 240 -7.10 30.43 14.40
CA LYS A 240 -5.70 30.52 14.05
C LYS A 240 -5.14 31.88 14.47
N PRO A 241 -3.81 32.00 14.57
CA PRO A 241 -3.21 33.30 14.88
C PRO A 241 -3.59 34.35 13.84
N GLY A 242 -3.81 35.58 14.32
CA GLY A 242 -4.30 36.65 13.49
C GLY A 242 -5.79 36.62 13.21
N ASP A 243 -6.46 35.51 13.53
CA ASP A 243 -7.90 35.39 13.35
C ASP A 243 -8.59 35.80 14.66
N ILE A 244 -9.91 35.81 14.66
CA ILE A 244 -10.68 36.27 15.82
C ILE A 244 -11.91 35.39 16.00
N LEU A 245 -12.25 35.12 17.25
CA LEU A 245 -13.48 34.41 17.59
C LEU A 245 -14.61 35.41 17.74
N LEU A 246 -15.78 35.07 17.20
CA LEU A 246 -16.94 35.94 17.28
C LEU A 246 -18.15 35.10 17.66
N ILE A 247 -18.67 35.31 18.85
CA ILE A 247 -19.89 34.65 19.32
C ILE A 247 -21.06 35.61 19.13
N ASN A 248 -22.19 35.07 18.65
CA ASN A 248 -23.36 35.90 18.39
C ASN A 248 -24.60 35.06 18.69
N SER A 249 -25.19 35.27 19.87
CA SER A 249 -26.32 34.47 20.32
C SER A 249 -27.38 35.35 20.97
N ASN A 250 -28.64 35.01 20.70
CA ASN A 250 -29.78 35.59 21.42
C ASN A 250 -30.56 34.49 22.15
N GLY A 251 -29.88 33.41 22.51
CA GLY A 251 -30.51 32.35 23.28
C GLY A 251 -29.74 31.03 23.27
N ASN A 252 -29.77 30.32 24.39
CA ASN A 252 -29.35 28.93 24.49
C ASN A 252 -27.84 28.74 24.33
N LEU A 253 -27.05 29.77 24.59
CA LEU A 253 -25.60 29.67 24.41
C LEU A 253 -24.94 28.99 25.61
N ILE A 254 -24.08 28.03 25.32
CA ILE A 254 -23.18 27.43 26.32
C ILE A 254 -21.80 27.96 26.00
N ALA A 255 -21.35 28.94 26.75
CA ALA A 255 -20.18 29.74 26.41
C ALA A 255 -18.88 29.01 26.77
N PRO A 256 -17.80 29.31 26.06
CA PRO A 256 -16.48 28.83 26.48
C PRO A 256 -15.89 29.74 27.54
N ARG A 257 -15.23 29.14 28.53
CA ARG A 257 -14.52 29.89 29.54
C ARG A 257 -13.08 30.21 29.12
N GLY A 258 -12.73 29.90 27.89
CA GLY A 258 -11.39 30.09 27.35
C GLY A 258 -11.13 29.08 26.24
N TYR A 259 -9.86 28.76 26.04
CA TYR A 259 -9.45 27.84 25.00
C TYR A 259 -8.47 26.81 25.55
N PHE A 260 -8.45 25.64 24.90
CA PHE A 260 -7.38 24.68 25.09
C PHE A 260 -6.29 24.96 24.06
N LYS A 261 -5.04 24.89 24.50
CA LYS A 261 -3.93 25.12 23.59
C LYS A 261 -3.66 23.89 22.75
N ILE A 262 -3.51 24.08 21.45
CA ILE A 262 -3.31 22.99 20.50
C ILE A 262 -1.81 22.81 20.27
N ARG A 263 -1.30 21.63 20.59
CA ARG A 263 0.08 21.27 20.32
C ARG A 263 0.13 20.22 19.21
N THR A 264 1.32 20.03 18.66
CA THR A 264 1.58 19.00 17.66
C THR A 264 2.70 18.11 18.18
N GLY A 265 2.43 16.81 18.29
CA GLY A 265 3.43 15.93 18.86
C GLY A 265 3.06 14.47 18.70
N LYS A 266 3.84 13.63 19.38
CA LYS A 266 3.78 12.18 19.29
C LYS A 266 2.56 11.56 19.97
N SER A 267 1.55 12.36 20.28
CA SER A 267 0.50 11.93 21.18
C SER A 267 -0.68 11.31 20.42
N SER A 268 -1.39 10.41 21.10
CA SER A 268 -2.54 9.72 20.53
C SER A 268 -3.39 9.15 21.67
N ILE A 269 -4.39 8.36 21.30
CA ILE A 269 -5.33 7.76 22.25
C ILE A 269 -5.57 6.30 21.86
N MET A 270 -5.80 5.46 22.86
CA MET A 270 -5.99 4.03 22.65
C MET A 270 -7.08 3.52 23.59
N ARG A 271 -7.89 2.59 23.10
CA ARG A 271 -8.92 1.94 23.90
C ARG A 271 -8.39 0.58 24.37
N SER A 272 -8.29 0.41 25.68
CA SER A 272 -7.72 -0.82 26.22
C SER A 272 -8.08 -0.95 27.69
N ASP A 273 -8.30 -2.19 28.12
CA ASP A 273 -8.50 -2.53 29.52
C ASP A 273 -7.27 -3.19 30.15
N ALA A 274 -6.12 -3.12 29.48
CA ALA A 274 -4.92 -3.74 30.01
C ALA A 274 -4.37 -2.91 31.16
N PRO A 275 -3.89 -3.54 32.22
CA PRO A 275 -3.36 -2.77 33.36
C PRO A 275 -2.05 -2.10 33.03
N ILE A 276 -1.79 -0.98 33.71
CA ILE A 276 -0.54 -0.25 33.57
C ILE A 276 0.44 -0.80 34.60
N GLY A 277 1.63 -1.20 34.13
CA GLY A 277 2.62 -1.81 34.99
C GLY A 277 3.92 -1.02 35.01
N THR A 278 4.83 -1.46 35.89
CA THR A 278 6.14 -0.84 36.05
C THR A 278 7.13 -1.63 35.21
N CYS A 279 7.45 -1.10 34.03
CA CYS A 279 8.32 -1.74 33.05
C CYS A 279 8.60 -0.74 31.94
N SER A 280 9.42 -1.14 30.97
CA SER A 280 9.81 -0.29 29.86
C SER A 280 9.63 -1.06 28.55
N SER A 281 8.92 -0.45 27.61
CA SER A 281 8.66 -1.06 26.32
C SER A 281 8.33 0.01 25.31
N GLU A 282 9.03 0.00 24.17
CA GLU A 282 8.79 1.00 23.12
C GLU A 282 7.46 0.80 22.41
N CYS A 283 6.90 -0.40 22.45
CA CYS A 283 5.69 -0.71 21.68
C CYS A 283 4.53 -0.99 22.61
N ILE A 284 3.35 -0.49 22.25
CA ILE A 284 2.15 -0.61 23.07
C ILE A 284 0.99 -1.03 22.18
N THR A 285 0.27 -2.06 22.59
CA THR A 285 -0.93 -2.54 21.94
C THR A 285 -2.07 -2.58 22.96
N PRO A 286 -3.33 -2.56 22.51
CA PRO A 286 -4.44 -2.77 23.45
C PRO A 286 -4.35 -4.10 24.19
N ASN A 287 -3.71 -5.10 23.58
CA ASN A 287 -3.45 -6.36 24.28
C ASN A 287 -2.47 -6.15 25.43
N GLY A 288 -1.59 -5.17 25.32
CA GLY A 288 -0.51 -4.95 26.26
C GLY A 288 0.77 -4.57 25.55
N SER A 289 1.86 -4.37 26.29
CA SER A 289 3.13 -4.02 25.69
C SER A 289 3.78 -5.26 25.09
N ILE A 290 4.27 -5.13 23.86
CA ILE A 290 4.97 -6.24 23.19
C ILE A 290 6.40 -5.80 22.89
N PRO A 291 7.35 -6.71 22.84
CA PRO A 291 8.71 -6.35 22.42
C PRO A 291 8.74 -5.99 20.94
N ASN A 292 9.74 -5.18 20.58
CA ASN A 292 9.94 -4.78 19.18
C ASN A 292 11.22 -5.37 18.61
N ASP A 293 11.69 -6.50 19.14
CA ASP A 293 12.88 -7.14 18.61
C ASP A 293 12.63 -7.76 17.24
N LYS A 294 11.47 -8.37 17.05
CA LYS A 294 11.14 -9.02 15.80
C LYS A 294 10.57 -8.00 14.81
N PRO A 295 10.69 -8.27 13.50
CA PRO A 295 10.21 -7.29 12.52
C PRO A 295 8.70 -7.28 12.32
N PHE A 296 7.99 -8.36 12.65
CA PHE A 296 6.57 -8.44 12.42
C PHE A 296 5.87 -8.85 13.72
N GLN A 297 4.57 -8.57 13.78
CA GLN A 297 3.79 -8.90 14.97
C GLN A 297 2.36 -9.24 14.58
N ASN A 298 1.78 -10.21 15.28
CA ASN A 298 0.41 -10.66 15.05
C ASN A 298 -0.51 -10.29 16.21
N VAL A 299 -0.04 -9.44 17.13
CA VAL A 299 -0.79 -9.21 18.36
C VAL A 299 -2.03 -8.36 18.09
N ASN A 300 -1.84 -7.22 17.45
CA ASN A 300 -2.96 -6.33 17.16
C ASN A 300 -2.52 -5.30 16.13
N LYS A 301 -3.44 -4.96 15.22
CA LYS A 301 -3.16 -3.95 14.21
C LYS A 301 -3.17 -2.53 14.78
N ILE A 302 -3.72 -2.35 15.99
CA ILE A 302 -3.70 -1.06 16.66
C ILE A 302 -2.44 -1.01 17.52
N THR A 303 -1.52 -0.11 17.17
CA THR A 303 -0.25 -0.02 17.88
C THR A 303 0.12 1.44 18.09
N TYR A 304 0.87 1.69 19.15
CA TYR A 304 1.44 3.01 19.44
C TYR A 304 2.94 2.85 19.69
N GLY A 305 3.74 3.69 19.02
CA GLY A 305 5.17 3.69 19.21
C GLY A 305 5.91 2.91 18.15
N ALA A 306 7.20 2.72 18.40
CA ALA A 306 8.03 1.90 17.53
C ALA A 306 7.63 0.44 17.68
N CYS A 307 7.02 -0.13 16.64
CA CYS A 307 6.43 -1.45 16.74
C CYS A 307 6.75 -2.27 15.51
N PRO A 308 6.77 -3.60 15.64
CA PRO A 308 6.80 -4.46 14.46
C PRO A 308 5.55 -4.25 13.61
N LYS A 309 5.65 -4.65 12.34
CA LYS A 309 4.56 -4.41 11.40
C LYS A 309 3.53 -5.53 11.52
N TYR A 310 2.25 -5.16 11.59
CA TYR A 310 1.20 -6.15 11.74
C TYR A 310 1.04 -6.95 10.45
N VAL A 311 1.05 -8.28 10.60
CA VAL A 311 0.85 -9.19 9.47
C VAL A 311 -0.19 -10.23 9.86
N LYS A 312 -0.77 -10.86 8.84
CA LYS A 312 -1.78 -11.88 9.10
C LYS A 312 -1.16 -13.17 9.64
N GLN A 313 0.09 -13.44 9.30
CA GLN A 313 0.71 -14.69 9.69
C GLN A 313 0.98 -14.72 11.19
N ASN A 314 0.68 -15.85 11.82
CA ASN A 314 1.00 -16.06 13.22
C ASN A 314 2.41 -16.57 13.43
N THR A 315 3.10 -16.99 12.36
CA THR A 315 4.47 -17.46 12.49
C THR A 315 5.16 -17.35 11.14
N LEU A 316 6.42 -16.91 11.17
CA LEU A 316 7.28 -16.86 9.99
C LEU A 316 8.70 -17.11 10.46
N LYS A 317 9.23 -18.31 10.20
CA LYS A 317 10.53 -18.70 10.71
C LYS A 317 11.61 -18.46 9.67
N LEU A 318 12.61 -17.65 10.05
CA LEU A 318 13.78 -17.39 9.23
C LEU A 318 14.85 -18.42 9.53
N ALA A 319 15.39 -19.04 8.49
CA ALA A 319 16.42 -20.06 8.67
C ALA A 319 17.76 -19.41 9.01
N THR A 320 18.41 -19.91 10.05
CA THR A 320 19.71 -19.42 10.49
C THR A 320 20.74 -20.54 10.52
N GLY A 321 20.61 -21.50 9.61
CA GLY A 321 21.53 -22.61 9.52
C GLY A 321 21.29 -23.39 8.25
N MET A 322 22.25 -24.26 7.93
CA MET A 322 22.20 -25.05 6.72
C MET A 322 21.12 -26.13 6.83
N ARG A 323 20.88 -26.80 5.70
CA ARG A 323 20.05 -28.01 5.71
C ARG A 323 20.55 -29.01 6.75
N ASN A 324 19.60 -29.55 7.50
CA ASN A 324 19.88 -30.65 8.42
C ASN A 324 19.72 -31.96 7.66
N VAL A 325 20.79 -32.75 7.59
CA VAL A 325 20.73 -34.08 7.01
C VAL A 325 21.34 -35.05 8.03
N PRO A 326 20.52 -35.74 8.82
CA PRO A 326 21.06 -36.62 9.87
C PRO A 326 21.81 -37.80 9.27
N GLU A 327 22.75 -38.32 10.07
CA GLU A 327 23.57 -39.44 9.59
C GLU A 327 22.72 -40.70 9.39
N LYS A 328 21.70 -40.87 10.24
CA LYS A 328 20.93 -42.10 10.47
C LYS A 328 21.67 -43.40 10.19
N GLN A 329 22.99 -43.42 10.27
CA GLN A 329 23.75 -44.65 10.05
C GLN A 329 25.04 -44.67 10.86
N PHE A 334 31.78 -51.72 13.10
CA PHE A 334 33.00 -51.11 12.59
C PHE A 334 32.88 -49.59 12.53
N GLY A 335 33.99 -48.94 12.19
CA GLY A 335 34.01 -47.50 12.04
C GLY A 335 34.45 -47.06 10.65
N ALA A 336 33.57 -46.35 9.94
CA ALA A 336 33.87 -45.85 8.61
C ALA A 336 33.48 -44.38 8.53
N ILE A 337 34.08 -43.69 7.57
CA ILE A 337 33.88 -42.24 7.41
C ILE A 337 33.36 -41.96 6.01
N ALA A 338 32.54 -40.93 5.90
CA ALA A 338 31.95 -40.54 4.63
C ALA A 338 31.80 -39.02 4.61
N GLY A 339 31.73 -38.47 3.40
CA GLY A 339 31.71 -37.03 3.21
C GLY A 339 30.31 -36.46 3.15
N PHE A 340 30.25 -35.18 2.76
CA PHE A 340 29.00 -34.44 2.75
C PHE A 340 28.03 -34.95 1.70
N ILE A 341 28.52 -35.66 0.68
CA ILE A 341 27.65 -36.18 -0.37
C ILE A 341 26.57 -37.08 0.21
N GLU A 342 26.93 -37.91 1.19
CA GLU A 342 25.96 -38.86 1.71
C GLU A 342 25.05 -38.22 2.74
N ASN A 343 25.61 -37.48 3.69
CA ASN A 343 24.83 -36.95 4.81
C ASN A 343 25.68 -35.97 5.60
N GLY A 344 25.07 -35.36 6.61
CA GLY A 344 25.77 -34.50 7.54
C GLY A 344 26.33 -35.28 8.71
N TRP A 345 27.02 -34.55 9.60
CA TRP A 345 27.73 -35.14 10.73
C TRP A 345 27.11 -34.63 12.02
N GLU A 346 26.37 -35.49 12.73
CA GLU A 346 25.85 -35.08 14.02
C GLU A 346 26.92 -35.01 15.10
N GLY A 347 28.08 -35.60 14.85
CA GLY A 347 29.16 -35.58 15.82
C GLY A 347 30.05 -34.36 15.79
N MET A 348 29.82 -33.43 14.86
CA MET A 348 30.64 -32.23 14.73
C MET A 348 29.90 -31.07 15.39
N VAL A 349 30.32 -30.72 16.60
CA VAL A 349 29.69 -29.66 17.38
C VAL A 349 30.56 -28.40 17.41
N ASP A 350 31.85 -28.51 17.13
CA ASP A 350 32.76 -27.37 17.18
C ASP A 350 32.74 -26.52 15.90
N GLY A 351 31.98 -26.92 14.89
CA GLY A 351 31.94 -26.14 13.66
C GLY A 351 30.88 -26.65 12.72
N TRP A 352 30.60 -25.84 11.69
CA TRP A 352 29.64 -26.21 10.66
C TRP A 352 30.26 -26.99 9.52
N TYR A 353 31.57 -26.88 9.32
CA TYR A 353 32.27 -27.57 8.24
C TYR A 353 33.56 -28.12 8.81
N GLY A 354 33.96 -29.30 8.34
CA GLY A 354 35.14 -29.90 8.94
C GLY A 354 35.67 -31.07 8.14
N PHE A 355 36.77 -31.62 8.64
CA PHE A 355 37.48 -32.72 8.00
C PHE A 355 37.46 -33.94 8.93
N ARG A 356 37.03 -35.09 8.40
CA ARG A 356 37.24 -36.37 9.05
C ARG A 356 38.28 -37.14 8.25
N HIS A 357 39.33 -37.59 8.93
CA HIS A 357 40.44 -38.25 8.26
C HIS A 357 40.63 -39.66 8.81
N GLN A 358 41.31 -40.49 8.01
CA GLN A 358 41.70 -41.83 8.41
C GLN A 358 43.06 -42.12 7.81
N ASN A 359 44.06 -42.37 8.66
CA ASN A 359 45.42 -42.51 8.17
C ASN A 359 46.23 -43.54 8.94
N SER A 360 47.55 -43.35 8.98
CA SER A 360 48.44 -44.32 9.60
C SER A 360 48.36 -44.26 11.12
N GLU A 361 48.22 -43.06 11.69
CA GLU A 361 48.21 -42.93 13.13
C GLU A 361 46.84 -43.19 13.75
N GLY A 362 45.79 -43.29 12.93
CA GLY A 362 44.45 -43.52 13.43
C GLY A 362 43.39 -42.79 12.64
N THR A 363 42.41 -42.23 13.35
CA THR A 363 41.33 -41.49 12.72
C THR A 363 40.95 -40.31 13.60
N GLY A 364 40.52 -39.21 12.97
CA GLY A 364 40.22 -37.99 13.70
C GLY A 364 39.19 -37.08 13.04
N GLN A 365 38.68 -36.08 13.81
CA GLN A 365 37.77 -35.01 13.31
C GLN A 365 38.32 -33.64 13.67
N ALA A 366 38.24 -32.77 12.69
CA ALA A 366 38.47 -31.38 12.97
C ALA A 366 37.49 -30.53 12.19
N ALA A 367 37.18 -29.36 12.76
CA ALA A 367 36.32 -28.38 12.11
C ALA A 367 37.16 -27.29 11.46
N ASP A 368 36.59 -26.68 10.42
CA ASP A 368 37.27 -25.63 9.65
C ASP A 368 36.72 -24.27 10.07
N LEU A 369 37.54 -23.48 10.78
CA LEU A 369 37.06 -22.21 11.32
C LEU A 369 36.75 -21.19 10.24
N LYS A 370 37.51 -21.18 9.14
CA LYS A 370 37.35 -20.12 8.15
C LYS A 370 35.99 -20.21 7.46
N SER A 371 35.64 -21.40 6.98
CA SER A 371 34.38 -21.55 6.25
C SER A 371 33.17 -21.42 7.16
N THR A 372 33.29 -21.84 8.42
CA THR A 372 32.17 -21.74 9.35
C THR A 372 31.85 -20.30 9.69
N GLN A 373 32.87 -19.51 10.03
CA GLN A 373 32.66 -18.08 10.23
C GLN A 373 32.17 -17.41 8.95
N ALA A 374 32.66 -17.86 7.79
CA ALA A 374 32.23 -17.30 6.52
C ALA A 374 30.72 -17.44 6.35
N ALA A 375 30.18 -18.63 6.64
CA ALA A 375 28.74 -18.83 6.56
C ALA A 375 28.01 -18.03 7.64
N ILE A 376 28.52 -18.07 8.88
CA ILE A 376 27.85 -17.38 9.98
C ILE A 376 27.82 -15.88 9.73
N ASP A 377 28.92 -15.31 9.23
CA ASP A 377 28.96 -13.87 8.98
C ASP A 377 27.87 -13.46 7.98
N GLN A 378 27.61 -14.30 6.98
CA GLN A 378 26.54 -14.01 6.03
C GLN A 378 25.18 -14.20 6.68
N ILE A 379 25.00 -15.31 7.39
CA ILE A 379 23.72 -15.61 8.04
C ILE A 379 23.34 -14.50 9.00
N ASN A 380 24.31 -14.03 9.81
CA ASN A 380 23.99 -13.04 10.82
C ASN A 380 24.12 -11.62 10.28
N GLY A 381 24.63 -11.44 9.08
CA GLY A 381 24.54 -10.14 8.42
C GLY A 381 23.13 -9.83 7.96
N LYS A 382 22.44 -10.83 7.39
CA LYS A 382 21.06 -10.61 6.94
C LYS A 382 20.10 -10.50 8.12
N LEU A 383 20.40 -11.15 9.25
CA LEU A 383 19.63 -10.89 10.46
C LEU A 383 19.67 -9.42 10.85
N ASN A 384 20.85 -8.80 10.77
CA ASN A 384 20.95 -7.37 11.08
C ASN A 384 20.17 -6.55 10.06
N ARG A 385 20.20 -6.96 8.79
CA ARG A 385 19.42 -6.29 7.76
C ARG A 385 17.92 -6.46 7.99
N VAL A 386 17.51 -7.57 8.59
CA VAL A 386 16.08 -7.81 8.81
C VAL A 386 15.54 -6.94 9.95
N ILE A 387 16.37 -6.68 10.97
CA ILE A 387 15.90 -6.13 12.23
C ILE A 387 16.24 -4.65 12.37
N GLU A 388 16.81 -4.03 11.34
CA GLU A 388 17.22 -2.62 11.49
C GLU A 388 16.04 -1.65 11.42
N LYS A 389 14.82 -2.13 11.14
CA LYS A 389 13.68 -1.25 10.90
C LYS A 389 12.81 -1.21 12.17
N THR A 390 12.94 -0.12 12.93
CA THR A 390 12.00 0.12 14.03
C THR A 390 10.66 0.59 13.49
N ASN A 391 10.67 1.61 12.62
CA ASN A 391 9.48 2.26 12.08
C ASN A 391 8.53 2.68 13.20
N GLU A 392 8.69 3.91 13.64
CA GLU A 392 8.01 4.44 14.82
C GLU A 392 6.77 5.21 14.37
N LYS A 393 5.60 4.81 14.86
CA LYS A 393 4.36 5.45 14.47
C LYS A 393 3.54 5.77 15.71
N PHE A 394 2.81 6.90 15.64
CA PHE A 394 2.08 7.36 16.82
C PHE A 394 0.58 7.46 16.54
N HIS A 395 0.06 8.68 16.36
CA HIS A 395 -1.37 8.84 16.11
C HIS A 395 -1.68 8.44 14.68
N GLN A 396 -2.52 7.41 14.52
CA GLN A 396 -2.83 6.85 13.22
C GLN A 396 -4.30 7.05 12.90
N ILE A 397 -4.96 6.05 12.32
CA ILE A 397 -6.39 6.08 12.11
C ILE A 397 -7.04 5.07 13.05
N GLU A 398 -8.34 5.24 13.26
CA GLU A 398 -9.09 4.27 14.05
C GLU A 398 -9.25 2.97 13.25
N LYS A 399 -9.07 1.85 13.93
CA LYS A 399 -9.04 0.55 13.27
C LYS A 399 -10.09 -0.42 13.78
N GLU A 400 -10.80 -0.09 14.86
CA GLU A 400 -11.95 -0.84 15.33
C GLU A 400 -13.09 0.13 15.60
N PHE A 401 -14.31 -0.25 15.21
CA PHE A 401 -15.44 0.66 15.26
C PHE A 401 -16.62 0.00 15.97
N SER A 402 -17.44 0.85 16.62
CA SER A 402 -18.57 0.38 17.41
C SER A 402 -19.92 0.82 16.85
N GLU A 403 -19.97 1.92 16.10
CA GLU A 403 -21.20 2.35 15.43
C GLU A 403 -21.09 2.09 13.93
N VAL A 404 -22.24 1.84 13.32
CA VAL A 404 -22.33 1.73 11.87
C VAL A 404 -22.34 3.13 11.28
N GLU A 405 -21.40 3.41 10.38
CA GLU A 405 -21.21 4.75 9.85
C GLU A 405 -21.34 4.82 8.33
N GLY A 406 -20.84 3.84 7.59
CA GLY A 406 -20.96 3.88 6.15
C GLY A 406 -19.70 4.25 5.41
N ARG A 407 -19.80 5.26 4.55
CA ARG A 407 -18.78 5.49 3.52
C ARG A 407 -17.40 5.73 4.10
N ILE A 408 -17.31 6.57 5.14
CA ILE A 408 -15.98 6.97 5.62
C ILE A 408 -15.28 5.80 6.31
N GLN A 409 -15.98 5.05 7.17
CA GLN A 409 -15.30 3.91 7.77
C GLN A 409 -15.10 2.78 6.78
N ASP A 410 -15.92 2.69 5.73
CA ASP A 410 -15.64 1.77 4.64
C ASP A 410 -14.25 2.03 4.07
N LEU A 411 -13.89 3.30 3.88
CA LEU A 411 -12.57 3.64 3.38
C LEU A 411 -11.51 3.48 4.47
N GLU A 412 -11.85 3.84 5.71
CA GLU A 412 -10.91 3.68 6.82
C GLU A 412 -10.57 2.21 7.05
N LYS A 413 -11.54 1.31 6.85
CA LYS A 413 -11.26 -0.12 6.95
C LYS A 413 -10.45 -0.61 5.75
N TYR A 414 -10.88 -0.21 4.55
CA TYR A 414 -10.25 -0.70 3.32
C TYR A 414 -8.78 -0.30 3.24
N VAL A 415 -8.44 0.89 3.75
CA VAL A 415 -7.04 1.31 3.77
C VAL A 415 -6.21 0.40 4.67
N GLU A 416 -6.65 0.23 5.92
CA GLU A 416 -5.90 -0.61 6.86
C GLU A 416 -5.83 -2.04 6.38
N ASP A 417 -6.91 -2.56 5.80
CA ASP A 417 -6.92 -3.95 5.34
C ASP A 417 -6.00 -4.13 4.14
N THR A 418 -5.92 -3.13 3.27
CA THR A 418 -4.96 -3.17 2.16
C THR A 418 -3.52 -3.12 2.69
N LYS A 419 -3.26 -2.23 3.65
CA LYS A 419 -1.95 -2.14 4.28
C LYS A 419 -1.48 -3.51 4.78
N ILE A 420 -2.37 -4.23 5.46
CA ILE A 420 -1.97 -5.49 6.09
C ILE A 420 -1.69 -6.56 5.04
N ASP A 421 -2.52 -6.63 3.99
CA ASP A 421 -2.29 -7.61 2.94
C ASP A 421 -0.97 -7.36 2.23
N LEU A 422 -0.62 -6.09 2.02
CA LEU A 422 0.65 -5.77 1.35
C LEU A 422 1.84 -6.14 2.23
N TRP A 423 1.77 -5.86 3.53
CA TRP A 423 2.87 -6.22 4.42
C TRP A 423 2.91 -7.73 4.67
N SER A 424 1.74 -8.37 4.76
CA SER A 424 1.74 -9.83 4.87
C SER A 424 2.38 -10.47 3.64
N TYR A 425 2.17 -9.88 2.46
CA TYR A 425 2.86 -10.35 1.27
C TYR A 425 4.36 -10.13 1.37
N ASN A 426 4.77 -8.92 1.75
CA ASN A 426 6.20 -8.62 1.85
C ASN A 426 6.88 -9.55 2.85
N ALA A 427 6.22 -9.85 3.96
CA ALA A 427 6.80 -10.73 4.97
C ALA A 427 6.96 -12.15 4.45
N GLU A 428 5.92 -12.67 3.76
CA GLU A 428 5.98 -14.04 3.26
C GLU A 428 7.08 -14.19 2.22
N LEU A 429 7.20 -13.20 1.31
CA LEU A 429 8.22 -13.27 0.27
C LEU A 429 9.62 -13.04 0.82
N LEU A 430 9.75 -12.16 1.82
CA LEU A 430 11.07 -11.91 2.40
C LEU A 430 11.62 -13.18 3.05
N VAL A 431 10.78 -13.86 3.83
CA VAL A 431 11.22 -15.09 4.50
C VAL A 431 11.56 -16.16 3.47
N ALA A 432 10.77 -16.25 2.41
CA ALA A 432 11.02 -17.25 1.37
C ALA A 432 12.31 -16.97 0.62
N LEU A 433 12.56 -15.72 0.26
CA LEU A 433 13.80 -15.36 -0.44
C LEU A 433 15.01 -15.53 0.46
N GLU A 434 14.94 -15.01 1.69
CA GLU A 434 16.07 -15.10 2.60
C GLU A 434 16.47 -16.54 2.88
N ASN A 435 15.48 -17.44 3.01
CA ASN A 435 15.79 -18.82 3.33
C ASN A 435 16.36 -19.56 2.12
N GLN A 436 15.77 -19.35 0.94
CA GLN A 436 16.37 -19.91 -0.28
C GLN A 436 17.80 -19.43 -0.47
N HIS A 437 18.08 -18.19 -0.08
CA HIS A 437 19.45 -17.69 -0.12
C HIS A 437 20.28 -18.28 1.02
N THR A 438 19.66 -18.48 2.19
CA THR A 438 20.37 -19.08 3.32
C THR A 438 20.86 -20.48 3.00
N ILE A 439 20.00 -21.32 2.43
CA ILE A 439 20.39 -22.68 2.06
C ILE A 439 21.47 -22.66 0.99
N ASP A 440 21.35 -21.74 0.02
CA ASP A 440 22.29 -21.74 -1.10
C ASP A 440 23.68 -21.27 -0.66
N LEU A 441 23.76 -20.28 0.22
CA LEU A 441 25.07 -19.80 0.64
C LEU A 441 25.79 -20.81 1.52
N THR A 442 25.03 -21.57 2.32
CA THR A 442 25.64 -22.62 3.13
C THR A 442 26.09 -23.80 2.27
N ASP A 443 25.37 -24.09 1.19
CA ASP A 443 25.83 -25.09 0.24
C ASP A 443 27.11 -24.64 -0.44
N SER A 444 27.21 -23.34 -0.75
CA SER A 444 28.37 -22.82 -1.46
C SER A 444 29.63 -22.93 -0.61
N GLU A 445 29.52 -22.65 0.70
CA GLU A 445 30.70 -22.72 1.55
C GLU A 445 31.19 -24.15 1.72
N MET A 446 30.29 -25.13 1.65
CA MET A 446 30.74 -26.52 1.64
C MET A 446 31.53 -26.84 0.38
N ASN A 447 30.97 -26.48 -0.78
CA ASN A 447 31.61 -26.81 -2.04
C ASN A 447 32.94 -26.08 -2.19
N LYS A 448 33.01 -24.82 -1.74
CA LYS A 448 34.26 -24.07 -1.84
C LYS A 448 35.37 -24.71 -1.00
N LEU A 449 35.02 -25.23 0.17
CA LEU A 449 36.03 -25.89 1.00
C LEU A 449 36.50 -27.19 0.36
N PHE A 450 35.62 -27.91 -0.34
CA PHE A 450 36.03 -29.13 -1.01
C PHE A 450 36.94 -28.83 -2.19
N GLU A 451 36.59 -27.82 -2.99
CA GLU A 451 37.43 -27.45 -4.12
C GLU A 451 38.75 -26.85 -3.67
N LYS A 452 38.73 -26.08 -2.58
CA LYS A 452 39.98 -25.59 -2.00
C LYS A 452 40.89 -26.75 -1.58
N THR A 453 40.31 -27.79 -0.99
CA THR A 453 41.08 -28.97 -0.63
C THR A 453 41.45 -29.79 -1.86
N ARG A 454 40.56 -29.86 -2.85
CA ARG A 454 40.87 -30.55 -4.10
C ARG A 454 42.14 -30.00 -4.74
N ARG A 455 42.30 -28.67 -4.75
CA ARG A 455 43.37 -28.04 -5.51
C ARG A 455 44.70 -28.04 -4.77
N GLN A 456 44.67 -28.05 -3.43
CA GLN A 456 45.92 -28.20 -2.68
C GLN A 456 46.57 -29.55 -2.98
N LEU A 457 45.76 -30.60 -3.06
CA LEU A 457 46.30 -31.94 -3.22
C LEU A 457 46.90 -32.19 -4.60
N ARG A 458 46.56 -31.35 -5.58
CA ARG A 458 47.10 -31.47 -6.94
C ARG A 458 46.94 -32.88 -7.48
N GLU A 459 48.05 -33.56 -7.74
CA GLU A 459 48.04 -34.89 -8.34
C GLU A 459 48.27 -35.99 -7.30
N ASN A 460 48.10 -35.69 -6.02
CA ASN A 460 48.45 -36.63 -4.96
C ASN A 460 47.25 -37.41 -4.44
N ALA A 461 46.05 -37.11 -4.91
CA ALA A 461 44.84 -37.76 -4.42
C ALA A 461 43.80 -37.78 -5.53
N GLU A 462 42.74 -38.56 -5.30
CA GLU A 462 41.66 -38.70 -6.25
C GLU A 462 40.32 -38.56 -5.53
N ASP A 463 39.35 -37.97 -6.20
CA ASP A 463 38.02 -37.75 -5.63
C ASP A 463 37.24 -39.07 -5.69
N MET A 464 36.87 -39.57 -4.51
CA MET A 464 36.19 -40.86 -4.39
C MET A 464 34.69 -40.77 -4.71
N GLY A 465 34.15 -39.57 -4.93
CA GLY A 465 32.75 -39.42 -5.27
C GLY A 465 31.82 -39.17 -4.10
N ASN A 466 32.18 -39.60 -2.91
CA ASN A 466 31.36 -39.39 -1.71
C ASN A 466 31.82 -38.20 -0.90
N GLY A 467 32.49 -37.23 -1.53
CA GLY A 467 33.02 -36.09 -0.79
C GLY A 467 34.27 -36.39 0.00
N CYS A 468 35.00 -37.45 -0.36
CA CYS A 468 36.23 -37.82 0.34
C CYS A 468 37.36 -37.93 -0.67
N PHE A 469 38.58 -37.67 -0.20
CA PHE A 469 39.77 -37.80 -1.01
C PHE A 469 40.56 -39.03 -0.57
N LYS A 470 41.01 -39.82 -1.54
CA LYS A 470 41.93 -40.93 -1.30
C LYS A 470 43.34 -40.43 -1.57
N ILE A 471 44.10 -40.17 -0.51
CA ILE A 471 45.44 -39.60 -0.62
C ILE A 471 46.44 -40.73 -0.78
N TYR A 472 47.09 -40.81 -1.94
CA TYR A 472 47.95 -41.92 -2.31
C TYR A 472 49.37 -41.82 -1.75
N HIS A 473 49.54 -41.45 -0.49
CA HIS A 473 50.84 -41.46 0.15
C HIS A 473 50.64 -41.47 1.66
N LYS A 474 51.71 -41.76 2.38
CA LYS A 474 51.64 -41.71 3.84
C LYS A 474 51.33 -40.29 4.29
N CYS A 475 50.44 -40.18 5.28
CA CYS A 475 49.86 -38.87 5.63
C CYS A 475 49.56 -38.89 7.13
N ASP A 476 50.61 -38.70 7.93
CA ASP A 476 50.47 -38.70 9.38
C ASP A 476 49.63 -37.50 9.82
N ASN A 477 49.41 -37.41 11.14
CA ASN A 477 48.56 -36.35 11.68
C ASN A 477 49.10 -34.96 11.36
N ALA A 478 50.42 -34.84 11.22
CA ALA A 478 50.99 -33.55 10.82
C ALA A 478 50.63 -33.22 9.38
N CYS A 479 50.63 -34.21 8.50
CA CYS A 479 50.33 -33.95 7.09
C CYS A 479 48.86 -33.58 6.91
N ILE A 480 47.95 -34.28 7.59
CA ILE A 480 46.55 -33.86 7.63
C ILE A 480 46.44 -32.42 8.11
N GLY A 481 47.19 -32.06 9.15
CA GLY A 481 47.17 -30.69 9.63
C GLY A 481 47.61 -29.70 8.57
N SER A 482 48.65 -30.05 7.80
CA SER A 482 49.12 -29.18 6.73
C SER A 482 48.13 -29.09 5.58
N ILE A 483 47.13 -29.97 5.52
CA ILE A 483 46.04 -29.80 4.56
C ILE A 483 44.98 -28.87 5.13
N ARG A 484 44.61 -29.07 6.40
CA ARG A 484 43.64 -28.24 7.08
C ARG A 484 44.14 -26.80 7.11
N ASN A 485 45.25 -26.59 7.82
CA ASN A 485 46.06 -25.38 7.65
C ASN A 485 46.44 -25.27 6.18
N GLY A 486 46.44 -24.06 5.64
CA GLY A 486 46.68 -23.90 4.22
C GLY A 486 48.14 -24.03 3.81
N THR A 487 48.82 -25.10 4.25
CA THR A 487 50.26 -25.20 4.10
C THR A 487 50.72 -26.53 3.52
N TYR A 488 49.86 -27.24 2.79
CA TYR A 488 50.23 -28.52 2.20
C TYR A 488 51.12 -28.29 0.98
N ASP A 489 52.30 -28.93 0.98
CA ASP A 489 53.25 -28.85 -0.12
C ASP A 489 53.14 -30.15 -0.92
N HIS A 490 52.62 -30.05 -2.14
CA HIS A 490 52.36 -31.25 -2.93
C HIS A 490 53.64 -31.82 -3.53
N ASP A 491 54.64 -30.97 -3.78
CA ASP A 491 55.89 -31.43 -4.37
C ASP A 491 56.62 -32.43 -3.46
N VAL A 492 56.44 -32.30 -2.14
CA VAL A 492 57.12 -33.20 -1.21
C VAL A 492 56.63 -34.64 -1.41
N TYR A 493 55.36 -34.81 -1.76
CA TYR A 493 54.74 -36.12 -1.83
C TYR A 493 54.43 -36.58 -3.26
N ARG A 494 54.73 -35.75 -4.26
CA ARG A 494 54.24 -36.00 -5.61
C ARG A 494 54.75 -37.33 -6.16
N ASP A 495 56.02 -37.65 -5.91
CA ASP A 495 56.60 -38.88 -6.44
C ASP A 495 55.94 -40.11 -5.82
N GLU A 496 55.86 -40.15 -4.49
CA GLU A 496 55.22 -41.29 -3.81
C GLU A 496 53.78 -41.46 -4.28
N ALA A 497 53.06 -40.36 -4.49
CA ALA A 497 51.66 -40.45 -4.87
C ALA A 497 51.50 -40.97 -6.29
N LEU A 498 52.25 -40.42 -7.25
CA LEU A 498 52.14 -40.87 -8.62
C LEU A 498 52.53 -42.33 -8.77
N ASN A 499 53.42 -42.82 -7.92
CA ASN A 499 53.78 -44.24 -7.94
C ASN A 499 52.59 -45.11 -7.58
N ASN A 500 51.91 -44.78 -6.47
CA ASN A 500 50.77 -45.57 -6.05
C ASN A 500 49.57 -45.41 -6.98
N ARG A 501 49.40 -44.21 -7.55
CA ARG A 501 48.26 -43.99 -8.44
C ARG A 501 48.36 -44.81 -9.71
N PHE A 502 49.52 -44.77 -10.37
CA PHE A 502 49.67 -45.26 -11.73
C PHE A 502 50.42 -46.59 -11.71
N GLN A 503 49.66 -47.66 -11.47
CA GLN A 503 50.15 -49.03 -11.51
C GLN A 503 49.34 -49.81 -12.53
N ILE A 504 50.01 -50.66 -13.30
CA ILE A 504 49.33 -51.48 -14.29
C ILE A 504 49.50 -52.96 -13.94
N ASP B 9 37.89 -51.40 -34.06
CA ASP B 9 39.28 -50.97 -34.21
C ASP B 9 39.58 -49.84 -33.22
N ASN B 10 38.53 -49.25 -32.66
CA ASN B 10 38.68 -48.09 -31.80
C ASN B 10 38.53 -48.51 -30.34
N SER B 11 39.34 -47.90 -29.47
CA SER B 11 39.42 -48.28 -28.07
C SER B 11 38.72 -47.30 -27.14
N THR B 12 37.91 -46.39 -27.67
CA THR B 12 37.30 -45.33 -26.88
C THR B 12 35.79 -45.34 -27.08
N ALA B 13 35.10 -44.61 -26.19
CA ALA B 13 33.69 -44.32 -26.31
C ALA B 13 33.45 -42.89 -25.89
N THR B 14 32.35 -42.31 -26.35
CA THR B 14 32.00 -40.93 -26.07
C THR B 14 30.64 -40.88 -25.39
N LEU B 15 30.59 -40.30 -24.20
CA LEU B 15 29.36 -40.17 -23.42
C LEU B 15 29.06 -38.69 -23.24
N CYS B 16 27.96 -38.23 -23.81
CA CYS B 16 27.59 -36.83 -23.80
C CYS B 16 26.45 -36.57 -22.82
N LEU B 17 26.52 -35.44 -22.15
CA LEU B 17 25.50 -34.97 -21.21
C LEU B 17 24.74 -33.82 -21.84
N GLY B 18 23.41 -33.91 -21.86
CA GLY B 18 22.60 -32.90 -22.51
C GLY B 18 21.26 -32.71 -21.81
N HIS B 19 20.53 -31.70 -22.29
CA HIS B 19 19.18 -31.41 -21.84
C HIS B 19 18.27 -31.29 -23.06
N HIS B 20 16.97 -31.23 -22.80
CA HIS B 20 16.02 -31.26 -23.91
C HIS B 20 15.81 -29.87 -24.49
N ALA B 21 15.24 -29.84 -25.69
CA ALA B 21 14.87 -28.60 -26.35
C ALA B 21 13.50 -28.77 -26.99
N VAL B 22 12.88 -27.65 -27.35
CA VAL B 22 11.55 -27.67 -27.96
C VAL B 22 11.51 -26.68 -29.10
N PRO B 23 10.69 -26.97 -30.12
CA PRO B 23 10.63 -26.07 -31.28
C PRO B 23 9.79 -24.82 -31.07
N ASN B 24 8.88 -24.82 -30.10
CA ASN B 24 7.98 -23.70 -29.87
C ASN B 24 8.21 -23.13 -28.47
N GLY B 25 9.36 -22.48 -28.30
CA GLY B 25 9.68 -21.87 -27.02
C GLY B 25 8.83 -20.65 -26.74
N THR B 26 8.89 -20.21 -25.48
CA THR B 26 8.11 -19.09 -24.98
C THR B 26 9.02 -18.08 -24.30
N LEU B 27 8.80 -16.80 -24.59
CA LEU B 27 9.59 -15.72 -24.02
C LEU B 27 9.05 -15.32 -22.66
N VAL B 28 9.96 -15.05 -21.73
CA VAL B 28 9.63 -14.61 -20.38
C VAL B 28 10.59 -13.49 -19.99
N LYS B 29 10.36 -12.91 -18.82
CA LYS B 29 11.20 -11.86 -18.26
C LYS B 29 11.96 -12.39 -17.05
N THR B 30 13.18 -11.89 -16.87
CA THR B 30 14.00 -12.22 -15.71
C THR B 30 14.56 -10.92 -15.13
N ILE B 31 15.31 -11.06 -14.03
CA ILE B 31 16.04 -9.92 -13.47
C ILE B 31 16.99 -9.35 -14.51
N THR B 32 17.70 -10.22 -15.22
CA THR B 32 18.63 -9.79 -16.25
C THR B 32 17.90 -9.39 -17.53
N ASN B 33 17.32 -10.37 -18.22
CA ASN B 33 16.88 -10.21 -19.60
C ASN B 33 15.42 -9.81 -19.67
N ASP B 34 15.10 -8.96 -20.66
CA ASP B 34 13.70 -8.60 -20.91
C ASP B 34 12.98 -9.69 -21.68
N GLN B 35 13.69 -10.44 -22.53
CA GLN B 35 13.10 -11.56 -23.27
C GLN B 35 14.12 -12.69 -23.33
N ILE B 36 13.80 -13.81 -22.68
CA ILE B 36 14.59 -15.03 -22.76
C ILE B 36 13.64 -16.18 -23.05
N GLU B 37 14.08 -17.12 -23.88
CA GLU B 37 13.23 -18.19 -24.37
C GLU B 37 13.42 -19.44 -23.54
N VAL B 38 12.31 -19.98 -23.03
CA VAL B 38 12.30 -21.20 -22.22
C VAL B 38 11.41 -22.23 -22.91
N THR B 39 11.42 -23.44 -22.35
CA THR B 39 10.67 -24.54 -22.97
C THR B 39 9.18 -24.44 -22.70
N ASN B 40 8.80 -24.01 -21.49
CA ASN B 40 7.40 -23.99 -21.07
C ASN B 40 7.16 -22.79 -20.18
N ALA B 41 5.93 -22.30 -20.18
CA ALA B 41 5.56 -21.16 -19.35
C ALA B 41 4.05 -21.13 -19.18
N THR B 42 3.61 -20.58 -18.05
CA THR B 42 2.19 -20.48 -17.73
C THR B 42 1.82 -19.03 -17.45
N GLU B 43 0.56 -18.69 -17.70
CA GLU B 43 0.05 -17.35 -17.51
C GLU B 43 -0.46 -17.17 -16.09
N LEU B 44 -0.23 -15.98 -15.52
CA LEU B 44 -0.63 -15.67 -14.16
C LEU B 44 -1.64 -14.54 -14.05
N VAL B 45 -1.91 -13.80 -15.14
CA VAL B 45 -2.84 -12.68 -15.11
C VAL B 45 -4.10 -13.12 -15.83
N GLN B 46 -5.17 -13.35 -15.06
CA GLN B 46 -6.47 -13.63 -15.65
C GLN B 46 -6.95 -12.42 -16.44
N SER B 47 -7.32 -12.65 -17.71
CA SER B 47 -7.71 -11.54 -18.57
C SER B 47 -8.94 -11.83 -19.39
N SER B 48 -9.72 -12.86 -19.06
CA SER B 48 -10.91 -13.19 -19.83
C SER B 48 -12.03 -13.60 -18.88
N SER B 49 -13.26 -13.37 -19.32
CA SER B 49 -14.45 -13.75 -18.57
C SER B 49 -15.48 -14.32 -19.53
N THR B 50 -16.29 -15.25 -19.02
CA THR B 50 -17.39 -15.79 -19.82
C THR B 50 -18.49 -14.77 -20.04
N GLY B 51 -18.54 -13.70 -19.25
CA GLY B 51 -19.57 -12.70 -19.37
C GLY B 51 -20.83 -12.97 -18.58
N ARG B 52 -20.79 -13.95 -17.68
CA ARG B 52 -21.95 -14.36 -16.90
C ARG B 52 -21.59 -14.31 -15.42
N ILE B 53 -22.56 -13.92 -14.59
CA ILE B 53 -22.40 -13.96 -13.14
C ILE B 53 -22.94 -15.30 -12.65
N CYS B 54 -22.06 -16.17 -12.18
CA CYS B 54 -22.48 -17.47 -11.68
C CYS B 54 -23.26 -17.32 -10.38
N ASP B 55 -24.42 -17.98 -10.32
CA ASP B 55 -25.30 -17.88 -9.16
C ASP B 55 -24.83 -18.70 -7.97
N SER B 56 -23.79 -19.49 -8.12
CA SER B 56 -23.22 -20.25 -7.02
C SER B 56 -21.74 -19.90 -6.85
N PRO B 57 -21.22 -19.93 -5.61
CA PRO B 57 -21.92 -20.28 -4.37
C PRO B 57 -22.69 -19.12 -3.73
N HIS B 58 -22.35 -17.89 -4.12
CA HIS B 58 -22.85 -16.72 -3.43
C HIS B 58 -24.30 -16.43 -3.82
N ARG B 59 -25.08 -15.95 -2.85
CA ARG B 59 -26.48 -15.60 -3.08
C ARG B 59 -26.55 -14.33 -3.93
N ILE B 60 -26.88 -14.49 -5.21
CA ILE B 60 -27.03 -13.37 -6.12
C ILE B 60 -28.49 -12.93 -6.11
N LEU B 61 -28.71 -11.63 -5.95
CA LEU B 61 -30.04 -11.03 -5.96
C LEU B 61 -30.10 -10.02 -7.09
N ASP B 62 -30.73 -10.40 -8.20
CA ASP B 62 -30.82 -9.52 -9.35
C ASP B 62 -31.79 -8.37 -9.04
N GLY B 63 -31.29 -7.13 -9.11
CA GLY B 63 -32.11 -5.98 -8.80
C GLY B 63 -33.16 -5.65 -9.84
N LYS B 64 -32.92 -6.02 -11.10
CA LYS B 64 -33.90 -5.87 -12.19
C LYS B 64 -34.20 -4.37 -12.33
N ASN B 65 -35.47 -3.96 -12.33
CA ASN B 65 -35.81 -2.55 -12.45
C ASN B 65 -35.72 -1.78 -11.13
N CYS B 66 -34.94 -2.24 -10.15
CA CYS B 66 -34.94 -1.66 -8.82
C CYS B 66 -33.52 -1.40 -8.34
N THR B 67 -33.29 -0.23 -7.77
CA THR B 67 -32.10 0.05 -7.00
C THR B 67 -32.31 -0.41 -5.56
N LEU B 68 -31.20 -0.63 -4.85
CA LEU B 68 -31.28 -1.07 -3.45
C LEU B 68 -32.05 -0.08 -2.60
N ILE B 69 -31.95 1.21 -2.90
CA ILE B 69 -32.62 2.20 -2.08
C ILE B 69 -34.13 2.21 -2.35
N ASP B 70 -34.53 2.01 -3.61
CA ASP B 70 -35.95 1.89 -3.89
C ASP B 70 -36.55 0.64 -3.24
N ALA B 71 -35.83 -0.48 -3.32
CA ALA B 71 -36.28 -1.70 -2.64
C ALA B 71 -36.31 -1.50 -1.14
N LEU B 72 -35.33 -0.75 -0.61
CA LEU B 72 -35.33 -0.38 0.81
C LEU B 72 -36.62 0.36 1.17
N LEU B 73 -36.89 1.47 0.48
CA LEU B 73 -38.01 2.33 0.85
C LEU B 73 -39.35 1.63 0.63
N GLY B 74 -39.57 1.10 -0.56
CA GLY B 74 -40.80 0.40 -0.85
C GLY B 74 -41.55 0.94 -2.05
N ASP B 75 -40.81 1.40 -3.07
CA ASP B 75 -41.39 1.79 -4.34
C ASP B 75 -42.25 0.65 -4.87
N PRO B 76 -43.55 0.88 -5.12
CA PRO B 76 -44.48 -0.24 -5.39
C PRO B 76 -44.04 -1.21 -6.47
N HIS B 77 -43.32 -0.77 -7.51
CA HIS B 77 -42.86 -1.76 -8.47
C HIS B 77 -41.70 -2.59 -7.93
N CYS B 78 -41.25 -2.33 -6.72
CA CYS B 78 -40.19 -3.08 -6.06
C CYS B 78 -40.69 -3.89 -4.87
N ASP B 79 -42.00 -4.06 -4.74
CA ASP B 79 -42.56 -4.74 -3.57
C ASP B 79 -42.09 -6.19 -3.44
N GLY B 80 -41.64 -6.80 -4.54
CA GLY B 80 -41.15 -8.16 -4.45
C GLY B 80 -39.92 -8.30 -3.59
N PHE B 81 -39.14 -7.22 -3.46
CA PHE B 81 -37.90 -7.24 -2.69
C PHE B 81 -38.11 -7.12 -1.19
N GLN B 82 -39.36 -7.10 -0.71
CA GLN B 82 -39.60 -6.95 0.71
C GLN B 82 -39.02 -8.12 1.49
N ASN B 83 -38.26 -7.81 2.54
CA ASN B 83 -37.67 -8.77 3.47
C ASN B 83 -36.64 -9.68 2.81
N GLU B 84 -36.23 -9.39 1.58
CA GLU B 84 -35.31 -10.25 0.87
C GLU B 84 -33.91 -10.12 1.46
N LYS B 85 -33.08 -11.13 1.21
CA LYS B 85 -31.69 -11.17 1.65
C LYS B 85 -30.78 -11.43 0.46
N TRP B 86 -29.48 -11.23 0.67
CA TRP B 86 -28.52 -11.42 -0.41
C TRP B 86 -27.12 -11.55 0.17
N ASP B 87 -26.22 -12.09 -0.66
CA ASP B 87 -24.78 -11.99 -0.48
C ASP B 87 -24.20 -10.92 -1.40
N LEU B 88 -24.52 -10.96 -2.68
CA LEU B 88 -24.23 -9.89 -3.62
C LEU B 88 -25.53 -9.44 -4.25
N PHE B 89 -25.77 -8.14 -4.23
CA PHE B 89 -26.98 -7.56 -4.82
C PHE B 89 -26.58 -6.69 -6.00
N VAL B 90 -27.15 -7.03 -7.17
CA VAL B 90 -26.71 -6.54 -8.47
C VAL B 90 -27.69 -5.45 -8.91
N GLU B 91 -27.21 -4.23 -9.05
CA GLU B 91 -28.03 -3.12 -9.54
C GLU B 91 -27.82 -2.96 -11.04
N ARG B 92 -28.90 -3.12 -11.79
CA ARG B 92 -28.85 -2.90 -13.23
C ARG B 92 -28.94 -1.41 -13.54
N SER B 93 -28.38 -1.03 -14.69
CA SER B 93 -28.45 0.36 -15.12
C SER B 93 -29.84 0.75 -15.64
N LYS B 94 -30.71 -0.22 -15.90
CA LYS B 94 -32.08 0.08 -16.32
C LYS B 94 -33.00 0.42 -15.16
N ALA B 95 -32.52 0.27 -13.92
CA ALA B 95 -33.36 0.53 -12.75
C ALA B 95 -33.82 1.98 -12.74
N PHE B 96 -34.92 2.22 -12.01
CA PHE B 96 -35.63 3.48 -12.20
C PHE B 96 -36.63 3.63 -11.07
N SER B 97 -36.88 4.87 -10.68
CA SER B 97 -37.76 5.16 -9.55
C SER B 97 -39.13 5.58 -10.04
N ASN B 98 -40.18 5.06 -9.40
CA ASN B 98 -41.55 5.28 -9.85
C ASN B 98 -42.49 5.70 -8.73
N CYS B 99 -41.97 6.00 -7.54
CA CYS B 99 -42.84 6.45 -6.45
C CYS B 99 -42.74 7.96 -6.28
N TYR B 100 -42.96 8.44 -5.07
CA TYR B 100 -42.94 9.87 -4.82
C TYR B 100 -41.53 10.41 -5.01
N PRO B 101 -41.36 11.58 -5.62
CA PRO B 101 -40.02 12.12 -5.84
C PRO B 101 -39.27 12.30 -4.52
N TYR B 102 -37.96 12.06 -4.56
CA TYR B 102 -37.19 12.09 -3.33
C TYR B 102 -35.72 12.28 -3.63
N ASP B 103 -34.97 12.59 -2.58
CA ASP B 103 -33.51 12.61 -2.63
C ASP B 103 -33.00 12.16 -1.27
N VAL B 104 -31.73 11.75 -1.22
CA VAL B 104 -31.14 11.25 0.02
C VAL B 104 -29.83 11.97 0.27
N PRO B 105 -29.72 12.77 1.33
CA PRO B 105 -28.41 13.28 1.74
C PRO B 105 -27.49 12.12 2.13
N ASP B 106 -26.26 12.17 1.62
CA ASP B 106 -25.30 11.09 1.81
C ASP B 106 -25.87 9.76 1.32
N TYR B 107 -26.35 9.78 0.07
CA TYR B 107 -26.95 8.59 -0.54
C TYR B 107 -26.00 7.40 -0.51
N ALA B 108 -24.71 7.65 -0.72
CA ALA B 108 -23.74 6.56 -0.81
C ALA B 108 -23.66 5.78 0.50
N SER B 109 -23.66 6.49 1.64
CA SER B 109 -23.49 5.82 2.92
C SER B 109 -24.67 4.92 3.26
N LEU B 110 -25.90 5.38 2.99
CA LEU B 110 -27.07 4.53 3.24
C LEU B 110 -27.06 3.31 2.34
N ARG B 111 -26.74 3.50 1.05
CA ARG B 111 -26.61 2.37 0.14
C ARG B 111 -25.51 1.42 0.60
N SER B 112 -24.40 1.96 1.10
CA SER B 112 -23.28 1.13 1.53
C SER B 112 -23.64 0.26 2.73
N LEU B 113 -24.24 0.87 3.76
CA LEU B 113 -24.49 0.13 5.00
C LEU B 113 -25.61 -0.89 4.82
N VAL B 114 -26.64 -0.54 4.04
CA VAL B 114 -27.70 -1.51 3.76
C VAL B 114 -27.16 -2.67 2.95
N ALA B 115 -26.25 -2.39 2.00
CA ALA B 115 -25.66 -3.46 1.20
C ALA B 115 -24.83 -4.40 2.06
N SER B 116 -24.00 -3.84 2.94
CA SER B 116 -23.16 -4.68 3.80
C SER B 116 -23.99 -5.43 4.83
N SER B 117 -25.13 -4.86 5.23
CA SER B 117 -26.03 -5.60 6.12
C SER B 117 -26.57 -6.85 5.44
N GLY B 118 -26.89 -6.75 4.16
CA GLY B 118 -27.28 -7.90 3.37
C GLY B 118 -28.71 -8.36 3.53
N THR B 119 -29.56 -7.57 4.18
CA THR B 119 -30.94 -7.98 4.38
C THR B 119 -31.84 -6.76 4.40
N LEU B 120 -33.05 -6.94 3.88
CA LEU B 120 -34.11 -5.96 4.00
C LEU B 120 -35.18 -6.41 4.98
N GLU B 121 -34.84 -7.35 5.86
CA GLU B 121 -35.77 -7.84 6.88
C GLU B 121 -36.35 -6.68 7.68
N PHE B 122 -37.66 -6.51 7.57
CA PHE B 122 -38.36 -5.40 8.21
C PHE B 122 -39.19 -5.93 9.37
N ILE B 123 -39.22 -5.16 10.46
CA ILE B 123 -39.99 -5.50 11.65
C ILE B 123 -40.93 -4.35 11.94
N ASN B 124 -42.24 -4.61 11.83
CA ASN B 124 -43.24 -3.58 12.06
C ASN B 124 -43.33 -3.24 13.54
N GLU B 125 -43.14 -1.96 13.85
CA GLU B 125 -43.37 -1.41 15.18
C GLU B 125 -44.49 -0.39 15.10
N GLY B 126 -45.45 -0.51 16.02
CA GLY B 126 -46.59 0.39 16.03
C GLY B 126 -46.41 1.61 16.91
N PHE B 127 -46.03 2.72 16.30
CA PHE B 127 -45.99 3.98 17.04
C PHE B 127 -47.41 4.45 17.31
N ASN B 128 -47.55 5.25 18.37
CA ASN B 128 -48.89 5.68 18.83
C ASN B 128 -49.58 6.55 17.78
N TRP B 129 -48.96 7.67 17.40
CA TRP B 129 -49.47 8.58 16.35
C TRP B 129 -50.95 8.92 16.52
N THR B 130 -51.39 9.19 17.74
CA THR B 130 -52.73 9.73 17.94
C THR B 130 -52.71 11.24 17.79
N GLY B 131 -53.66 11.77 17.03
CA GLY B 131 -53.75 13.18 16.72
C GLY B 131 -53.41 13.53 15.29
N VAL B 132 -52.89 12.56 14.53
CA VAL B 132 -52.59 12.75 13.10
C VAL B 132 -53.18 11.56 12.35
N THR B 133 -53.32 11.72 11.05
CA THR B 133 -53.82 10.65 10.19
C THR B 133 -52.67 10.07 9.38
N GLN B 134 -52.65 8.75 9.27
CA GLN B 134 -51.51 8.01 8.77
C GLN B 134 -51.74 7.59 7.32
N SER B 135 -50.74 6.91 6.76
CA SER B 135 -50.87 6.20 5.48
C SER B 135 -51.25 7.13 4.34
N GLY B 136 -50.72 8.35 4.36
CA GLY B 136 -50.99 9.27 3.27
C GLY B 136 -50.39 8.74 1.97
N GLY B 137 -51.13 8.95 0.87
CA GLY B 137 -50.72 8.47 -0.43
C GLY B 137 -50.77 9.56 -1.48
N SER B 138 -50.23 9.25 -2.65
CA SER B 138 -50.19 10.17 -3.76
C SER B 138 -50.44 9.41 -5.07
N TYR B 139 -50.87 10.17 -6.08
CA TYR B 139 -51.06 9.59 -7.41
C TYR B 139 -49.74 9.36 -8.14
N ALA B 140 -48.67 10.05 -7.73
CA ALA B 140 -47.36 9.83 -8.30
C ALA B 140 -46.67 8.58 -7.76
N CYS B 141 -47.38 7.77 -6.97
CA CYS B 141 -46.85 6.54 -6.40
C CYS B 141 -47.97 5.50 -6.42
N LYS B 142 -48.39 5.12 -7.62
CA LYS B 142 -49.47 4.16 -7.80
C LYS B 142 -49.00 2.76 -7.43
N ARG B 143 -49.60 2.18 -6.39
CA ARG B 143 -49.47 0.75 -6.12
C ARG B 143 -50.73 0.06 -6.62
N GLY B 144 -50.59 -0.71 -7.70
CA GLY B 144 -51.76 -1.27 -8.33
C GLY B 144 -52.64 -0.16 -8.89
N SER B 145 -53.94 -0.26 -8.64
CA SER B 145 -54.90 0.73 -9.09
C SER B 145 -55.19 1.78 -8.01
N ASP B 146 -54.40 1.82 -6.94
CA ASP B 146 -54.66 2.67 -5.80
C ASP B 146 -53.56 3.71 -5.63
N ASN B 147 -53.93 4.88 -5.15
CA ASN B 147 -52.95 5.88 -4.76
C ASN B 147 -52.30 5.45 -3.46
N SER B 148 -50.99 5.23 -3.48
CA SER B 148 -50.29 4.68 -2.34
C SER B 148 -49.00 5.46 -2.14
N PHE B 149 -48.07 4.89 -1.38
CA PHE B 149 -46.86 5.58 -0.95
C PHE B 149 -45.80 4.50 -0.70
N PHE B 150 -44.61 4.95 -0.31
CA PHE B 150 -43.54 4.00 0.02
C PHE B 150 -44.01 3.03 1.09
N SER B 151 -43.74 1.74 0.88
CA SER B 151 -44.34 0.70 1.71
C SER B 151 -43.82 0.72 3.14
N ARG B 152 -42.64 1.30 3.37
CA ARG B 152 -42.05 1.30 4.71
C ARG B 152 -42.09 2.69 5.35
N LEU B 153 -42.75 3.65 4.71
CA LEU B 153 -42.81 5.02 5.20
C LEU B 153 -44.27 5.39 5.45
N ASN B 154 -44.51 6.17 6.50
CA ASN B 154 -45.85 6.51 6.96
C ASN B 154 -46.02 8.02 6.91
N TRP B 155 -46.67 8.51 5.85
CA TRP B 155 -46.76 9.95 5.60
C TRP B 155 -47.90 10.54 6.42
N LEU B 156 -47.53 11.21 7.51
CA LEU B 156 -48.46 11.74 8.50
C LEU B 156 -48.92 13.13 8.10
N TYR B 157 -50.12 13.50 8.54
CA TYR B 157 -50.77 14.66 7.95
C TYR B 157 -52.03 14.95 8.78
N GLU B 158 -52.67 16.07 8.48
CA GLU B 158 -53.65 16.66 9.40
C GLU B 158 -54.76 15.71 9.79
N SER B 159 -55.32 15.93 10.98
CA SER B 159 -56.53 15.25 11.46
C SER B 159 -57.45 16.29 12.08
N GLU B 160 -58.70 16.35 11.61
CA GLU B 160 -59.69 17.32 12.07
C GLU B 160 -59.14 18.74 11.97
N SER B 161 -58.38 19.00 10.91
CA SER B 161 -57.77 20.30 10.65
C SER B 161 -56.85 20.73 11.78
N LYS B 162 -56.21 19.77 12.45
CA LYS B 162 -55.27 20.04 13.53
C LYS B 162 -54.08 19.10 13.39
N TYR B 163 -52.89 19.61 13.69
CA TYR B 163 -51.66 18.82 13.67
C TYR B 163 -50.88 19.11 14.94
N PRO B 164 -51.09 18.32 16.00
CA PRO B 164 -50.39 18.59 17.26
C PRO B 164 -48.94 18.15 17.21
N VAL B 165 -48.16 18.70 18.14
CA VAL B 165 -46.76 18.31 18.27
C VAL B 165 -46.68 16.84 18.68
N LEU B 166 -45.75 16.13 18.07
CA LEU B 166 -45.64 14.68 18.21
C LEU B 166 -44.43 14.34 19.09
N ASN B 167 -44.69 13.66 20.20
CA ASN B 167 -43.65 13.08 21.05
C ASN B 167 -43.84 11.57 21.07
N VAL B 168 -42.96 10.84 20.40
CA VAL B 168 -43.04 9.38 20.36
C VAL B 168 -41.67 8.80 20.63
N THR B 169 -41.61 7.71 21.39
CA THR B 169 -40.38 7.00 21.69
C THR B 169 -40.55 5.51 21.46
N MET B 170 -39.54 4.88 20.88
CA MET B 170 -39.52 3.43 20.68
C MET B 170 -38.17 2.91 21.16
N PRO B 171 -38.13 2.13 22.25
CA PRO B 171 -36.86 1.67 22.78
C PRO B 171 -36.34 0.41 22.12
N ASN B 172 -35.02 0.37 21.91
CA ASN B 172 -34.34 -0.81 21.40
C ASN B 172 -33.96 -1.68 22.60
N ASN B 173 -34.86 -2.58 22.96
CA ASN B 173 -34.59 -3.56 24.01
C ASN B 173 -34.02 -4.86 23.46
N GLY B 174 -33.73 -4.92 22.17
CA GLY B 174 -33.04 -6.05 21.60
C GLY B 174 -31.56 -6.00 21.90
N ASN B 175 -30.83 -6.90 21.23
CA ASN B 175 -29.38 -6.95 21.38
C ASN B 175 -28.69 -6.80 20.04
N PHE B 176 -29.13 -5.81 19.27
CA PHE B 176 -28.90 -5.85 17.83
C PHE B 176 -29.33 -4.52 17.24
N ASP B 177 -28.60 -4.06 16.24
CA ASP B 177 -28.75 -2.68 15.81
C ASP B 177 -29.97 -2.50 14.93
N LYS B 178 -30.69 -1.39 15.14
CA LYS B 178 -31.90 -1.08 14.41
C LYS B 178 -31.64 0.03 13.39
N LEU B 179 -32.22 -0.12 12.21
CA LEU B 179 -32.10 0.87 11.13
C LEU B 179 -33.49 1.46 10.86
N TYR B 180 -33.69 2.71 11.29
CA TYR B 180 -34.93 3.43 11.02
C TYR B 180 -34.73 4.33 9.81
N ILE B 181 -35.67 4.26 8.88
CA ILE B 181 -35.66 5.08 7.66
C ILE B 181 -36.85 6.01 7.73
N TRP B 182 -36.58 7.32 7.68
CA TRP B 182 -37.61 8.34 7.78
C TRP B 182 -37.31 9.46 6.79
N GLY B 183 -38.25 10.39 6.67
CA GLY B 183 -38.14 11.43 5.68
C GLY B 183 -38.75 12.74 6.13
N VAL B 184 -38.64 13.75 5.27
CA VAL B 184 -39.15 15.10 5.53
C VAL B 184 -39.78 15.62 4.25
N HIS B 185 -41.04 16.05 4.33
CA HIS B 185 -41.77 16.51 3.16
C HIS B 185 -41.46 17.97 2.85
N HIS B 186 -41.24 18.27 1.57
CA HIS B 186 -41.03 19.63 1.09
C HIS B 186 -42.19 20.00 0.18
N PRO B 187 -43.25 20.61 0.72
CA PRO B 187 -44.43 20.91 -0.12
C PRO B 187 -44.10 21.89 -1.23
N SER B 188 -44.94 21.85 -2.27
CA SER B 188 -44.69 22.67 -3.45
C SER B 188 -45.06 24.13 -3.21
N THR B 189 -46.16 24.39 -2.49
CA THR B 189 -46.63 25.75 -2.28
C THR B 189 -46.96 25.96 -0.81
N ASP B 190 -47.12 27.25 -0.46
CA ASP B 190 -47.60 27.60 0.88
C ASP B 190 -49.00 27.06 1.11
N LYS B 191 -49.83 27.05 0.08
CA LYS B 191 -51.17 26.47 0.19
C LYS B 191 -51.10 24.98 0.54
N GLU B 192 -50.13 24.27 -0.05
CA GLU B 192 -50.00 22.84 0.21
C GLU B 192 -49.46 22.58 1.61
N GLN B 193 -48.54 23.43 2.08
CA GLN B 193 -48.01 23.31 3.43
C GLN B 193 -49.12 23.34 4.47
N THR B 194 -49.94 24.40 4.43
CA THR B 194 -50.95 24.58 5.46
C THR B 194 -52.07 23.56 5.36
N LYS B 195 -52.39 23.10 4.15
CA LYS B 195 -53.43 22.07 4.01
C LYS B 195 -53.01 20.74 4.61
N LEU B 196 -51.71 20.44 4.63
CA LEU B 196 -51.24 19.15 5.10
C LEU B 196 -50.77 19.16 6.54
N TYR B 197 -50.34 20.31 7.08
CA TYR B 197 -49.71 20.33 8.39
C TYR B 197 -50.14 21.51 9.25
N VAL B 198 -51.16 22.28 8.82
CA VAL B 198 -51.65 23.46 9.53
C VAL B 198 -50.58 24.55 9.59
N ARG B 199 -49.49 24.28 10.29
CA ARG B 199 -48.47 25.29 10.55
C ARG B 199 -47.82 25.74 9.25
N ALA B 200 -47.33 26.98 9.26
CA ALA B 200 -46.69 27.56 8.08
C ALA B 200 -45.33 26.92 7.80
N SER B 201 -44.70 26.34 8.81
CA SER B 201 -43.41 25.66 8.63
C SER B 201 -43.27 24.59 9.69
N GLY B 202 -42.85 23.40 9.26
CA GLY B 202 -42.67 22.27 10.15
C GLY B 202 -41.24 22.14 10.63
N ARG B 203 -41.00 21.06 11.38
CA ARG B 203 -39.69 20.81 11.98
C ARG B 203 -39.64 19.36 12.42
N VAL B 204 -38.84 18.56 11.73
CA VAL B 204 -38.68 17.14 12.04
C VAL B 204 -37.40 16.95 12.83
N THR B 205 -37.51 16.33 14.00
CA THR B 205 -36.35 16.02 14.83
C THR B 205 -36.41 14.56 15.23
N VAL B 206 -35.37 13.80 14.88
CA VAL B 206 -35.18 12.43 15.31
C VAL B 206 -33.94 12.39 16.19
N SER B 207 -34.07 11.74 17.35
CA SER B 207 -33.05 11.84 18.38
C SER B 207 -32.77 10.49 19.02
N THR B 208 -31.49 10.23 19.27
CA THR B 208 -31.01 9.17 20.14
C THR B 208 -30.26 9.81 21.31
N LYS B 209 -29.83 8.97 22.25
CA LYS B 209 -28.93 9.46 23.29
C LYS B 209 -27.60 9.92 22.73
N ARG B 210 -27.25 9.46 21.53
CA ARG B 210 -25.97 9.75 20.91
C ARG B 210 -26.03 10.81 19.83
N SER B 211 -27.18 11.02 19.20
CA SER B 211 -27.23 11.86 18.02
C SER B 211 -28.57 12.57 17.97
N GLN B 212 -28.58 13.69 17.25
CA GLN B 212 -29.79 14.45 17.00
C GLN B 212 -29.76 14.84 15.54
N GLN B 213 -30.90 14.74 14.88
CA GLN B 213 -31.02 15.14 13.48
C GLN B 213 -32.28 15.97 13.35
N THR B 214 -32.13 17.27 13.10
CA THR B 214 -33.26 18.18 13.02
C THR B 214 -33.29 18.78 11.61
N ILE B 215 -34.43 18.64 10.94
CA ILE B 215 -34.56 19.08 9.56
C ILE B 215 -35.70 20.09 9.48
N ILE B 216 -35.50 21.16 8.71
CA ILE B 216 -36.49 22.21 8.53
C ILE B 216 -36.83 22.27 7.05
N PRO B 217 -38.07 21.99 6.65
CA PRO B 217 -38.37 21.85 5.22
C PRO B 217 -38.37 23.19 4.49
N ASN B 218 -38.03 23.10 3.22
CA ASN B 218 -38.13 24.22 2.28
C ASN B 218 -39.35 23.99 1.41
N ILE B 219 -39.99 25.08 1.01
CA ILE B 219 -41.23 25.02 0.25
C ILE B 219 -40.98 25.51 -1.17
N GLY B 220 -41.37 24.70 -2.15
CA GLY B 220 -41.25 25.05 -3.55
C GLY B 220 -39.90 24.73 -4.17
N SER B 221 -38.94 24.27 -3.39
CA SER B 221 -37.58 24.08 -3.89
C SER B 221 -37.52 22.99 -4.96
N ARG B 222 -38.32 21.94 -4.80
CA ARG B 222 -38.14 20.75 -5.60
C ARG B 222 -38.54 21.00 -7.05
N PRO B 223 -37.77 20.51 -8.01
CA PRO B 223 -38.18 20.59 -9.41
C PRO B 223 -39.26 19.59 -9.75
N TRP B 224 -39.92 19.83 -10.88
CA TRP B 224 -41.03 19.00 -11.31
C TRP B 224 -40.53 17.60 -11.66
N VAL B 225 -41.04 16.59 -10.96
CA VAL B 225 -40.66 15.20 -11.21
C VAL B 225 -41.94 14.35 -11.17
N ARG B 226 -42.32 13.81 -12.32
CA ARG B 226 -43.44 12.88 -12.43
C ARG B 226 -44.75 13.49 -11.93
N GLY B 227 -45.00 14.74 -12.32
CA GLY B 227 -46.26 15.40 -12.04
C GLY B 227 -46.25 16.33 -10.85
N LEU B 228 -45.19 16.33 -10.05
CA LEU B 228 -45.18 17.07 -8.79
C LEU B 228 -43.92 17.92 -8.69
N SER B 229 -44.10 19.17 -8.26
CA SER B 229 -43.00 20.04 -7.85
C SER B 229 -42.73 19.93 -6.36
N SER B 230 -42.81 18.73 -5.82
CA SER B 230 -42.60 18.48 -4.39
C SER B 230 -41.62 17.32 -4.23
N GLY B 231 -41.46 16.83 -3.01
CA GLY B 231 -40.55 15.72 -2.77
C GLY B 231 -40.21 15.59 -1.30
N ILE B 232 -39.52 14.51 -1.01
CA ILE B 232 -39.15 14.14 0.37
C ILE B 232 -37.65 13.87 0.43
N SER B 233 -37.02 14.37 1.47
CA SER B 233 -35.62 14.04 1.76
C SER B 233 -35.58 12.91 2.78
N ILE B 234 -34.86 11.84 2.44
CA ILE B 234 -34.79 10.63 3.26
C ILE B 234 -33.57 10.73 4.16
N TYR B 235 -33.76 10.48 5.45
CA TYR B 235 -32.62 10.38 6.36
C TYR B 235 -32.76 9.10 7.16
N TRP B 236 -31.64 8.66 7.74
CA TRP B 236 -31.59 7.39 8.46
C TRP B 236 -30.97 7.60 9.84
N THR B 237 -31.34 6.71 10.76
CA THR B 237 -30.87 6.74 12.14
C THR B 237 -30.75 5.31 12.64
N ILE B 238 -29.63 5.04 13.32
CA ILE B 238 -29.36 3.71 13.89
C ILE B 238 -29.42 3.83 15.41
N VAL B 239 -30.24 2.99 16.03
CA VAL B 239 -30.46 3.01 17.48
C VAL B 239 -29.81 1.75 18.05
N LYS B 240 -28.78 1.95 18.86
CA LYS B 240 -28.06 0.83 19.46
C LYS B 240 -28.87 0.23 20.61
N PRO B 241 -28.57 -1.01 21.00
CA PRO B 241 -29.32 -1.64 22.10
C PRO B 241 -29.16 -0.85 23.39
N GLY B 242 -30.27 -0.74 24.13
CA GLY B 242 -30.32 0.09 25.31
C GLY B 242 -30.59 1.55 25.07
N ASP B 243 -30.30 2.04 23.87
CA ASP B 243 -30.64 3.41 23.50
C ASP B 243 -32.12 3.47 23.12
N ILE B 244 -32.59 4.63 22.69
CA ILE B 244 -34.00 4.80 22.38
C ILE B 244 -34.14 5.76 21.20
N LEU B 245 -35.13 5.49 20.36
CA LEU B 245 -35.50 6.40 19.28
C LEU B 245 -36.53 7.39 19.78
N LEU B 246 -36.33 8.67 19.46
CA LEU B 246 -37.27 9.72 19.85
C LEU B 246 -37.54 10.59 18.64
N ILE B 247 -38.77 10.56 18.16
CA ILE B 247 -39.22 11.39 17.05
C ILE B 247 -39.96 12.60 17.62
N ASN B 248 -39.83 13.75 16.97
CA ASN B 248 -40.46 14.97 17.44
C ASN B 248 -40.67 15.90 16.25
N SER B 249 -41.93 16.19 15.92
CA SER B 249 -42.22 17.01 14.76
C SER B 249 -43.51 17.77 14.94
N ASN B 250 -43.51 19.05 14.53
CA ASN B 250 -44.72 19.84 14.39
C ASN B 250 -45.04 20.10 12.92
N GLY B 251 -44.60 19.21 12.05
CA GLY B 251 -44.96 19.27 10.64
C GLY B 251 -44.03 18.49 9.74
N ASN B 252 -44.56 18.03 8.61
CA ASN B 252 -43.77 17.53 7.48
C ASN B 252 -43.06 16.22 7.77
N LEU B 253 -43.47 15.50 8.81
CA LEU B 253 -42.82 14.24 9.16
C LEU B 253 -43.24 13.12 8.21
N ILE B 254 -42.26 12.42 7.67
CA ILE B 254 -42.47 11.17 6.95
C ILE B 254 -41.95 10.07 7.88
N ALA B 255 -42.88 9.37 8.52
CA ALA B 255 -42.58 8.51 9.66
C ALA B 255 -42.11 7.14 9.22
N PRO B 256 -41.36 6.45 10.06
CA PRO B 256 -41.07 5.03 9.84
C PRO B 256 -42.17 4.14 10.39
N ARG B 257 -42.35 2.99 9.73
CA ARG B 257 -43.27 1.98 10.21
C ARG B 257 -42.59 0.91 11.03
N GLY B 258 -41.29 1.06 11.28
CA GLY B 258 -40.51 0.06 11.99
C GLY B 258 -39.03 0.23 11.65
N TYR B 259 -38.27 -0.83 11.89
CA TYR B 259 -36.84 -0.83 11.65
C TYR B 259 -36.47 -1.99 10.73
N PHE B 260 -35.37 -1.80 9.99
CA PHE B 260 -34.71 -2.88 9.28
C PHE B 260 -33.67 -3.50 10.21
N LYS B 261 -33.71 -4.81 10.35
CA LYS B 261 -32.71 -5.49 11.17
C LYS B 261 -31.33 -5.37 10.51
N ILE B 262 -30.35 -4.97 11.29
CA ILE B 262 -28.98 -4.81 10.83
C ILE B 262 -28.19 -6.06 11.18
N ARG B 263 -27.46 -6.59 10.21
CA ARG B 263 -26.62 -7.78 10.42
C ARG B 263 -25.20 -7.48 9.95
N THR B 264 -24.26 -8.26 10.48
CA THR B 264 -22.87 -8.22 10.07
C THR B 264 -22.58 -9.42 9.18
N GLY B 265 -22.24 -9.16 7.92
CA GLY B 265 -22.06 -10.27 7.01
C GLY B 265 -21.20 -9.92 5.81
N LYS B 266 -20.89 -10.98 5.06
CA LYS B 266 -20.16 -11.04 3.80
C LYS B 266 -20.88 -10.34 2.65
N SER B 267 -21.97 -9.64 2.94
CA SER B 267 -22.82 -9.11 1.90
C SER B 267 -22.27 -7.80 1.33
N SER B 268 -22.65 -7.50 0.09
CA SER B 268 -22.20 -6.29 -0.57
C SER B 268 -23.12 -6.03 -1.77
N ILE B 269 -22.69 -5.11 -2.64
CA ILE B 269 -23.47 -4.67 -3.78
C ILE B 269 -22.51 -4.41 -4.94
N MET B 270 -23.01 -4.54 -6.16
CA MET B 270 -22.20 -4.37 -7.35
C MET B 270 -23.05 -3.85 -8.49
N ARG B 271 -22.49 -2.93 -9.27
CA ARG B 271 -23.17 -2.37 -10.44
C ARG B 271 -22.72 -3.15 -11.68
N SER B 272 -23.66 -3.84 -12.32
CA SER B 272 -23.32 -4.69 -13.45
C SER B 272 -24.56 -4.92 -14.29
N ASP B 273 -24.36 -5.05 -15.60
CA ASP B 273 -25.40 -5.44 -16.55
C ASP B 273 -25.14 -6.81 -17.16
N ALA B 274 -24.24 -7.60 -16.57
CA ALA B 274 -23.98 -8.94 -17.06
C ALA B 274 -25.09 -9.89 -16.64
N PRO B 275 -25.55 -10.77 -17.52
CA PRO B 275 -26.67 -11.65 -17.18
C PRO B 275 -26.25 -12.70 -16.16
N ILE B 276 -27.19 -13.05 -15.28
CA ILE B 276 -26.97 -14.10 -14.29
C ILE B 276 -27.16 -15.45 -14.98
N GLY B 277 -26.27 -16.40 -14.66
CA GLY B 277 -26.30 -17.69 -15.30
C GLY B 277 -26.28 -18.83 -14.29
N THR B 278 -26.49 -20.04 -14.82
CA THR B 278 -26.43 -21.27 -14.03
C THR B 278 -25.03 -21.86 -14.17
N CYS B 279 -24.24 -21.74 -13.10
CA CYS B 279 -22.85 -22.19 -13.05
C CYS B 279 -22.32 -22.01 -11.63
N SER B 280 -21.01 -21.96 -11.46
CA SER B 280 -20.44 -21.82 -10.12
C SER B 280 -19.06 -21.19 -10.23
N SER B 281 -18.87 -20.04 -9.58
CA SER B 281 -17.60 -19.34 -9.60
C SER B 281 -17.46 -18.53 -8.31
N GLU B 282 -16.30 -18.67 -7.65
CA GLU B 282 -16.07 -17.98 -6.39
C GLU B 282 -15.93 -16.47 -6.58
N CYS B 283 -15.44 -16.03 -7.73
CA CYS B 283 -15.12 -14.64 -7.97
C CYS B 283 -16.15 -14.00 -8.91
N ILE B 284 -16.50 -12.76 -8.61
CA ILE B 284 -17.51 -12.02 -9.39
C ILE B 284 -16.96 -10.63 -9.70
N THR B 285 -17.10 -10.23 -10.95
CA THR B 285 -16.77 -8.88 -11.41
C THR B 285 -17.96 -8.35 -12.20
N PRO B 286 -18.06 -7.03 -12.36
CA PRO B 286 -19.11 -6.48 -13.22
C PRO B 286 -19.01 -6.94 -14.66
N ASN B 287 -17.81 -7.27 -15.13
CA ASN B 287 -17.66 -7.95 -16.42
C ASN B 287 -18.33 -9.31 -16.40
N GLY B 288 -18.42 -9.96 -15.25
CA GLY B 288 -18.89 -11.34 -15.14
C GLY B 288 -18.00 -12.12 -14.18
N SER B 289 -18.26 -13.42 -14.01
CA SER B 289 -17.45 -14.23 -13.14
C SER B 289 -16.17 -14.66 -13.84
N ILE B 290 -15.07 -14.75 -13.08
CA ILE B 290 -13.78 -15.09 -13.64
C ILE B 290 -13.16 -16.23 -12.83
N PRO B 291 -12.31 -17.07 -13.44
CA PRO B 291 -11.62 -18.11 -12.68
C PRO B 291 -10.56 -17.50 -11.75
N ASN B 292 -10.49 -18.03 -10.53
CA ASN B 292 -9.52 -17.59 -9.55
C ASN B 292 -8.36 -18.57 -9.41
N ASP B 293 -8.04 -19.30 -10.48
CA ASP B 293 -6.89 -20.19 -10.44
C ASP B 293 -5.57 -19.42 -10.49
N LYS B 294 -5.55 -18.27 -11.18
CA LYS B 294 -4.40 -17.40 -11.35
C LYS B 294 -4.31 -16.40 -10.21
N PRO B 295 -3.09 -16.03 -9.79
CA PRO B 295 -2.95 -15.12 -8.64
C PRO B 295 -3.32 -13.68 -8.96
N PHE B 296 -3.32 -13.28 -10.23
CA PHE B 296 -3.58 -11.90 -10.62
C PHE B 296 -4.67 -11.88 -11.68
N GLN B 297 -5.22 -10.70 -11.94
CA GLN B 297 -6.27 -10.58 -12.94
C GLN B 297 -6.31 -9.16 -13.48
N ASN B 298 -6.69 -9.04 -14.75
CA ASN B 298 -6.81 -7.76 -15.43
C ASN B 298 -8.24 -7.52 -15.91
N VAL B 299 -9.22 -8.20 -15.32
CA VAL B 299 -10.59 -8.08 -15.81
C VAL B 299 -11.24 -6.79 -15.31
N ASN B 300 -11.21 -6.57 -13.99
CA ASN B 300 -11.78 -5.37 -13.39
C ASN B 300 -11.29 -5.27 -11.96
N LYS B 301 -11.11 -4.04 -11.50
CA LYS B 301 -10.72 -3.79 -10.12
C LYS B 301 -11.90 -3.92 -9.15
N ILE B 302 -13.12 -4.00 -9.64
CA ILE B 302 -14.29 -4.23 -8.80
C ILE B 302 -14.47 -5.75 -8.70
N THR B 303 -14.32 -6.30 -7.50
CA THR B 303 -14.41 -7.74 -7.29
C THR B 303 -15.24 -8.03 -6.05
N TYR B 304 -15.92 -9.17 -6.07
CA TYR B 304 -16.62 -9.71 -4.91
C TYR B 304 -16.24 -11.18 -4.75
N GLY B 305 -15.76 -11.53 -3.56
CA GLY B 305 -15.44 -12.91 -3.25
C GLY B 305 -13.96 -13.21 -3.37
N ALA B 306 -13.65 -14.50 -3.28
CA ALA B 306 -12.28 -15.00 -3.42
C ALA B 306 -11.82 -14.74 -4.85
N CYS B 307 -11.03 -13.69 -5.04
CA CYS B 307 -10.68 -13.22 -6.37
C CYS B 307 -9.18 -13.07 -6.53
N PRO B 308 -8.68 -13.18 -7.76
CA PRO B 308 -7.30 -12.78 -8.03
C PRO B 308 -7.12 -11.29 -7.81
N LYS B 309 -5.87 -10.90 -7.60
CA LYS B 309 -5.55 -9.51 -7.31
C LYS B 309 -5.46 -8.72 -8.61
N TYR B 310 -6.00 -7.49 -8.59
CA TYR B 310 -6.02 -6.68 -9.80
C TYR B 310 -4.66 -6.04 -10.04
N VAL B 311 -4.16 -6.20 -11.26
CA VAL B 311 -2.88 -5.61 -11.66
C VAL B 311 -3.06 -4.92 -13.01
N LYS B 312 -2.11 -4.02 -13.31
CA LYS B 312 -2.18 -3.26 -14.55
C LYS B 312 -1.79 -4.12 -15.74
N GLN B 313 -0.83 -5.03 -15.56
CA GLN B 313 -0.37 -5.87 -16.65
C GLN B 313 -1.51 -6.72 -17.20
N ASN B 314 -1.47 -6.96 -18.51
CA ASN B 314 -2.40 -7.87 -19.15
C ASN B 314 -1.79 -9.24 -19.42
N THR B 315 -0.51 -9.42 -19.13
CA THR B 315 0.13 -10.72 -19.27
C THR B 315 1.38 -10.78 -18.40
N LEU B 316 1.47 -11.83 -17.59
CA LEU B 316 2.68 -12.16 -16.83
C LEU B 316 2.86 -13.67 -16.92
N LYS B 317 3.93 -14.10 -17.58
CA LYS B 317 4.15 -15.51 -17.84
C LYS B 317 5.25 -16.04 -16.92
N LEU B 318 4.91 -17.08 -16.17
CA LEU B 318 5.83 -17.72 -15.24
C LEU B 318 6.53 -18.88 -15.94
N ALA B 319 7.86 -18.82 -16.01
CA ALA B 319 8.61 -19.91 -16.61
C ALA B 319 8.45 -21.18 -15.79
N THR B 320 8.14 -22.28 -16.46
CA THR B 320 8.01 -23.59 -15.84
C THR B 320 8.94 -24.60 -16.50
N GLY B 321 10.03 -24.12 -17.07
CA GLY B 321 10.99 -24.97 -17.76
C GLY B 321 12.31 -24.25 -17.93
N MET B 322 13.30 -25.03 -18.36
CA MET B 322 14.66 -24.53 -18.51
C MET B 322 14.77 -23.61 -19.73
N ARG B 323 15.96 -23.02 -19.89
CA ARG B 323 16.24 -22.24 -21.08
C ARG B 323 16.09 -23.11 -22.33
N ASN B 324 15.46 -22.55 -23.36
CA ASN B 324 15.24 -23.27 -24.62
C ASN B 324 16.41 -22.99 -25.55
N VAL B 325 17.16 -24.02 -25.91
CA VAL B 325 18.28 -23.89 -26.84
C VAL B 325 18.17 -24.97 -27.90
N PRO B 326 17.86 -24.61 -29.15
CA PRO B 326 17.73 -25.64 -30.20
C PRO B 326 19.06 -26.32 -30.49
N GLU B 327 19.00 -27.61 -30.81
CA GLU B 327 20.23 -28.38 -31.00
C GLU B 327 20.91 -28.03 -32.32
N LYS B 328 20.14 -27.77 -33.36
CA LYS B 328 20.69 -27.38 -34.66
C LYS B 328 21.72 -28.39 -35.19
N PHE B 334 27.42 -38.57 -39.58
CA PHE B 334 27.26 -37.25 -40.17
C PHE B 334 27.77 -36.14 -39.25
N GLY B 335 27.32 -36.17 -37.99
CA GLY B 335 27.72 -35.17 -37.03
C GLY B 335 28.01 -35.78 -35.67
N ALA B 336 29.20 -35.52 -35.15
CA ALA B 336 29.58 -36.06 -33.84
C ALA B 336 28.61 -35.58 -32.77
N ILE B 337 28.27 -36.49 -31.85
CA ILE B 337 27.30 -36.15 -30.80
C ILE B 337 27.87 -35.06 -29.91
N ALA B 338 26.99 -34.17 -29.44
CA ALA B 338 27.38 -32.98 -28.73
C ALA B 338 26.58 -32.84 -27.44
N GLY B 339 27.25 -32.30 -26.42
CA GLY B 339 26.65 -32.15 -25.10
C GLY B 339 25.89 -30.86 -24.94
N PHE B 340 25.67 -30.49 -23.67
CA PHE B 340 24.83 -29.33 -23.34
C PHE B 340 25.56 -28.01 -23.49
N ILE B 341 26.89 -28.02 -23.48
CA ILE B 341 27.65 -26.78 -23.67
C ILE B 341 27.28 -26.12 -24.99
N GLU B 342 26.97 -26.91 -26.01
CA GLU B 342 26.60 -26.33 -27.30
C GLU B 342 25.12 -25.97 -27.34
N ASN B 343 24.27 -26.91 -26.95
CA ASN B 343 22.84 -26.81 -27.28
C ASN B 343 22.08 -27.95 -26.61
N GLY B 344 20.75 -27.80 -26.60
CA GLY B 344 19.88 -28.83 -26.08
C GLY B 344 19.73 -29.98 -27.06
N TRP B 345 18.70 -30.80 -26.82
CA TRP B 345 18.42 -31.98 -27.65
C TRP B 345 16.92 -32.00 -27.92
N GLU B 346 16.52 -31.61 -29.13
CA GLU B 346 15.10 -31.62 -29.46
C GLU B 346 14.54 -33.02 -29.52
N GLY B 347 15.38 -34.04 -29.74
CA GLY B 347 14.91 -35.40 -29.82
C GLY B 347 14.59 -36.04 -28.48
N MET B 348 15.08 -35.47 -27.39
CA MET B 348 14.82 -36.05 -26.08
C MET B 348 13.39 -35.77 -25.64
N VAL B 349 12.68 -36.82 -25.27
CA VAL B 349 11.23 -36.75 -25.03
C VAL B 349 10.90 -37.34 -23.67
N ASP B 350 11.65 -38.35 -23.24
CA ASP B 350 11.35 -39.08 -22.01
C ASP B 350 11.94 -38.44 -20.76
N GLY B 351 12.49 -37.24 -20.86
CA GLY B 351 13.04 -36.57 -19.69
C GLY B 351 13.62 -35.23 -20.10
N TRP B 352 14.01 -34.46 -19.08
CA TRP B 352 14.63 -33.18 -19.34
C TRP B 352 16.15 -33.28 -19.44
N TYR B 353 16.75 -34.26 -18.77
CA TYR B 353 18.19 -34.45 -18.81
C TYR B 353 18.45 -35.91 -19.17
N GLY B 354 19.64 -36.18 -19.70
CA GLY B 354 19.95 -37.54 -20.08
C GLY B 354 21.26 -37.63 -20.83
N PHE B 355 21.57 -38.85 -21.26
CA PHE B 355 22.85 -39.18 -21.86
C PHE B 355 22.67 -39.54 -23.33
N ARG B 356 23.59 -39.07 -24.17
CA ARG B 356 23.80 -39.62 -25.51
C ARG B 356 25.21 -40.19 -25.57
N HIS B 357 25.33 -41.42 -26.05
CA HIS B 357 26.61 -42.11 -26.06
C HIS B 357 26.90 -42.63 -27.47
N GLN B 358 28.19 -42.89 -27.71
CA GLN B 358 28.64 -43.41 -29.00
C GLN B 358 29.78 -44.38 -28.72
N ASN B 359 29.54 -45.66 -28.99
CA ASN B 359 30.50 -46.71 -28.64
C ASN B 359 30.58 -47.71 -29.79
N SER B 360 31.04 -48.92 -29.49
CA SER B 360 31.23 -49.95 -30.50
C SER B 360 29.91 -50.57 -30.96
N GLU B 361 28.82 -50.40 -30.22
CA GLU B 361 27.52 -50.89 -30.65
C GLU B 361 26.69 -49.80 -31.33
N GLY B 362 27.30 -48.66 -31.63
CA GLY B 362 26.57 -47.55 -32.24
C GLY B 362 26.27 -46.41 -31.29
N THR B 363 25.19 -45.70 -31.55
CA THR B 363 24.77 -44.58 -30.71
C THR B 363 23.47 -44.92 -29.98
N GLY B 364 23.26 -44.25 -28.85
CA GLY B 364 22.07 -44.44 -28.06
C GLY B 364 21.77 -43.22 -27.24
N GLN B 365 20.53 -43.12 -26.80
CA GLN B 365 20.05 -41.97 -26.05
C GLN B 365 19.13 -42.42 -24.92
N ALA B 366 19.41 -41.92 -23.72
CA ALA B 366 18.62 -42.24 -22.53
C ALA B 366 18.32 -40.97 -21.76
N ALA B 367 17.36 -41.07 -20.84
CA ALA B 367 16.97 -39.98 -19.98
C ALA B 367 17.19 -40.37 -18.52
N ASP B 368 17.57 -39.39 -17.71
CA ASP B 368 17.81 -39.62 -16.29
C ASP B 368 16.61 -39.14 -15.50
N LEU B 369 15.95 -40.08 -14.81
CA LEU B 369 14.77 -39.72 -14.00
C LEU B 369 15.15 -38.83 -12.83
N LYS B 370 16.24 -39.15 -12.13
CA LYS B 370 16.55 -38.48 -10.87
C LYS B 370 16.77 -36.98 -11.07
N SER B 371 17.51 -36.61 -12.11
CA SER B 371 17.75 -35.19 -12.37
C SER B 371 16.53 -34.48 -12.95
N THR B 372 15.63 -35.22 -13.59
CA THR B 372 14.44 -34.61 -14.17
C THR B 372 13.38 -34.31 -13.12
N GLN B 373 13.16 -35.25 -12.19
CA GLN B 373 12.21 -35.00 -11.11
C GLN B 373 12.70 -33.89 -10.18
N ALA B 374 14.02 -33.85 -9.92
CA ALA B 374 14.55 -32.78 -9.09
C ALA B 374 14.26 -31.41 -9.70
N ALA B 375 14.26 -31.32 -11.02
CA ALA B 375 13.90 -30.07 -11.68
C ALA B 375 12.39 -29.87 -11.69
N ILE B 376 11.62 -30.93 -11.93
CA ILE B 376 10.17 -30.81 -11.99
C ILE B 376 9.60 -30.50 -10.61
N ASP B 377 10.09 -31.16 -9.57
CA ASP B 377 9.53 -30.97 -8.24
C ASP B 377 9.81 -29.56 -7.72
N GLN B 378 10.95 -28.97 -8.09
CA GLN B 378 11.19 -27.59 -7.72
C GLN B 378 10.27 -26.63 -8.47
N ILE B 379 9.91 -26.96 -9.72
CA ILE B 379 9.00 -26.10 -10.47
C ILE B 379 7.58 -26.21 -9.93
N ASN B 380 7.16 -27.43 -9.57
CA ASN B 380 5.84 -27.57 -8.97
C ASN B 380 5.79 -26.96 -7.58
N GLY B 381 6.90 -27.01 -6.84
CA GLY B 381 6.93 -26.45 -5.50
C GLY B 381 6.69 -24.95 -5.50
N LYS B 382 7.26 -24.24 -6.48
CA LYS B 382 7.05 -22.80 -6.52
C LYS B 382 5.67 -22.44 -7.08
N LEU B 383 5.15 -23.22 -8.03
CA LEU B 383 3.78 -23.02 -8.49
C LEU B 383 2.80 -23.11 -7.33
N ASN B 384 2.92 -24.15 -6.51
CA ASN B 384 1.98 -24.33 -5.41
C ASN B 384 2.04 -23.18 -4.42
N ARG B 385 3.20 -22.57 -4.25
CA ARG B 385 3.30 -21.39 -3.40
C ARG B 385 2.72 -20.14 -4.08
N VAL B 386 2.79 -20.09 -5.41
CA VAL B 386 2.19 -18.97 -6.13
C VAL B 386 0.67 -19.10 -6.17
N ILE B 387 0.15 -20.34 -6.22
CA ILE B 387 -1.29 -20.57 -6.29
C ILE B 387 -1.94 -20.62 -4.92
N GLU B 388 -1.17 -20.76 -3.83
CA GLU B 388 -1.76 -21.02 -2.53
C GLU B 388 -2.57 -19.84 -2.01
N LYS B 389 -2.25 -18.62 -2.45
CA LYS B 389 -3.02 -17.46 -2.01
C LYS B 389 -4.44 -17.50 -2.58
N THR B 390 -5.43 -17.28 -1.71
CA THR B 390 -6.83 -17.24 -2.10
C THR B 390 -7.36 -15.82 -2.23
N ASN B 391 -7.18 -14.99 -1.21
CA ASN B 391 -7.63 -13.60 -1.19
C ASN B 391 -9.14 -13.50 -1.36
N GLU B 392 -9.89 -13.54 -0.26
CA GLU B 392 -11.34 -13.44 -0.29
C GLU B 392 -11.74 -12.10 0.32
N LYS B 393 -12.28 -11.22 -0.52
CA LYS B 393 -12.75 -9.91 -0.09
C LYS B 393 -14.22 -9.78 -0.45
N PHE B 394 -14.96 -9.02 0.36
CA PHE B 394 -16.39 -8.86 0.13
C PHE B 394 -16.74 -7.39 -0.08
N HIS B 395 -17.39 -6.77 0.90
CA HIS B 395 -17.74 -5.36 0.79
C HIS B 395 -16.48 -4.53 0.93
N GLN B 396 -16.21 -3.69 -0.08
CA GLN B 396 -14.96 -2.93 -0.13
C GLN B 396 -15.28 -1.44 -0.15
N ILE B 397 -14.76 -0.72 -1.14
CA ILE B 397 -15.13 0.66 -1.39
C ILE B 397 -15.63 0.77 -2.84
N GLU B 398 -16.25 1.90 -3.14
CA GLU B 398 -16.60 2.18 -4.52
C GLU B 398 -15.34 2.55 -5.30
N LYS B 399 -15.33 2.16 -6.57
CA LYS B 399 -14.16 2.36 -7.42
C LYS B 399 -14.48 3.04 -8.74
N GLU B 400 -15.75 3.26 -9.06
CA GLU B 400 -16.19 4.05 -10.18
C GLU B 400 -17.26 5.02 -9.70
N PHE B 401 -17.23 6.26 -10.20
CA PHE B 401 -18.09 7.30 -9.68
C PHE B 401 -18.73 8.08 -10.82
N SER B 402 -20.01 8.43 -10.64
CA SER B 402 -20.77 9.14 -11.66
C SER B 402 -20.91 10.64 -11.38
N GLU B 403 -20.98 11.05 -10.12
CA GLU B 403 -21.04 12.46 -9.77
C GLU B 403 -19.67 13.01 -9.43
N VAL B 404 -19.51 14.31 -9.63
CA VAL B 404 -18.32 15.02 -9.19
C VAL B 404 -18.48 15.38 -7.72
N GLU B 405 -17.50 15.00 -6.91
CA GLU B 405 -17.66 15.11 -5.46
C GLU B 405 -16.52 15.88 -4.81
N GLY B 406 -15.29 15.56 -5.16
CA GLY B 406 -14.16 16.31 -4.65
C GLY B 406 -13.29 15.57 -3.66
N ARG B 407 -13.30 16.04 -2.40
CA ARG B 407 -12.26 15.62 -1.45
C ARG B 407 -12.34 14.13 -1.14
N ILE B 408 -13.55 13.60 -0.93
CA ILE B 408 -13.65 12.23 -0.45
C ILE B 408 -13.35 11.22 -1.56
N GLN B 409 -13.83 11.45 -2.78
CA GLN B 409 -13.56 10.46 -3.82
C GLN B 409 -12.14 10.60 -4.36
N ASP B 410 -11.55 11.80 -4.26
CA ASP B 410 -10.13 11.92 -4.54
C ASP B 410 -9.33 10.95 -3.68
N LEU B 411 -9.67 10.86 -2.40
CA LEU B 411 -9.00 9.90 -1.53
C LEU B 411 -9.38 8.47 -1.89
N GLU B 412 -10.67 8.23 -2.14
CA GLU B 412 -11.12 6.90 -2.56
C GLU B 412 -10.47 6.46 -3.87
N LYS B 413 -10.21 7.41 -4.77
CA LYS B 413 -9.49 7.07 -6.00
C LYS B 413 -7.99 6.93 -5.75
N TYR B 414 -7.43 7.79 -4.90
CA TYR B 414 -6.00 7.71 -4.61
C TYR B 414 -5.65 6.41 -3.90
N VAL B 415 -6.51 5.97 -2.98
CA VAL B 415 -6.28 4.71 -2.27
C VAL B 415 -6.27 3.54 -3.24
N GLU B 416 -7.30 3.43 -4.07
CA GLU B 416 -7.38 2.31 -5.00
C GLU B 416 -6.26 2.36 -6.03
N ASP B 417 -5.97 3.54 -6.57
CA ASP B 417 -4.90 3.66 -7.55
C ASP B 417 -3.53 3.38 -6.93
N THR B 418 -3.33 3.77 -5.66
CA THR B 418 -2.09 3.42 -4.98
C THR B 418 -2.00 1.92 -4.74
N LYS B 419 -3.12 1.28 -4.39
CA LYS B 419 -3.14 -0.17 -4.22
C LYS B 419 -2.73 -0.89 -5.50
N ILE B 420 -3.34 -0.50 -6.63
CA ILE B 420 -3.12 -1.20 -7.89
C ILE B 420 -1.66 -1.10 -8.33
N ASP B 421 -1.00 0.02 -8.06
CA ASP B 421 0.40 0.16 -8.44
C ASP B 421 1.29 -0.73 -7.59
N LEU B 422 1.04 -0.78 -6.28
CA LEU B 422 1.89 -1.59 -5.39
C LEU B 422 1.81 -3.07 -5.73
N TRP B 423 0.61 -3.58 -6.03
CA TRP B 423 0.50 -4.98 -6.41
C TRP B 423 1.04 -5.23 -7.82
N SER B 424 0.89 -4.27 -8.73
CA SER B 424 1.49 -4.43 -10.05
C SER B 424 3.01 -4.50 -9.96
N TYR B 425 3.61 -3.74 -9.04
CA TYR B 425 5.03 -3.89 -8.77
C TYR B 425 5.35 -5.28 -8.25
N ASN B 426 4.59 -5.72 -7.24
CA ASN B 426 4.85 -7.04 -6.64
C ASN B 426 4.70 -8.15 -7.67
N ALA B 427 3.72 -8.03 -8.56
CA ALA B 427 3.51 -9.06 -9.59
C ALA B 427 4.65 -9.06 -10.60
N GLU B 428 5.10 -7.88 -11.02
CA GLU B 428 6.18 -7.80 -12.01
C GLU B 428 7.48 -8.33 -11.43
N LEU B 429 7.84 -7.89 -10.22
CA LEU B 429 9.07 -8.35 -9.58
C LEU B 429 9.03 -9.85 -9.31
N LEU B 430 7.87 -10.36 -8.88
CA LEU B 430 7.76 -11.78 -8.55
C LEU B 430 8.05 -12.65 -9.77
N VAL B 431 7.46 -12.30 -10.92
CA VAL B 431 7.71 -13.05 -12.15
C VAL B 431 9.19 -13.01 -12.50
N ALA B 432 9.81 -11.83 -12.41
CA ALA B 432 11.21 -11.70 -12.76
C ALA B 432 12.11 -12.49 -11.81
N LEU B 433 11.79 -12.49 -10.51
CA LEU B 433 12.58 -13.27 -9.57
C LEU B 433 12.41 -14.76 -9.80
N GLU B 434 11.16 -15.23 -9.88
CA GLU B 434 10.89 -16.65 -10.05
C GLU B 434 11.55 -17.19 -11.31
N ASN B 435 11.45 -16.47 -12.43
CA ASN B 435 11.98 -16.97 -13.69
C ASN B 435 13.50 -17.04 -13.65
N GLN B 436 14.16 -16.00 -13.12
CA GLN B 436 15.60 -16.06 -12.93
C GLN B 436 15.99 -17.26 -12.10
N HIS B 437 15.21 -17.56 -11.05
CA HIS B 437 15.46 -18.73 -10.22
C HIS B 437 15.15 -20.01 -10.96
N THR B 438 14.08 -20.02 -11.75
CA THR B 438 13.75 -21.20 -12.56
C THR B 438 14.87 -21.55 -13.52
N ILE B 439 15.41 -20.55 -14.22
CA ILE B 439 16.52 -20.79 -15.14
C ILE B 439 17.75 -21.25 -14.37
N ASP B 440 18.05 -20.59 -13.25
CA ASP B 440 19.24 -20.94 -12.48
C ASP B 440 19.17 -22.36 -11.95
N LEU B 441 17.99 -22.78 -11.46
CA LEU B 441 17.88 -24.09 -10.85
C LEU B 441 17.97 -25.20 -11.90
N THR B 442 17.41 -24.97 -13.09
CA THR B 442 17.51 -25.98 -14.14
C THR B 442 18.94 -26.10 -14.66
N ASP B 443 19.64 -24.97 -14.82
CA ASP B 443 21.05 -25.01 -15.18
C ASP B 443 21.87 -25.71 -14.11
N SER B 444 21.43 -25.66 -12.86
CA SER B 444 22.15 -26.33 -11.79
C SER B 444 22.04 -27.85 -11.89
N GLU B 445 20.84 -28.35 -12.17
CA GLU B 445 20.65 -29.79 -12.32
C GLU B 445 21.51 -30.35 -13.44
N MET B 446 21.65 -29.60 -14.54
CA MET B 446 22.50 -30.06 -15.63
C MET B 446 23.96 -30.13 -15.19
N ASN B 447 24.43 -29.11 -14.47
CA ASN B 447 25.80 -29.13 -13.97
C ASN B 447 26.01 -30.22 -12.93
N LYS B 448 24.98 -30.51 -12.13
CA LYS B 448 25.14 -31.53 -11.09
C LYS B 448 25.17 -32.94 -11.70
N LEU B 449 24.37 -33.20 -12.73
CA LEU B 449 24.42 -34.49 -13.39
C LEU B 449 25.75 -34.69 -14.12
N PHE B 450 26.28 -33.61 -14.71
CA PHE B 450 27.56 -33.72 -15.41
C PHE B 450 28.69 -34.01 -14.44
N GLU B 451 28.67 -33.38 -13.26
CA GLU B 451 29.74 -33.62 -12.28
C GLU B 451 29.58 -34.98 -11.62
N LYS B 452 28.33 -35.41 -11.38
CA LYS B 452 28.09 -36.74 -10.85
C LYS B 452 28.70 -37.82 -11.74
N THR B 453 28.51 -37.69 -13.06
CA THR B 453 29.11 -38.62 -14.00
C THR B 453 30.63 -38.50 -14.01
N ARG B 454 31.14 -37.27 -13.95
CA ARG B 454 32.58 -37.04 -13.99
C ARG B 454 33.31 -37.88 -12.93
N ARG B 455 32.78 -37.90 -11.72
CA ARG B 455 33.45 -38.52 -10.59
C ARG B 455 33.23 -40.03 -10.53
N GLN B 456 32.20 -40.54 -11.19
CA GLN B 456 32.08 -41.99 -11.36
C GLN B 456 33.22 -42.52 -12.23
N LEU B 457 33.61 -41.75 -13.25
CA LEU B 457 34.60 -42.19 -14.22
C LEU B 457 36.03 -42.08 -13.70
N ARG B 458 36.24 -41.44 -12.56
CA ARG B 458 37.56 -41.35 -11.91
C ARG B 458 38.66 -40.99 -12.89
N GLU B 459 39.50 -41.96 -13.25
CA GLU B 459 40.61 -41.75 -14.17
C GLU B 459 40.38 -42.44 -15.51
N ASN B 460 39.16 -42.86 -15.81
CA ASN B 460 38.88 -43.62 -17.01
C ASN B 460 38.40 -42.77 -18.17
N ALA B 461 38.25 -41.45 -17.98
CA ALA B 461 37.73 -40.59 -19.01
C ALA B 461 38.31 -39.19 -18.85
N GLU B 462 38.01 -38.33 -19.83
CA GLU B 462 38.45 -36.95 -19.81
C GLU B 462 37.32 -36.08 -20.37
N ASP B 463 37.24 -34.85 -19.87
CA ASP B 463 36.19 -33.92 -20.30
C ASP B 463 36.63 -33.28 -21.61
N MET B 464 35.96 -33.66 -22.71
CA MET B 464 36.27 -33.12 -24.02
C MET B 464 35.94 -31.64 -24.15
N GLY B 465 35.21 -31.06 -23.20
CA GLY B 465 34.92 -29.64 -23.22
C GLY B 465 33.50 -29.30 -23.59
N ASN B 466 32.98 -29.95 -24.63
CA ASN B 466 31.63 -29.69 -25.13
C ASN B 466 30.54 -30.36 -24.30
N GLY B 467 30.82 -30.70 -23.05
CA GLY B 467 29.85 -31.44 -22.26
C GLY B 467 29.83 -32.93 -22.53
N CYS B 468 30.92 -33.48 -23.06
CA CYS B 468 31.01 -34.89 -23.37
C CYS B 468 32.28 -35.47 -22.76
N PHE B 469 32.22 -36.74 -22.39
CA PHE B 469 33.36 -37.47 -21.87
C PHE B 469 33.94 -38.37 -22.94
N LYS B 470 35.27 -38.46 -22.99
CA LYS B 470 35.95 -39.44 -23.83
C LYS B 470 36.40 -40.57 -22.93
N ILE B 471 35.63 -41.65 -22.92
CA ILE B 471 35.94 -42.82 -22.10
C ILE B 471 36.95 -43.68 -22.84
N TYR B 472 38.06 -43.99 -22.19
CA TYR B 472 39.20 -44.65 -22.84
C TYR B 472 39.19 -46.16 -22.64
N HIS B 473 38.07 -46.81 -22.91
CA HIS B 473 38.03 -48.28 -22.90
C HIS B 473 36.77 -48.74 -23.63
N LYS B 474 36.79 -50.01 -24.06
CA LYS B 474 35.60 -50.61 -24.65
C LYS B 474 34.44 -50.50 -23.69
N CYS B 475 33.35 -49.88 -24.16
CA CYS B 475 32.25 -49.51 -23.29
C CYS B 475 30.94 -49.82 -24.02
N ASP B 476 30.56 -51.10 -24.00
CA ASP B 476 29.33 -51.54 -24.65
C ASP B 476 28.12 -50.97 -23.93
N ASN B 477 26.93 -51.31 -24.45
CA ASN B 477 25.70 -50.72 -23.92
C ASN B 477 25.45 -51.13 -22.47
N ALA B 478 25.88 -52.33 -22.08
CA ALA B 478 25.77 -52.73 -20.69
C ALA B 478 26.68 -51.90 -19.79
N CYS B 479 27.79 -51.41 -20.31
CA CYS B 479 28.69 -50.57 -19.53
C CYS B 479 28.18 -49.14 -19.44
N ILE B 480 27.60 -48.62 -20.52
CA ILE B 480 26.94 -47.32 -20.46
C ILE B 480 25.83 -47.33 -19.43
N GLY B 481 24.98 -48.36 -19.48
CA GLY B 481 23.88 -48.46 -18.53
C GLY B 481 24.34 -48.50 -17.08
N SER B 482 25.54 -49.05 -16.84
CA SER B 482 26.09 -49.02 -15.49
C SER B 482 26.42 -47.59 -15.06
N ILE B 483 27.00 -46.80 -15.96
CA ILE B 483 27.23 -45.39 -15.69
C ILE B 483 25.90 -44.67 -15.47
N ARG B 484 24.89 -45.01 -16.27
CA ARG B 484 23.62 -44.29 -16.22
C ARG B 484 22.94 -44.45 -14.87
N ASN B 485 22.90 -45.67 -14.34
CA ASN B 485 22.28 -45.90 -13.04
C ASN B 485 23.33 -46.22 -11.97
N GLY B 486 24.48 -45.57 -12.05
CA GLY B 486 25.35 -45.47 -10.88
C GLY B 486 25.89 -46.79 -10.37
N THR B 487 26.15 -47.73 -11.28
CA THR B 487 26.75 -49.00 -10.90
C THR B 487 28.07 -49.25 -11.64
N TYR B 488 28.63 -48.21 -12.25
CA TYR B 488 29.93 -48.31 -12.90
C TYR B 488 31.03 -48.53 -11.87
N ASP B 489 31.84 -49.56 -12.08
CA ASP B 489 33.00 -49.84 -11.23
C ASP B 489 34.25 -49.41 -11.99
N HIS B 490 34.87 -48.31 -11.54
CA HIS B 490 35.97 -47.73 -12.30
C HIS B 490 37.21 -48.62 -12.25
N ASP B 491 37.35 -49.43 -11.20
CA ASP B 491 38.51 -50.31 -11.09
C ASP B 491 38.53 -51.37 -12.19
N VAL B 492 37.36 -51.82 -12.63
CA VAL B 492 37.29 -52.88 -13.63
C VAL B 492 37.96 -52.44 -14.93
N TYR B 493 37.83 -51.15 -15.27
CA TYR B 493 38.32 -50.62 -16.54
C TYR B 493 39.57 -49.75 -16.37
N ARG B 494 40.12 -49.68 -15.15
CA ARG B 494 41.15 -48.68 -14.85
C ARG B 494 42.43 -48.95 -15.64
N ASP B 495 42.95 -50.17 -15.55
CA ASP B 495 44.21 -50.50 -16.21
C ASP B 495 44.11 -50.29 -17.72
N GLU B 496 43.02 -50.73 -18.33
CA GLU B 496 42.80 -50.48 -19.76
C GLU B 496 42.75 -48.99 -20.05
N ALA B 497 42.05 -48.22 -19.23
CA ALA B 497 41.88 -46.79 -19.50
C ALA B 497 43.19 -46.03 -19.30
N LEU B 498 43.89 -46.30 -18.20
CA LEU B 498 45.19 -45.65 -17.98
C LEU B 498 46.18 -46.05 -19.06
N ASN B 499 46.02 -47.23 -19.66
CA ASN B 499 46.84 -47.61 -20.80
C ASN B 499 46.57 -46.70 -21.99
N ASN B 500 45.29 -46.56 -22.38
CA ASN B 500 44.95 -45.82 -23.59
C ASN B 500 45.20 -44.33 -23.42
N ARG B 501 44.95 -43.80 -22.22
CA ARG B 501 45.16 -42.37 -22.00
C ARG B 501 46.63 -41.98 -22.20
N PHE B 502 47.53 -42.70 -21.56
CA PHE B 502 48.91 -42.26 -21.35
C PHE B 502 49.82 -43.04 -22.29
N GLN B 503 49.81 -42.64 -23.57
CA GLN B 503 50.71 -43.18 -24.58
C GLN B 503 51.65 -42.07 -25.05
N ILE B 504 52.89 -42.44 -25.31
CA ILE B 504 53.88 -41.48 -25.81
C ILE B 504 54.49 -42.00 -27.11
N PRO C 6 65.50 -35.39 -10.56
CA PRO C 6 65.32 -34.33 -11.55
C PRO C 6 64.11 -33.44 -11.27
N GLY C 7 64.35 -32.17 -10.96
CA GLY C 7 63.26 -31.26 -10.63
C GLY C 7 63.00 -30.19 -11.67
N ASN C 8 61.82 -30.23 -12.28
CA ASN C 8 61.39 -29.27 -13.30
C ASN C 8 62.43 -29.13 -14.40
N ASP C 9 62.85 -30.26 -14.97
CA ASP C 9 63.95 -30.21 -15.93
C ASP C 9 63.53 -29.53 -17.23
N ASN C 10 62.42 -29.96 -17.82
CA ASN C 10 62.00 -29.23 -19.01
C ASN C 10 61.19 -28.00 -18.62
N SER C 11 61.14 -27.04 -19.54
CA SER C 11 60.56 -25.74 -19.26
C SER C 11 59.03 -25.81 -19.27
N THR C 12 58.42 -24.85 -18.57
CA THR C 12 56.98 -24.75 -18.44
C THR C 12 56.56 -23.28 -18.54
N ALA C 13 55.25 -23.05 -18.59
CA ALA C 13 54.70 -21.71 -18.67
C ALA C 13 53.57 -21.55 -17.67
N THR C 14 53.24 -20.30 -17.37
CA THR C 14 52.20 -19.97 -16.39
C THR C 14 51.17 -19.06 -17.05
N LEU C 15 49.89 -19.40 -16.87
CA LEU C 15 48.79 -18.62 -17.42
C LEU C 15 47.80 -18.33 -16.29
N CYS C 16 47.57 -17.05 -16.02
CA CYS C 16 46.75 -16.64 -14.89
C CYS C 16 45.46 -15.98 -15.35
N LEU C 17 44.42 -16.16 -14.53
CA LEU C 17 43.07 -15.66 -14.79
C LEU C 17 42.72 -14.60 -13.75
N GLY C 18 42.30 -13.43 -14.21
CA GLY C 18 42.05 -12.34 -13.29
C GLY C 18 40.89 -11.46 -13.70
N HIS C 19 40.59 -10.51 -12.83
CA HIS C 19 39.57 -9.51 -13.06
C HIS C 19 40.11 -8.14 -12.63
N HIS C 20 39.55 -7.09 -13.22
CA HIS C 20 40.08 -5.75 -12.98
C HIS C 20 39.68 -5.25 -11.59
N ALA C 21 40.48 -4.31 -11.09
CA ALA C 21 40.18 -3.62 -9.85
C ALA C 21 40.48 -2.14 -10.02
N VAL C 22 39.85 -1.32 -9.18
CA VAL C 22 40.01 0.13 -9.27
C VAL C 22 40.39 0.66 -7.89
N PRO C 23 41.06 1.82 -7.85
CA PRO C 23 41.47 2.38 -6.55
C PRO C 23 40.38 3.14 -5.81
N ASN C 24 39.31 3.55 -6.50
CA ASN C 24 38.23 4.32 -5.89
C ASN C 24 36.92 3.52 -5.98
N GLY C 25 36.78 2.57 -5.07
CA GLY C 25 35.58 1.74 -5.00
C GLY C 25 34.39 2.49 -4.41
N THR C 26 33.24 1.82 -4.45
CA THR C 26 31.99 2.37 -3.95
C THR C 26 31.28 1.31 -3.11
N LEU C 27 30.80 1.73 -1.95
CA LEU C 27 30.08 0.81 -1.06
C LEU C 27 28.61 0.72 -1.47
N VAL C 28 28.09 -0.50 -1.49
CA VAL C 28 26.69 -0.77 -1.77
C VAL C 28 26.19 -1.82 -0.77
N LYS C 29 24.88 -2.04 -0.78
CA LYS C 29 24.23 -2.97 0.11
C LYS C 29 23.80 -4.23 -0.64
N THR C 30 23.88 -5.37 0.04
CA THR C 30 23.41 -6.64 -0.49
C THR C 30 22.54 -7.33 0.56
N ILE C 31 22.01 -8.50 0.18
CA ILE C 31 21.25 -9.30 1.12
C ILE C 31 22.11 -9.69 2.31
N THR C 32 23.40 -9.94 2.06
CA THR C 32 24.31 -10.36 3.11
C THR C 32 24.84 -9.17 3.91
N ASN C 33 25.52 -8.25 3.24
CA ASN C 33 26.39 -7.27 3.89
C ASN C 33 25.81 -5.87 3.78
N ASP C 34 26.01 -5.08 4.84
CA ASP C 34 25.57 -3.68 4.82
C ASP C 34 26.47 -2.81 3.97
N GLN C 35 27.75 -3.13 3.89
CA GLN C 35 28.70 -2.39 3.06
C GLN C 35 29.66 -3.37 2.41
N ILE C 36 29.59 -3.48 1.09
CA ILE C 36 30.53 -4.29 0.30
C ILE C 36 30.97 -3.46 -0.89
N GLU C 37 32.27 -3.40 -1.13
CA GLU C 37 32.85 -2.47 -2.07
C GLU C 37 32.85 -3.05 -3.48
N VAL C 38 32.36 -2.26 -4.45
CA VAL C 38 32.37 -2.66 -5.85
C VAL C 38 33.09 -1.60 -6.67
N THR C 39 33.20 -1.82 -7.98
CA THR C 39 33.97 -0.93 -8.83
C THR C 39 33.17 0.31 -9.22
N ASN C 40 32.01 0.12 -9.84
CA ASN C 40 31.17 1.20 -10.32
C ASN C 40 29.77 1.05 -9.75
N ALA C 41 29.15 2.18 -9.38
CA ALA C 41 27.78 2.20 -8.89
C ALA C 41 27.06 3.39 -9.50
N THR C 42 25.74 3.40 -9.33
CA THR C 42 24.91 4.50 -9.81
C THR C 42 23.84 4.81 -8.77
N GLU C 43 23.43 6.07 -8.73
CA GLU C 43 22.46 6.55 -7.76
C GLU C 43 21.05 6.37 -8.31
N LEU C 44 20.14 5.85 -7.47
CA LEU C 44 18.76 5.61 -7.86
C LEU C 44 17.79 6.61 -7.25
N VAL C 45 18.21 7.42 -6.28
CA VAL C 45 17.33 8.33 -5.56
C VAL C 45 17.67 9.75 -5.99
N GLN C 46 16.74 10.41 -6.67
CA GLN C 46 16.90 11.81 -7.06
C GLN C 46 16.67 12.69 -5.84
N SER C 47 17.71 13.39 -5.39
CA SER C 47 17.63 14.18 -4.17
C SER C 47 18.01 15.64 -4.37
N SER C 48 18.05 16.13 -5.60
CA SER C 48 18.41 17.52 -5.86
C SER C 48 17.55 18.07 -6.99
N SER C 49 17.32 19.39 -6.95
CA SER C 49 16.52 20.06 -7.95
C SER C 49 17.14 21.43 -8.24
N THR C 50 16.92 21.92 -9.46
CA THR C 50 17.38 23.25 -9.81
C THR C 50 16.62 24.36 -9.10
N GLY C 51 15.43 24.05 -8.60
CA GLY C 51 14.58 25.05 -7.97
C GLY C 51 13.68 25.80 -8.92
N ARG C 52 13.65 25.42 -10.20
CA ARG C 52 12.85 26.10 -11.21
C ARG C 52 11.76 25.17 -11.71
N ILE C 53 10.56 25.71 -11.87
CA ILE C 53 9.45 24.96 -12.46
C ILE C 53 9.48 25.21 -13.97
N CYS C 54 9.80 24.17 -14.74
CA CYS C 54 9.91 24.31 -16.18
C CYS C 54 8.53 24.54 -16.81
N ASP C 55 8.44 25.56 -17.65
CA ASP C 55 7.21 25.89 -18.35
C ASP C 55 6.87 24.90 -19.46
N SER C 56 7.69 23.86 -19.65
CA SER C 56 7.47 22.82 -20.64
C SER C 56 7.75 21.47 -20.00
N PRO C 57 7.12 20.39 -20.48
CA PRO C 57 6.13 20.35 -21.56
C PRO C 57 4.69 20.54 -21.06
N HIS C 58 4.54 21.02 -19.84
CA HIS C 58 3.23 21.19 -19.22
C HIS C 58 2.83 22.67 -19.26
N ARG C 59 1.54 22.93 -19.46
CA ARG C 59 1.01 24.28 -19.44
C ARG C 59 0.93 24.76 -18.00
N ILE C 60 1.90 25.57 -17.59
CA ILE C 60 1.95 26.12 -16.24
C ILE C 60 1.25 27.47 -16.23
N LEU C 61 0.47 27.71 -15.18
CA LEU C 61 -0.24 28.97 -14.99
C LEU C 61 0.16 29.54 -13.64
N ASP C 62 0.79 30.72 -13.65
CA ASP C 62 1.31 31.33 -12.44
C ASP C 62 0.24 32.20 -11.81
N GLY C 63 -0.21 31.83 -10.61
CA GLY C 63 -1.28 32.56 -9.95
C GLY C 63 -0.87 33.94 -9.48
N LYS C 64 0.42 34.13 -9.18
CA LYS C 64 0.97 35.43 -8.82
C LYS C 64 0.33 35.96 -7.53
N ASN C 65 -0.56 36.95 -7.65
CA ASN C 65 -1.31 37.47 -6.51
C ASN C 65 -2.71 36.86 -6.39
N CYS C 66 -3.00 35.79 -7.13
CA CYS C 66 -4.35 35.25 -7.18
C CYS C 66 -4.36 33.78 -6.79
N THR C 67 -5.33 33.39 -5.97
CA THR C 67 -5.63 32.00 -5.71
C THR C 67 -6.59 31.48 -6.78
N LEU C 68 -6.76 30.15 -6.82
CA LEU C 68 -7.67 29.56 -7.80
C LEU C 68 -9.10 30.03 -7.60
N ILE C 69 -9.52 30.26 -6.36
CA ILE C 69 -10.91 30.65 -6.09
C ILE C 69 -11.12 32.14 -6.29
N ASP C 70 -10.12 32.98 -5.97
CA ASP C 70 -10.25 34.40 -6.27
C ASP C 70 -10.31 34.65 -7.77
N ALA C 71 -9.63 33.82 -8.57
CA ALA C 71 -9.82 33.88 -10.02
C ALA C 71 -11.17 33.31 -10.40
N LEU C 72 -11.61 32.27 -9.70
CA LEU C 72 -12.92 31.67 -9.97
C LEU C 72 -14.04 32.68 -9.78
N LEU C 73 -14.07 33.34 -8.61
CA LEU C 73 -15.16 34.24 -8.28
C LEU C 73 -15.13 35.49 -9.15
N GLY C 74 -13.98 36.14 -9.26
CA GLY C 74 -13.86 37.33 -10.08
C GLY C 74 -13.35 38.54 -9.34
N ASP C 75 -12.48 38.32 -8.36
CA ASP C 75 -11.80 39.38 -7.64
C ASP C 75 -11.13 40.32 -8.63
N PRO C 76 -11.42 41.63 -8.60
CA PRO C 76 -10.99 42.53 -9.69
C PRO C 76 -9.52 42.46 -10.05
N HIS C 77 -8.61 42.25 -9.10
CA HIS C 77 -7.21 42.13 -9.48
C HIS C 77 -6.89 40.78 -10.09
N CYS C 78 -7.89 39.91 -10.26
CA CYS C 78 -7.74 38.62 -10.90
C CYS C 78 -8.51 38.53 -12.21
N ASP C 79 -8.81 39.67 -12.83
CA ASP C 79 -9.58 39.67 -14.07
C ASP C 79 -8.79 39.12 -15.25
N GLY C 80 -7.46 39.13 -15.18
CA GLY C 80 -6.67 38.55 -16.25
C GLY C 80 -6.79 37.04 -16.35
N PHE C 81 -7.16 36.38 -15.26
CA PHE C 81 -7.30 34.92 -15.23
C PHE C 81 -8.65 34.44 -15.75
N GLN C 82 -9.47 35.32 -16.32
CA GLN C 82 -10.78 34.89 -16.80
C GLN C 82 -10.63 33.97 -18.01
N ASN C 83 -11.38 32.87 -17.99
CA ASN C 83 -11.42 31.89 -19.08
C ASN C 83 -10.06 31.27 -19.37
N GLU C 84 -9.17 31.25 -18.38
CA GLU C 84 -7.83 30.73 -18.55
C GLU C 84 -7.83 29.22 -18.29
N LYS C 85 -6.92 28.51 -18.95
CA LYS C 85 -6.76 27.08 -18.79
C LYS C 85 -5.35 26.77 -18.31
N TRP C 86 -5.15 25.53 -17.85
CA TRP C 86 -3.87 25.15 -17.29
C TRP C 86 -3.79 23.63 -17.19
N ASP C 87 -2.57 23.12 -17.18
CA ASP C 87 -2.29 21.77 -16.71
C ASP C 87 -2.01 21.78 -15.20
N LEU C 88 -0.97 22.48 -14.80
CA LEU C 88 -0.68 22.72 -13.40
C LEU C 88 -0.82 24.21 -13.11
N PHE C 89 -1.71 24.56 -12.19
CA PHE C 89 -1.88 25.93 -11.73
C PHE C 89 -1.16 26.10 -10.40
N VAL C 90 -0.36 27.15 -10.30
CA VAL C 90 0.58 27.32 -9.20
C VAL C 90 0.06 28.46 -8.33
N GLU C 91 -0.53 28.11 -7.17
CA GLU C 91 -0.85 29.14 -6.19
C GLU C 91 0.41 29.61 -5.49
N ARG C 92 0.50 30.93 -5.31
CA ARG C 92 1.60 31.55 -4.58
C ARG C 92 1.15 31.89 -3.17
N SER C 93 2.09 31.82 -2.23
CA SER C 93 1.77 32.13 -0.84
C SER C 93 1.59 33.63 -0.59
N LYS C 94 1.98 34.47 -1.55
CA LYS C 94 1.81 35.91 -1.42
C LYS C 94 0.43 36.41 -1.85
N ALA C 95 -0.44 35.50 -2.30
CA ALA C 95 -1.75 35.88 -2.82
C ALA C 95 -2.65 36.34 -1.69
N PHE C 96 -3.83 36.86 -2.06
CA PHE C 96 -4.60 37.66 -1.10
C PHE C 96 -5.94 37.96 -1.76
N SER C 97 -6.95 38.31 -0.95
CA SER C 97 -8.28 38.60 -1.47
C SER C 97 -8.56 40.08 -1.26
N ASN C 98 -8.93 40.78 -2.34
CA ASN C 98 -9.16 42.22 -2.30
C ASN C 98 -10.57 42.59 -2.77
N CYS C 99 -11.52 41.69 -2.59
CA CYS C 99 -12.91 42.02 -2.92
C CYS C 99 -13.78 41.92 -1.69
N TYR C 100 -15.03 41.51 -1.87
CA TYR C 100 -15.95 41.46 -0.74
C TYR C 100 -15.57 40.28 0.15
N PRO C 101 -15.66 40.45 1.48
CA PRO C 101 -15.27 39.34 2.37
C PRO C 101 -16.13 38.12 2.14
N TYR C 102 -15.49 36.94 2.14
CA TYR C 102 -16.21 35.71 1.87
C TYR C 102 -15.54 34.54 2.57
N ASP C 103 -16.35 33.54 2.90
CA ASP C 103 -15.88 32.23 3.31
C ASP C 103 -16.48 31.17 2.40
N VAL C 104 -15.84 30.01 2.34
CA VAL C 104 -16.32 28.92 1.49
C VAL C 104 -16.39 27.65 2.32
N PRO C 105 -17.57 27.20 2.74
CA PRO C 105 -17.68 25.89 3.37
C PRO C 105 -17.22 24.80 2.42
N ASP C 106 -16.34 23.92 2.93
CA ASP C 106 -15.66 22.91 2.12
C ASP C 106 -14.89 23.58 0.98
N TYR C 107 -14.05 24.55 1.36
CA TYR C 107 -13.20 25.24 0.40
C TYR C 107 -12.25 24.28 -0.30
N ALA C 108 -11.87 23.19 0.37
CA ALA C 108 -10.91 22.26 -0.21
C ALA C 108 -11.49 21.50 -1.39
N SER C 109 -12.78 21.15 -1.33
CA SER C 109 -13.38 20.40 -2.43
C SER C 109 -13.61 21.29 -3.65
N LEU C 110 -14.05 22.53 -3.44
CA LEU C 110 -14.23 23.44 -4.56
C LEU C 110 -12.91 23.77 -5.24
N ARG C 111 -11.86 23.97 -4.45
CA ARG C 111 -10.53 24.18 -5.01
C ARG C 111 -10.07 22.96 -5.79
N SER C 112 -10.44 21.76 -5.32
CA SER C 112 -9.92 20.53 -5.92
C SER C 112 -10.56 20.25 -7.27
N LEU C 113 -11.89 20.40 -7.38
CA LEU C 113 -12.57 20.06 -8.62
C LEU C 113 -12.36 21.10 -9.70
N VAL C 114 -12.23 22.38 -9.33
CA VAL C 114 -11.90 23.40 -10.31
C VAL C 114 -10.49 23.18 -10.84
N ALA C 115 -9.56 22.78 -9.98
CA ALA C 115 -8.20 22.47 -10.42
C ALA C 115 -8.18 21.23 -11.31
N SER C 116 -8.98 20.22 -10.97
CA SER C 116 -9.02 19.01 -11.78
C SER C 116 -9.63 19.26 -13.15
N SER C 117 -10.53 20.24 -13.25
CA SER C 117 -11.08 20.60 -14.55
C SER C 117 -10.06 21.35 -15.40
N GLY C 118 -9.19 22.14 -14.77
CA GLY C 118 -8.15 22.83 -15.48
C GLY C 118 -8.61 23.94 -16.39
N THR C 119 -9.81 24.47 -16.18
CA THR C 119 -10.32 25.54 -17.01
C THR C 119 -11.22 26.43 -16.17
N LEU C 120 -11.17 27.73 -16.45
CA LEU C 120 -12.12 28.70 -15.91
C LEU C 120 -13.03 29.22 -17.01
N GLU C 121 -13.25 28.41 -18.05
CA GLU C 121 -14.12 28.75 -19.16
C GLU C 121 -15.54 28.99 -18.67
N PHE C 122 -15.94 30.26 -18.60
CA PHE C 122 -17.25 30.64 -18.08
C PHE C 122 -18.19 30.94 -19.24
N ILE C 123 -19.42 30.45 -19.12
CA ILE C 123 -20.45 30.62 -20.14
C ILE C 123 -21.58 31.45 -19.55
N ASN C 124 -21.69 32.70 -19.99
CA ASN C 124 -22.74 33.58 -19.50
C ASN C 124 -24.12 33.04 -19.88
N GLU C 125 -24.97 32.88 -18.87
CA GLU C 125 -26.37 32.57 -19.07
C GLU C 125 -27.23 33.73 -18.59
N GLY C 126 -28.32 33.98 -19.30
CA GLY C 126 -29.23 35.05 -18.93
C GLY C 126 -30.41 34.56 -18.13
N PHE C 127 -30.31 34.57 -16.81
CA PHE C 127 -31.45 34.24 -15.98
C PHE C 127 -32.51 35.33 -16.06
N ASN C 128 -33.69 35.02 -15.55
CA ASN C 128 -34.85 35.92 -15.60
C ASN C 128 -34.99 36.58 -14.24
N TRP C 129 -34.26 37.68 -14.06
CA TRP C 129 -34.29 38.43 -12.79
C TRP C 129 -35.18 39.65 -12.87
N THR C 130 -36.35 39.56 -13.50
CA THR C 130 -37.29 40.67 -13.50
C THR C 130 -38.07 40.67 -12.19
N GLY C 131 -38.18 41.85 -11.58
CA GLY C 131 -38.71 41.98 -10.24
C GLY C 131 -37.65 42.26 -9.20
N VAL C 132 -36.37 42.23 -9.58
CA VAL C 132 -35.26 42.58 -8.70
C VAL C 132 -34.27 43.38 -9.53
N THR C 133 -33.38 44.08 -8.85
CA THR C 133 -32.34 44.84 -9.53
C THR C 133 -31.00 44.11 -9.36
N GLN C 134 -30.11 44.31 -10.32
CA GLN C 134 -28.91 43.49 -10.45
C GLN C 134 -27.65 44.32 -10.20
N SER C 135 -26.51 43.63 -10.25
CA SER C 135 -25.18 44.25 -10.23
C SER C 135 -24.94 45.08 -8.98
N GLY C 136 -25.36 44.56 -7.84
CA GLY C 136 -25.07 45.20 -6.57
C GLY C 136 -23.58 45.27 -6.32
N GLY C 137 -23.07 46.45 -5.99
CA GLY C 137 -21.64 46.64 -5.81
C GLY C 137 -21.32 47.23 -4.45
N SER C 138 -20.07 47.05 -4.06
CA SER C 138 -19.56 47.56 -2.80
C SER C 138 -18.22 48.26 -3.04
N TYR C 139 -17.87 49.14 -2.11
CA TYR C 139 -16.61 49.87 -2.19
C TYR C 139 -15.43 49.05 -1.70
N ALA C 140 -15.67 47.96 -0.98
CA ALA C 140 -14.58 47.07 -0.58
C ALA C 140 -14.07 46.21 -1.73
N CYS C 141 -14.61 46.41 -2.94
CA CYS C 141 -14.26 45.60 -4.10
C CYS C 141 -14.13 46.54 -5.31
N LYS C 142 -13.18 47.47 -5.22
CA LYS C 142 -13.02 48.51 -6.23
C LYS C 142 -12.48 47.93 -7.52
N ARG C 143 -13.24 48.06 -8.61
CA ARG C 143 -12.75 47.82 -9.95
C ARG C 143 -12.61 49.15 -10.68
N GLY C 144 -11.43 49.41 -11.20
CA GLY C 144 -11.14 50.75 -11.69
C GLY C 144 -11.19 51.72 -10.53
N SER C 145 -12.10 52.68 -10.61
CA SER C 145 -12.37 53.58 -9.50
C SER C 145 -13.80 53.47 -9.00
N ASP C 146 -14.63 52.66 -9.65
CA ASP C 146 -16.01 52.48 -9.25
C ASP C 146 -16.14 51.33 -8.26
N ASN C 147 -17.24 51.36 -7.50
CA ASN C 147 -17.56 50.27 -6.61
C ASN C 147 -18.07 49.09 -7.44
N SER C 148 -17.52 47.91 -7.20
CA SER C 148 -17.84 46.75 -8.03
C SER C 148 -17.98 45.53 -7.14
N PHE C 149 -17.90 44.35 -7.76
CA PHE C 149 -18.24 43.10 -7.09
C PHE C 149 -17.57 41.98 -7.89
N PHE C 150 -17.72 40.75 -7.41
CA PHE C 150 -17.11 39.61 -8.10
C PHE C 150 -17.65 39.49 -9.52
N SER C 151 -16.73 39.37 -10.49
CA SER C 151 -17.11 39.48 -11.89
C SER C 151 -18.09 38.40 -12.32
N ARG C 152 -18.03 37.23 -11.69
CA ARG C 152 -18.88 36.11 -12.08
C ARG C 152 -20.07 35.93 -11.15
N LEU C 153 -20.33 36.87 -10.25
CA LEU C 153 -21.47 36.82 -9.34
C LEU C 153 -22.32 38.06 -9.52
N ASN C 154 -23.62 37.90 -9.28
CA ASN C 154 -24.61 38.96 -9.39
C ASN C 154 -25.26 39.18 -8.04
N TRP C 155 -25.28 40.42 -7.57
CA TRP C 155 -25.76 40.74 -6.23
C TRP C 155 -27.11 41.45 -6.35
N LEU C 156 -28.17 40.71 -6.04
CA LEU C 156 -29.55 41.12 -6.25
C LEU C 156 -30.05 41.89 -5.03
N TYR C 157 -30.94 42.84 -5.28
CA TYR C 157 -31.20 43.86 -4.26
C TYR C 157 -32.45 44.61 -4.71
N GLU C 158 -32.92 45.53 -3.87
CA GLU C 158 -34.25 46.12 -4.00
C GLU C 158 -34.65 46.42 -5.45
N SER C 159 -35.91 46.13 -5.77
CA SER C 159 -36.58 46.61 -6.98
C SER C 159 -37.80 47.43 -6.55
N GLU C 160 -37.70 48.74 -6.71
CA GLU C 160 -38.77 49.66 -6.32
C GLU C 160 -39.22 49.41 -4.88
N SER C 161 -38.24 49.14 -4.02
CA SER C 161 -38.44 48.88 -2.59
C SER C 161 -39.24 47.60 -2.34
N LYS C 162 -39.12 46.61 -3.22
CA LYS C 162 -39.68 45.28 -2.99
C LYS C 162 -38.72 44.24 -3.52
N TYR C 163 -38.88 43.01 -3.02
CA TYR C 163 -38.01 41.91 -3.40
C TYR C 163 -38.74 40.60 -3.13
N PRO C 164 -39.51 40.11 -4.10
CA PRO C 164 -40.41 38.99 -3.86
C PRO C 164 -39.69 37.66 -3.97
N VAL C 165 -40.46 36.58 -3.83
CA VAL C 165 -39.91 35.23 -3.94
C VAL C 165 -39.47 35.00 -5.38
N LEU C 166 -38.20 34.65 -5.56
CA LEU C 166 -37.63 34.45 -6.88
C LEU C 166 -37.77 32.99 -7.29
N ASN C 167 -38.53 32.74 -8.36
CA ASN C 167 -38.56 31.44 -9.02
C ASN C 167 -37.77 31.57 -10.31
N VAL C 168 -36.60 30.94 -10.38
CA VAL C 168 -35.73 31.01 -11.54
C VAL C 168 -35.24 29.61 -11.87
N THR C 169 -35.29 29.24 -13.15
CA THR C 169 -34.89 27.92 -13.61
C THR C 169 -33.88 28.08 -14.74
N MET C 170 -33.04 27.06 -14.90
CA MET C 170 -32.14 27.02 -16.05
C MET C 170 -31.81 25.58 -16.42
N PRO C 171 -32.26 25.11 -17.57
CA PRO C 171 -32.02 23.72 -17.95
C PRO C 171 -30.61 23.50 -18.48
N ASN C 172 -30.13 22.27 -18.28
CA ASN C 172 -28.88 21.80 -18.86
C ASN C 172 -29.27 20.99 -20.10
N ASN C 173 -29.35 21.68 -21.25
CA ASN C 173 -29.81 21.06 -22.47
C ASN C 173 -28.69 20.41 -23.28
N GLY C 174 -27.46 20.90 -23.12
CA GLY C 174 -26.33 20.35 -23.85
C GLY C 174 -25.67 19.20 -23.11
N ASN C 175 -24.63 18.66 -23.73
CA ASN C 175 -23.86 17.59 -23.13
C ASN C 175 -22.87 18.14 -22.11
N PHE C 176 -22.46 17.26 -21.20
CA PHE C 176 -21.42 17.53 -20.19
C PHE C 176 -21.89 18.51 -19.14
N ASP C 177 -21.23 18.51 -17.99
CA ASP C 177 -21.79 19.09 -16.77
C ASP C 177 -21.67 20.61 -16.76
N LYS C 178 -22.34 21.22 -15.77
CA LYS C 178 -22.32 22.66 -15.54
C LYS C 178 -22.01 22.93 -14.07
N LEU C 179 -20.99 23.73 -13.81
CA LEU C 179 -20.63 24.14 -12.45
C LEU C 179 -21.20 25.53 -12.19
N TYR C 180 -22.15 25.63 -11.28
CA TYR C 180 -22.75 26.90 -10.89
C TYR C 180 -22.16 27.35 -9.57
N ILE C 181 -21.60 28.57 -9.55
CA ILE C 181 -21.05 29.18 -8.35
C ILE C 181 -21.99 30.28 -7.91
N TRP C 182 -22.43 30.23 -6.64
CA TRP C 182 -23.36 31.22 -6.11
C TRP C 182 -23.05 31.42 -4.63
N GLY C 183 -23.80 32.32 -3.99
CA GLY C 183 -23.49 32.67 -2.63
C GLY C 183 -24.67 33.22 -1.86
N VAL C 184 -24.42 33.56 -0.60
CA VAL C 184 -25.43 34.07 0.32
C VAL C 184 -24.85 35.23 1.10
N HIS C 185 -25.55 36.37 1.10
CA HIS C 185 -25.08 37.55 1.80
C HIS C 185 -25.46 37.49 3.27
N HIS C 186 -24.50 37.78 4.16
CA HIS C 186 -24.73 37.87 5.59
C HIS C 186 -24.59 39.33 6.01
N PRO C 187 -25.66 40.12 5.96
CA PRO C 187 -25.54 41.56 6.20
C PRO C 187 -25.05 41.88 7.61
N SER C 188 -24.46 43.06 7.75
CA SER C 188 -23.86 43.46 9.01
C SER C 188 -24.91 43.81 10.04
N THR C 189 -25.94 44.58 9.67
CA THR C 189 -26.94 45.06 10.60
C THR C 189 -28.34 44.75 10.07
N ASP C 190 -29.33 44.87 10.96
CA ASP C 190 -30.72 44.77 10.56
C ASP C 190 -31.10 45.87 9.58
N LYS C 191 -30.49 47.06 9.69
CA LYS C 191 -30.76 48.12 8.74
C LYS C 191 -30.31 47.72 7.34
N GLU C 192 -29.08 47.18 7.23
CA GLU C 192 -28.59 46.72 5.94
C GLU C 192 -29.44 45.56 5.41
N GLN C 193 -29.98 44.73 6.31
CA GLN C 193 -30.85 43.64 5.88
C GLN C 193 -32.10 44.17 5.19
N THR C 194 -32.78 45.14 5.81
CA THR C 194 -34.03 45.65 5.26
C THR C 194 -33.81 46.66 4.15
N LYS C 195 -32.70 47.40 4.18
CA LYS C 195 -32.44 48.36 3.12
C LYS C 195 -32.11 47.67 1.80
N LEU C 196 -31.61 46.44 1.85
CA LEU C 196 -31.26 45.70 0.65
C LEU C 196 -32.28 44.64 0.28
N TYR C 197 -33.02 44.09 1.26
CA TYR C 197 -33.85 42.92 1.02
C TYR C 197 -35.25 43.03 1.60
N VAL C 198 -35.55 44.08 2.36
CA VAL C 198 -36.88 44.37 2.92
C VAL C 198 -37.26 43.34 3.98
N ARG C 199 -37.43 42.09 3.59
CA ARG C 199 -37.89 41.07 4.51
C ARG C 199 -36.88 40.85 5.63
N ALA C 200 -37.39 40.44 6.80
CA ALA C 200 -36.55 40.35 7.99
C ALA C 200 -35.42 39.35 7.81
N SER C 201 -35.73 38.14 7.36
CA SER C 201 -34.73 37.12 7.11
C SER C 201 -34.96 36.52 5.73
N GLY C 202 -33.87 36.34 4.99
CA GLY C 202 -33.92 35.75 3.68
C GLY C 202 -33.78 34.25 3.73
N ARG C 203 -33.70 33.66 2.53
CA ARG C 203 -33.63 32.21 2.38
C ARG C 203 -33.21 31.84 0.96
N VAL C 204 -31.99 31.32 0.81
CA VAL C 204 -31.49 30.91 -0.49
C VAL C 204 -31.65 29.41 -0.64
N THR C 205 -32.25 28.98 -1.74
CA THR C 205 -32.40 27.56 -2.02
C THR C 205 -32.04 27.30 -3.47
N VAL C 206 -30.98 26.52 -3.68
CA VAL C 206 -30.55 26.07 -4.99
C VAL C 206 -30.72 24.56 -5.05
N SER C 207 -31.49 24.09 -6.03
CA SER C 207 -31.86 22.69 -6.10
C SER C 207 -31.71 22.16 -7.52
N THR C 208 -31.42 20.87 -7.60
CA THR C 208 -31.52 20.08 -8.82
C THR C 208 -32.52 18.96 -8.58
N LYS C 209 -32.56 18.00 -9.49
CA LYS C 209 -33.37 16.81 -9.27
C LYS C 209 -32.72 15.86 -8.27
N ARG C 210 -31.40 16.00 -8.05
CA ARG C 210 -30.65 15.10 -7.20
C ARG C 210 -30.33 15.68 -5.82
N SER C 211 -30.52 16.98 -5.62
CA SER C 211 -30.05 17.59 -4.39
C SER C 211 -30.82 18.87 -4.09
N GLN C 212 -30.83 19.23 -2.81
CA GLN C 212 -31.16 20.57 -2.36
C GLN C 212 -29.96 21.20 -1.65
N GLN C 213 -29.90 22.53 -1.74
CA GLN C 213 -28.97 23.33 -0.95
C GLN C 213 -29.73 24.57 -0.48
N THR C 214 -29.97 24.67 0.83
CA THR C 214 -30.73 25.76 1.39
C THR C 214 -29.97 26.38 2.55
N ILE C 215 -30.04 27.70 2.64
CA ILE C 215 -29.22 28.49 3.55
C ILE C 215 -30.08 29.59 4.14
N ILE C 216 -30.11 29.69 5.46
CA ILE C 216 -30.78 30.76 6.18
C ILE C 216 -29.69 31.72 6.68
N PRO C 217 -29.52 32.88 6.05
CA PRO C 217 -28.40 33.75 6.39
C PRO C 217 -28.51 34.31 7.80
N ASN C 218 -27.36 34.69 8.34
CA ASN C 218 -27.25 35.25 9.68
C ASN C 218 -26.76 36.68 9.59
N ILE C 219 -27.37 37.56 10.37
CA ILE C 219 -27.02 38.97 10.40
C ILE C 219 -25.96 39.21 11.47
N GLY C 220 -24.99 40.07 11.15
CA GLY C 220 -23.94 40.39 12.08
C GLY C 220 -23.07 39.23 12.49
N SER C 221 -23.08 38.14 11.72
CA SER C 221 -22.32 36.95 12.03
C SER C 221 -20.93 36.95 11.43
N ARG C 222 -20.51 38.04 10.80
CA ARG C 222 -19.21 38.07 10.15
C ARG C 222 -18.31 39.11 10.79
N PRO C 223 -17.04 38.78 11.03
CA PRO C 223 -16.12 39.73 11.66
C PRO C 223 -15.65 40.80 10.68
N TRP C 224 -15.07 41.86 11.24
CA TRP C 224 -14.66 43.01 10.46
C TRP C 224 -13.51 42.63 9.53
N VAL C 225 -13.73 42.75 8.23
CA VAL C 225 -12.71 42.45 7.22
C VAL C 225 -12.73 43.56 6.18
N ARG C 226 -11.66 44.36 6.14
CA ARG C 226 -11.46 45.39 5.12
C ARG C 226 -12.63 46.38 5.06
N GLY C 227 -13.01 46.89 6.23
CA GLY C 227 -14.01 47.94 6.32
C GLY C 227 -15.42 47.47 6.51
N LEU C 228 -15.69 46.17 6.51
CA LEU C 228 -17.04 45.64 6.57
C LEU C 228 -17.14 44.54 7.60
N SER C 229 -18.18 44.63 8.45
CA SER C 229 -18.61 43.50 9.27
C SER C 229 -19.65 42.65 8.55
N SER C 230 -19.51 42.54 7.23
CA SER C 230 -20.40 41.77 6.38
C SER C 230 -19.58 40.71 5.64
N GLY C 231 -20.28 39.79 5.00
CA GLY C 231 -19.62 38.71 4.29
C GLY C 231 -20.61 37.87 3.52
N ILE C 232 -20.07 37.11 2.57
CA ILE C 232 -20.86 36.25 1.69
C ILE C 232 -20.32 34.84 1.76
N SER C 233 -21.19 33.88 2.07
CA SER C 233 -20.81 32.48 2.08
C SER C 233 -21.01 31.88 0.69
N ILE C 234 -19.97 31.25 0.16
CA ILE C 234 -19.95 30.77 -1.21
C ILE C 234 -20.35 29.31 -1.25
N TYR C 235 -21.22 28.96 -2.20
CA TYR C 235 -21.74 27.63 -2.37
C TYR C 235 -21.75 27.30 -3.85
N TRP C 236 -21.75 26.01 -4.17
CA TRP C 236 -21.67 25.57 -5.55
C TRP C 236 -22.59 24.37 -5.78
N THR C 237 -23.04 24.24 -7.02
CA THR C 237 -23.94 23.17 -7.43
C THR C 237 -23.60 22.73 -8.85
N ILE C 238 -23.55 21.42 -9.07
CA ILE C 238 -23.25 20.84 -10.36
C ILE C 238 -24.54 20.25 -10.93
N VAL C 239 -24.84 20.61 -12.17
CA VAL C 239 -26.09 20.23 -12.83
C VAL C 239 -25.76 19.33 -14.01
N LYS C 240 -26.01 18.04 -13.85
CA LYS C 240 -25.71 17.06 -14.88
C LYS C 240 -26.61 17.26 -16.09
N PRO C 241 -26.25 16.71 -17.25
CA PRO C 241 -27.10 16.83 -18.43
C PRO C 241 -28.48 16.24 -18.20
N GLY C 242 -29.48 16.87 -18.80
CA GLY C 242 -30.86 16.49 -18.59
C GLY C 242 -31.44 16.93 -17.27
N ASP C 243 -30.62 17.34 -16.31
CA ASP C 243 -31.07 17.88 -15.04
C ASP C 243 -31.29 19.39 -15.19
N ILE C 244 -31.78 20.02 -14.13
CA ILE C 244 -32.11 21.44 -14.19
C ILE C 244 -31.73 22.12 -12.88
N LEU C 245 -31.36 23.40 -12.99
CA LEU C 245 -31.06 24.24 -11.84
C LEU C 245 -32.28 25.07 -11.49
N LEU C 246 -32.66 25.07 -10.22
CA LEU C 246 -33.72 25.94 -9.72
C LEU C 246 -33.17 26.79 -8.59
N ILE C 247 -33.45 28.09 -8.66
CA ILE C 247 -33.04 29.03 -7.62
C ILE C 247 -34.30 29.63 -7.03
N ASN C 248 -34.59 29.28 -5.77
CA ASN C 248 -35.74 29.81 -5.05
C ASN C 248 -35.21 30.63 -3.87
N SER C 249 -35.42 31.94 -3.91
CA SER C 249 -34.93 32.80 -2.85
C SER C 249 -35.83 34.02 -2.72
N ASN C 250 -36.07 34.43 -1.48
CA ASN C 250 -36.77 35.69 -1.19
C ASN C 250 -35.83 36.79 -0.76
N GLY C 251 -34.71 36.45 -0.15
CA GLY C 251 -33.80 37.44 0.39
C GLY C 251 -32.38 36.92 0.45
N ASN C 252 -31.43 37.86 0.35
CA ASN C 252 -30.01 37.60 0.64
C ASN C 252 -29.37 36.66 -0.37
N LEU C 253 -29.73 36.81 -1.65
CA LEU C 253 -29.25 35.92 -2.69
C LEU C 253 -28.12 36.55 -3.48
N ILE C 254 -27.03 35.79 -3.63
CA ILE C 254 -25.93 36.14 -4.53
C ILE C 254 -26.05 35.19 -5.71
N ALA C 255 -26.52 35.71 -6.83
CA ALA C 255 -26.86 34.83 -7.94
C ALA C 255 -25.69 34.64 -8.89
N PRO C 256 -25.61 33.48 -9.56
CA PRO C 256 -24.61 33.30 -10.59
C PRO C 256 -24.98 34.00 -11.88
N ARG C 257 -23.98 34.26 -12.70
CA ARG C 257 -24.18 34.80 -14.03
C ARG C 257 -24.09 33.71 -15.11
N GLY C 258 -23.92 32.46 -14.71
CA GLY C 258 -23.78 31.37 -15.64
C GLY C 258 -23.02 30.23 -14.97
N TYR C 259 -22.43 29.38 -15.81
CA TYR C 259 -21.70 28.22 -15.34
C TYR C 259 -20.28 28.21 -15.92
N PHE C 260 -19.40 27.45 -15.25
CA PHE C 260 -18.10 27.10 -15.79
C PHE C 260 -18.19 25.71 -16.40
N LYS C 261 -17.73 25.57 -17.65
CA LYS C 261 -17.76 24.27 -18.29
C LYS C 261 -16.79 23.32 -17.60
N ILE C 262 -17.27 22.12 -17.27
CA ILE C 262 -16.49 21.13 -16.55
C ILE C 262 -15.85 20.17 -17.54
N ARG C 263 -14.54 20.00 -17.43
CA ARG C 263 -13.78 19.05 -18.22
C ARG C 263 -13.05 18.09 -17.30
N THR C 264 -12.62 16.95 -17.85
CA THR C 264 -11.88 15.95 -17.10
C THR C 264 -10.54 15.73 -17.77
N GLY C 265 -9.46 15.85 -17.01
CA GLY C 265 -8.15 15.69 -17.60
C GLY C 265 -7.03 15.73 -16.57
N LYS C 266 -5.81 15.84 -17.09
CA LYS C 266 -4.57 15.78 -16.33
C LYS C 266 -4.36 16.97 -15.41
N SER C 267 -5.29 17.91 -15.36
CA SER C 267 -5.03 19.19 -14.71
C SER C 267 -5.09 19.06 -13.19
N SER C 268 -4.37 19.95 -12.51
CA SER C 268 -4.30 19.95 -11.06
C SER C 268 -3.77 21.30 -10.59
N ILE C 269 -3.50 21.42 -9.28
CA ILE C 269 -3.03 22.64 -8.65
C ILE C 269 -1.90 22.29 -7.70
N MET C 270 -0.98 23.23 -7.53
CA MET C 270 0.18 23.02 -6.66
C MET C 270 0.53 24.32 -5.95
N ARG C 271 0.92 24.20 -4.67
CA ARG C 271 1.37 25.33 -3.88
C ARG C 271 2.88 25.36 -3.91
N SER C 272 3.44 26.43 -4.47
CA SER C 272 4.90 26.52 -4.62
C SER C 272 5.30 27.97 -4.83
N ASP C 273 6.41 28.37 -4.21
CA ASP C 273 7.03 29.67 -4.42
C ASP C 273 8.24 29.58 -5.35
N ALA C 274 8.38 28.50 -6.11
CA ALA C 274 9.51 28.34 -7.01
C ALA C 274 9.26 29.14 -8.29
N PRO C 275 10.22 29.94 -8.73
CA PRO C 275 10.01 30.75 -9.94
C PRO C 275 9.92 29.88 -11.19
N ILE C 276 9.12 30.35 -12.14
CA ILE C 276 8.94 29.65 -13.41
C ILE C 276 10.11 29.99 -14.32
N GLY C 277 10.66 28.97 -14.99
CA GLY C 277 11.79 29.15 -15.86
C GLY C 277 11.51 28.65 -17.27
N THR C 278 12.45 28.94 -18.17
CA THR C 278 12.40 28.47 -19.56
C THR C 278 13.26 27.22 -19.65
N CYS C 279 12.59 26.06 -19.60
CA CYS C 279 13.25 24.76 -19.61
C CYS C 279 12.16 23.71 -19.82
N SER C 280 12.57 22.45 -19.93
CA SER C 280 11.65 21.35 -20.17
C SER C 280 11.95 20.22 -19.21
N SER C 281 10.92 19.76 -18.49
CA SER C 281 11.06 18.68 -17.52
C SER C 281 9.70 18.06 -17.28
N GLU C 282 9.63 16.73 -17.36
CA GLU C 282 8.35 16.03 -17.18
C GLU C 282 7.83 16.10 -15.76
N CYS C 283 8.71 16.29 -14.78
CA CYS C 283 8.33 16.21 -13.37
C CYS C 283 8.36 17.58 -12.72
N ILE C 284 7.38 17.85 -11.85
CA ILE C 284 7.25 19.13 -11.16
C ILE C 284 6.95 18.85 -9.69
N THR C 285 7.74 19.48 -8.82
CA THR C 285 7.51 19.42 -7.38
C THR C 285 7.37 20.86 -6.87
N PRO C 286 6.88 21.07 -5.65
CA PRO C 286 6.94 22.43 -5.08
C PRO C 286 8.37 22.95 -4.96
N ASN C 287 9.34 22.08 -4.69
CA ASN C 287 10.74 22.48 -4.68
C ASN C 287 11.23 22.92 -6.06
N GLY C 288 10.52 22.54 -7.13
CA GLY C 288 10.90 22.80 -8.50
C GLY C 288 10.84 21.53 -9.31
N SER C 289 11.35 21.60 -10.54
CA SER C 289 11.37 20.44 -11.42
C SER C 289 12.56 19.54 -11.10
N ILE C 290 12.39 18.24 -11.35
CA ILE C 290 13.45 17.27 -11.12
C ILE C 290 13.52 16.30 -12.29
N PRO C 291 14.71 15.76 -12.54
CA PRO C 291 14.84 14.75 -13.61
C PRO C 291 14.15 13.46 -13.23
N ASN C 292 13.58 12.78 -14.23
CA ASN C 292 12.87 11.53 -14.03
C ASN C 292 13.66 10.32 -14.53
N ASP C 293 14.99 10.44 -14.62
CA ASP C 293 15.80 9.30 -15.02
C ASP C 293 15.85 8.24 -13.93
N LYS C 294 16.06 8.66 -12.69
CA LYS C 294 16.14 7.72 -11.58
C LYS C 294 14.75 7.21 -11.22
N PRO C 295 14.65 6.00 -10.64
CA PRO C 295 13.33 5.48 -10.27
C PRO C 295 12.76 6.06 -8.99
N PHE C 296 13.59 6.64 -8.12
CA PHE C 296 13.14 7.13 -6.83
C PHE C 296 13.62 8.55 -6.62
N GLN C 297 12.88 9.30 -5.79
CA GLN C 297 13.25 10.67 -5.48
C GLN C 297 12.92 10.99 -4.04
N ASN C 298 13.75 11.83 -3.43
CA ASN C 298 13.56 12.27 -2.06
C ASN C 298 13.26 13.76 -1.97
N VAL C 299 12.94 14.41 -3.09
CA VAL C 299 12.75 15.86 -3.11
C VAL C 299 11.49 16.21 -2.33
N ASN C 300 10.33 15.82 -2.84
CA ASN C 300 9.08 16.10 -2.16
C ASN C 300 8.05 15.06 -2.56
N LYS C 301 7.26 14.60 -1.59
CA LYS C 301 6.17 13.67 -1.86
C LYS C 301 5.08 14.29 -2.71
N ILE C 302 5.02 15.61 -2.81
CA ILE C 302 4.10 16.30 -3.68
C ILE C 302 4.73 16.41 -5.06
N THR C 303 4.13 15.76 -6.06
CA THR C 303 4.66 15.78 -7.42
C THR C 303 3.52 15.98 -8.40
N TYR C 304 3.89 16.32 -9.64
CA TYR C 304 2.95 16.40 -10.75
C TYR C 304 3.65 15.92 -12.01
N GLY C 305 3.00 15.00 -12.73
CA GLY C 305 3.56 14.48 -13.96
C GLY C 305 4.30 13.18 -13.76
N ALA C 306 4.98 12.75 -14.83
CA ALA C 306 5.79 11.54 -14.81
C ALA C 306 6.98 11.76 -13.91
N CYS C 307 6.94 11.19 -12.72
CA CYS C 307 7.93 11.48 -11.68
C CYS C 307 8.45 10.19 -11.05
N PRO C 308 9.70 10.21 -10.59
CA PRO C 308 10.17 9.11 -9.73
C PRO C 308 9.34 9.05 -8.45
N LYS C 309 9.28 7.85 -7.88
CA LYS C 309 8.47 7.62 -6.69
C LYS C 309 9.17 8.18 -5.46
N TYR C 310 8.39 8.74 -4.55
CA TYR C 310 8.95 9.31 -3.34
C TYR C 310 9.32 8.20 -2.36
N VAL C 311 10.53 8.27 -1.80
CA VAL C 311 10.99 7.30 -0.83
C VAL C 311 11.66 8.03 0.33
N LYS C 312 11.65 7.40 1.50
CA LYS C 312 12.31 7.98 2.66
C LYS C 312 13.82 8.04 2.50
N GLN C 313 14.39 7.06 1.80
CA GLN C 313 15.84 7.03 1.62
C GLN C 313 16.31 8.25 0.83
N ASN C 314 17.44 8.81 1.24
CA ASN C 314 18.08 9.88 0.50
C ASN C 314 19.17 9.38 -0.45
N THR C 315 19.53 8.10 -0.36
CA THR C 315 20.45 7.50 -1.33
C THR C 315 20.23 6.00 -1.38
N LEU C 316 20.18 5.44 -2.58
CA LEU C 316 20.18 4.00 -2.81
C LEU C 316 21.08 3.74 -4.01
N LYS C 317 22.27 3.21 -3.75
CA LYS C 317 23.27 3.02 -4.79
C LYS C 317 23.19 1.61 -5.35
N LEU C 318 23.08 1.51 -6.66
CA LEU C 318 22.95 0.25 -7.38
C LEU C 318 24.32 -0.17 -7.91
N ALA C 319 24.79 -1.34 -7.49
CA ALA C 319 26.07 -1.83 -7.96
C ALA C 319 26.02 -2.07 -9.46
N THR C 320 26.98 -1.49 -10.18
CA THR C 320 27.06 -1.61 -11.63
C THR C 320 28.43 -2.12 -12.04
N GLY C 321 29.07 -2.88 -11.17
CA GLY C 321 30.36 -3.49 -11.43
C GLY C 321 30.58 -4.62 -10.46
N MET C 322 31.71 -5.29 -10.63
CA MET C 322 32.02 -6.45 -9.80
C MET C 322 32.59 -6.00 -8.45
N ARG C 323 32.80 -6.99 -7.57
CA ARG C 323 33.47 -6.73 -6.30
C ARG C 323 34.85 -6.16 -6.55
N ASN C 324 35.17 -5.09 -5.85
CA ASN C 324 36.48 -4.45 -5.96
C ASN C 324 37.44 -5.09 -4.96
N VAL C 325 38.50 -5.71 -5.47
CA VAL C 325 39.54 -6.30 -4.63
C VAL C 325 40.89 -5.80 -5.14
N PRO C 326 41.48 -4.78 -4.53
CA PRO C 326 42.71 -4.19 -5.09
C PRO C 326 43.91 -5.10 -4.94
N GLU C 327 44.84 -4.99 -5.88
CA GLU C 327 46.08 -5.74 -5.81
C GLU C 327 47.14 -4.95 -5.05
N PHE C 334 59.47 -10.86 -5.49
CA PHE C 334 58.44 -11.76 -6.01
C PHE C 334 58.00 -11.32 -7.40
N GLY C 335 58.40 -12.11 -8.41
CA GLY C 335 58.07 -11.84 -9.79
C GLY C 335 57.08 -12.80 -10.43
N ALA C 336 56.44 -13.66 -9.65
CA ALA C 336 55.46 -14.60 -10.17
C ALA C 336 54.08 -13.96 -10.18
N ILE C 337 53.38 -14.08 -11.30
CA ILE C 337 52.02 -13.54 -11.38
C ILE C 337 51.05 -14.46 -10.65
N ALA C 338 49.89 -13.91 -10.31
CA ALA C 338 48.84 -14.65 -9.62
C ALA C 338 47.49 -14.28 -10.23
N GLY C 339 46.44 -14.98 -9.80
CA GLY C 339 45.14 -14.85 -10.42
C GLY C 339 44.03 -14.27 -9.57
N PHE C 340 42.79 -14.54 -9.99
CA PHE C 340 41.63 -13.91 -9.37
C PHE C 340 41.39 -14.40 -7.95
N ILE C 341 41.88 -15.59 -7.61
CA ILE C 341 41.68 -16.12 -6.26
C ILE C 341 42.26 -15.17 -5.22
N GLU C 342 43.43 -14.61 -5.48
CA GLU C 342 44.07 -13.75 -4.50
C GLU C 342 43.45 -12.35 -4.50
N ASN C 343 43.49 -11.66 -5.62
CA ASN C 343 43.01 -10.29 -5.68
C ASN C 343 42.75 -9.91 -7.13
N GLY C 344 42.20 -8.71 -7.32
CA GLY C 344 41.97 -8.17 -8.63
C GLY C 344 43.23 -7.58 -9.23
N TRP C 345 43.10 -7.10 -10.46
CA TRP C 345 44.21 -6.55 -11.23
C TRP C 345 43.91 -5.10 -11.56
N GLU C 346 44.49 -4.16 -10.81
CA GLU C 346 44.34 -2.76 -11.15
C GLU C 346 45.02 -2.43 -12.48
N GLY C 347 45.97 -3.27 -12.92
CA GLY C 347 46.68 -3.01 -14.16
C GLY C 347 45.84 -3.17 -15.40
N MET C 348 44.73 -3.92 -15.32
CA MET C 348 43.90 -4.17 -16.49
C MET C 348 42.97 -2.99 -16.70
N VAL C 349 43.09 -2.34 -17.86
CA VAL C 349 42.26 -1.19 -18.20
C VAL C 349 41.31 -1.50 -19.36
N ASP C 350 41.67 -2.44 -20.24
CA ASP C 350 40.93 -2.67 -21.47
C ASP C 350 39.81 -3.70 -21.35
N GLY C 351 39.55 -4.23 -20.15
CA GLY C 351 38.48 -5.18 -19.99
C GLY C 351 38.26 -5.50 -18.52
N TRP C 352 37.13 -6.16 -18.26
CA TRP C 352 36.85 -6.56 -16.88
C TRP C 352 37.59 -7.85 -16.53
N TYR C 353 37.67 -8.80 -17.46
CA TYR C 353 38.32 -10.08 -17.23
C TYR C 353 39.44 -10.25 -18.25
N GLY C 354 40.41 -11.10 -17.93
CA GLY C 354 41.49 -11.32 -18.88
C GLY C 354 42.55 -12.25 -18.31
N PHE C 355 43.60 -12.44 -19.11
CA PHE C 355 44.67 -13.37 -18.78
C PHE C 355 45.97 -12.59 -18.53
N ARG C 356 46.76 -13.06 -17.58
CA ARG C 356 48.17 -12.70 -17.46
C ARG C 356 49.00 -13.98 -17.55
N HIS C 357 50.13 -13.89 -18.26
CA HIS C 357 50.96 -15.06 -18.52
C HIS C 357 52.43 -14.73 -18.29
N GLN C 358 53.22 -15.78 -18.03
CA GLN C 358 54.67 -15.70 -17.99
C GLN C 358 55.22 -16.91 -18.72
N ASN C 359 56.06 -16.66 -19.72
CA ASN C 359 56.62 -17.74 -20.53
C ASN C 359 58.05 -17.36 -20.92
N SER C 360 58.59 -18.08 -21.90
CA SER C 360 59.97 -17.89 -22.31
C SER C 360 60.20 -16.55 -23.03
N GLU C 361 59.17 -15.96 -23.62
CA GLU C 361 59.36 -14.69 -24.29
C GLU C 361 59.07 -13.49 -23.40
N GLY C 362 58.61 -13.71 -22.15
CA GLY C 362 58.41 -12.63 -21.21
C GLY C 362 57.06 -12.73 -20.54
N THR C 363 56.61 -11.60 -20.02
CA THR C 363 55.36 -11.50 -19.26
C THR C 363 54.39 -10.60 -20.02
N GLY C 364 53.14 -11.03 -20.11
CA GLY C 364 52.15 -10.32 -20.90
C GLY C 364 50.79 -10.30 -20.24
N GLN C 365 49.85 -9.64 -20.91
CA GLN C 365 48.52 -9.42 -20.38
C GLN C 365 47.55 -9.11 -21.52
N ALA C 366 46.36 -9.70 -21.45
CA ALA C 366 45.34 -9.48 -22.45
C ALA C 366 43.97 -9.62 -21.79
N ALA C 367 43.00 -8.87 -22.31
CA ALA C 367 41.64 -8.87 -21.77
C ALA C 367 40.73 -9.74 -22.62
N ASP C 368 39.83 -10.47 -21.97
CA ASP C 368 38.84 -11.29 -22.65
C ASP C 368 37.59 -10.45 -22.93
N LEU C 369 37.31 -10.23 -24.21
CA LEU C 369 36.16 -9.40 -24.60
C LEU C 369 34.84 -10.16 -24.46
N LYS C 370 34.86 -11.48 -24.63
CA LYS C 370 33.61 -12.24 -24.60
C LYS C 370 32.96 -12.18 -23.22
N SER C 371 33.73 -12.45 -22.17
CA SER C 371 33.19 -12.45 -20.81
C SER C 371 33.00 -11.04 -20.27
N THR C 372 33.72 -10.05 -20.79
CA THR C 372 33.51 -8.67 -20.36
C THR C 372 32.14 -8.17 -20.80
N GLN C 373 31.76 -8.45 -22.05
CA GLN C 373 30.43 -8.07 -22.53
C GLN C 373 29.35 -8.87 -21.83
N ALA C 374 29.61 -10.14 -21.52
CA ALA C 374 28.61 -10.98 -20.88
C ALA C 374 28.16 -10.39 -19.55
N ALA C 375 29.08 -9.75 -18.82
CA ALA C 375 28.72 -9.08 -17.58
C ALA C 375 28.10 -7.72 -17.84
N ILE C 376 28.65 -6.95 -18.78
CA ILE C 376 28.13 -5.62 -19.08
C ILE C 376 26.70 -5.71 -19.61
N ASP C 377 26.44 -6.67 -20.50
CA ASP C 377 25.10 -6.80 -21.06
C ASP C 377 24.10 -7.19 -19.99
N GLN C 378 24.51 -8.05 -19.05
CA GLN C 378 23.61 -8.42 -17.95
C GLN C 378 23.38 -7.26 -17.00
N ILE C 379 24.37 -6.38 -16.83
CA ILE C 379 24.18 -5.22 -15.96
C ILE C 379 23.17 -4.25 -16.59
N ASN C 380 23.29 -4.00 -17.88
CA ASN C 380 22.32 -3.13 -18.55
C ASN C 380 20.97 -3.79 -18.72
N GLY C 381 20.92 -5.12 -18.82
CA GLY C 381 19.63 -5.79 -18.73
C GLY C 381 18.91 -5.49 -17.43
N LYS C 382 19.67 -5.25 -16.37
CA LYS C 382 19.07 -4.84 -15.10
C LYS C 382 18.61 -3.38 -15.17
N LEU C 383 19.52 -2.48 -15.57
CA LEU C 383 19.20 -1.05 -15.61
C LEU C 383 17.95 -0.78 -16.43
N ASN C 384 17.80 -1.47 -17.56
CA ASN C 384 16.65 -1.22 -18.42
C ASN C 384 15.35 -1.63 -17.74
N ARG C 385 15.37 -2.69 -16.94
CA ARG C 385 14.18 -3.04 -16.17
C ARG C 385 13.97 -2.06 -15.02
N VAL C 386 15.04 -1.45 -14.52
CA VAL C 386 14.93 -0.57 -13.37
C VAL C 386 14.53 0.84 -13.78
N ILE C 387 15.06 1.33 -14.91
CA ILE C 387 14.86 2.72 -15.32
C ILE C 387 13.64 2.91 -16.21
N GLU C 388 12.94 1.82 -16.57
CA GLU C 388 11.83 1.93 -17.50
C GLU C 388 10.54 2.44 -16.87
N LYS C 389 10.49 2.62 -15.55
CA LYS C 389 9.24 2.94 -14.87
C LYS C 389 8.94 4.42 -15.02
N THR C 390 7.94 4.73 -15.86
CA THR C 390 7.55 6.12 -16.06
C THR C 390 6.83 6.67 -14.84
N ASN C 391 5.73 6.02 -14.46
CA ASN C 391 4.88 6.48 -13.35
C ASN C 391 4.42 7.92 -13.56
N GLU C 392 3.34 8.11 -14.31
CA GLU C 392 2.83 9.45 -14.58
C GLU C 392 1.54 9.63 -13.80
N LYS C 393 1.58 10.50 -12.79
CA LYS C 393 0.42 10.82 -11.98
C LYS C 393 0.14 12.32 -12.08
N PHE C 394 -1.14 12.67 -12.00
CA PHE C 394 -1.52 14.07 -12.16
C PHE C 394 -2.20 14.60 -10.90
N HIS C 395 -3.51 14.81 -10.96
CA HIS C 395 -4.24 15.31 -9.79
C HIS C 395 -4.38 14.17 -8.78
N GLN C 396 -3.75 14.33 -7.63
CA GLN C 396 -3.67 13.30 -6.59
C GLN C 396 -4.50 13.75 -5.40
N ILE C 397 -4.02 13.58 -4.17
CA ILE C 397 -4.63 14.17 -2.98
C ILE C 397 -3.67 15.22 -2.41
N GLU C 398 -4.19 16.09 -1.56
CA GLU C 398 -3.35 17.06 -0.87
C GLU C 398 -2.53 16.37 0.21
N LYS C 399 -1.29 16.82 0.40
CA LYS C 399 -0.33 16.12 1.25
C LYS C 399 0.29 16.99 2.33
N GLU C 400 -0.01 18.29 2.33
CA GLU C 400 0.43 19.20 3.39
C GLU C 400 -0.75 20.08 3.76
N PHE C 401 -1.05 20.18 5.05
CA PHE C 401 -2.26 20.84 5.52
C PHE C 401 -1.93 21.96 6.49
N SER C 402 -2.78 22.99 6.49
CA SER C 402 -2.58 24.17 7.32
C SER C 402 -3.64 24.37 8.40
N GLU C 403 -4.84 23.82 8.23
CA GLU C 403 -5.86 23.83 9.28
C GLU C 403 -5.91 22.49 10.00
N VAL C 404 -6.25 22.54 11.28
CA VAL C 404 -6.47 21.35 12.09
C VAL C 404 -7.90 20.88 11.85
N GLU C 405 -8.04 19.69 11.27
CA GLU C 405 -9.34 19.21 10.81
C GLU C 405 -9.84 18.00 11.58
N GLY C 406 -9.10 16.90 11.58
CA GLY C 406 -9.52 15.73 12.34
C GLY C 406 -9.58 14.43 11.57
N ARG C 407 -10.80 13.92 11.36
CA ARG C 407 -10.94 12.53 10.91
C ARG C 407 -10.52 12.37 9.45
N ILE C 408 -11.08 13.18 8.56
CA ILE C 408 -10.71 13.09 7.14
C ILE C 408 -9.24 13.42 6.96
N GLN C 409 -8.70 14.31 7.78
CA GLN C 409 -7.29 14.66 7.69
C GLN C 409 -6.39 13.49 8.09
N ASP C 410 -6.79 12.75 9.13
CA ASP C 410 -5.98 11.63 9.58
C ASP C 410 -5.83 10.57 8.49
N LEU C 411 -6.91 10.30 7.75
CA LEU C 411 -6.86 9.27 6.73
C LEU C 411 -6.05 9.72 5.52
N GLU C 412 -6.21 10.98 5.11
CA GLU C 412 -5.42 11.53 4.02
C GLU C 412 -3.93 11.53 4.35
N LYS C 413 -3.58 11.63 5.64
CA LYS C 413 -2.19 11.54 6.03
C LYS C 413 -1.74 10.08 6.16
N TYR C 414 -2.62 9.23 6.70
CA TYR C 414 -2.26 7.83 6.91
C TYR C 414 -2.10 7.08 5.60
N VAL C 415 -2.91 7.41 4.60
CA VAL C 415 -2.81 6.76 3.29
C VAL C 415 -1.48 7.10 2.64
N GLU C 416 -1.12 8.38 2.61
CA GLU C 416 0.15 8.78 2.02
C GLU C 416 1.34 8.26 2.84
N ASP C 417 1.20 8.29 4.17
CA ASP C 417 2.28 7.80 5.03
C ASP C 417 2.48 6.30 4.83
N THR C 418 1.40 5.55 4.58
CA THR C 418 1.54 4.12 4.33
C THR C 418 2.12 3.87 2.93
N LYS C 419 1.75 4.70 1.95
CA LYS C 419 2.29 4.55 0.60
C LYS C 419 3.80 4.67 0.59
N ILE C 420 4.34 5.72 1.22
CA ILE C 420 5.77 5.96 1.19
C ILE C 420 6.53 4.83 1.87
N ASP C 421 6.01 4.34 3.00
CA ASP C 421 6.68 3.23 3.69
C ASP C 421 6.71 1.97 2.86
N LEU C 422 5.67 1.74 2.05
CA LEU C 422 5.65 0.54 1.21
C LEU C 422 6.60 0.66 0.03
N TRP C 423 6.71 1.84 -0.60
CA TRP C 423 7.68 2.00 -1.67
C TRP C 423 9.10 2.09 -1.14
N SER C 424 9.29 2.67 0.04
CA SER C 424 10.63 2.67 0.65
C SER C 424 11.11 1.24 0.91
N TYR C 425 10.21 0.37 1.36
CA TYR C 425 10.55 -1.05 1.47
C TYR C 425 10.91 -1.64 0.12
N ASN C 426 10.05 -1.45 -0.88
CA ASN C 426 10.30 -1.99 -2.21
C ASN C 426 11.62 -1.49 -2.76
N ALA C 427 11.92 -0.20 -2.54
CA ALA C 427 13.17 0.37 -3.02
C ALA C 427 14.36 -0.26 -2.32
N GLU C 428 14.29 -0.40 -1.00
CA GLU C 428 15.41 -0.94 -0.24
C GLU C 428 15.67 -2.40 -0.63
N LEU C 429 14.61 -3.21 -0.69
CA LEU C 429 14.75 -4.61 -1.05
C LEU C 429 15.29 -4.77 -2.47
N LEU C 430 14.80 -3.95 -3.41
CA LEU C 430 15.23 -4.07 -4.79
C LEU C 430 16.72 -3.83 -4.93
N VAL C 431 17.25 -2.80 -4.27
CA VAL C 431 18.67 -2.52 -4.31
C VAL C 431 19.47 -3.67 -3.73
N ALA C 432 18.98 -4.26 -2.63
CA ALA C 432 19.70 -5.35 -1.99
C ALA C 432 19.72 -6.60 -2.87
N LEU C 433 18.60 -6.90 -3.53
CA LEU C 433 18.55 -8.05 -4.42
C LEU C 433 19.38 -7.82 -5.67
N GLU C 434 19.19 -6.66 -6.30
CA GLU C 434 19.92 -6.35 -7.54
C GLU C 434 21.43 -6.35 -7.33
N ASN C 435 21.91 -5.97 -6.14
CA ASN C 435 23.35 -5.94 -5.92
C ASN C 435 23.89 -7.33 -5.61
N GLN C 436 23.18 -8.10 -4.80
CA GLN C 436 23.58 -9.49 -4.56
C GLN C 436 23.62 -10.29 -5.86
N HIS C 437 22.69 -10.01 -6.77
CA HIS C 437 22.68 -10.68 -8.06
C HIS C 437 23.79 -10.17 -8.97
N THR C 438 24.20 -8.91 -8.80
CA THR C 438 25.30 -8.38 -9.60
C THR C 438 26.63 -9.01 -9.20
N ILE C 439 26.90 -9.05 -7.89
CA ILE C 439 28.13 -9.66 -7.40
C ILE C 439 28.20 -11.13 -7.82
N ASP C 440 27.07 -11.83 -7.78
CA ASP C 440 27.07 -13.24 -8.15
C ASP C 440 27.40 -13.42 -9.63
N LEU C 441 26.70 -12.70 -10.52
CA LEU C 441 26.92 -12.91 -11.95
C LEU C 441 28.32 -12.50 -12.38
N THR C 442 28.85 -11.42 -11.78
CA THR C 442 30.22 -11.04 -12.10
C THR C 442 31.23 -12.05 -11.57
N ASP C 443 30.92 -12.69 -10.44
CA ASP C 443 31.76 -13.79 -9.97
C ASP C 443 31.60 -15.02 -10.84
N SER C 444 30.38 -15.25 -11.34
CA SER C 444 30.14 -16.43 -12.17
C SER C 444 30.90 -16.36 -13.49
N GLU C 445 30.93 -15.19 -14.12
CA GLU C 445 31.68 -15.04 -15.36
C GLU C 445 33.16 -15.27 -15.17
N MET C 446 33.69 -14.93 -13.98
CA MET C 446 35.09 -15.24 -13.70
C MET C 446 35.31 -16.74 -13.63
N ASN C 447 34.45 -17.45 -12.91
CA ASN C 447 34.59 -18.90 -12.78
C ASN C 447 34.33 -19.61 -14.11
N LYS C 448 33.42 -19.08 -14.93
CA LYS C 448 33.14 -19.72 -16.22
C LYS C 448 34.32 -19.56 -17.18
N LEU C 449 34.95 -18.39 -17.19
CA LEU C 449 36.13 -18.19 -18.03
C LEU C 449 37.28 -19.09 -17.60
N PHE C 450 37.41 -19.33 -16.29
CA PHE C 450 38.50 -20.18 -15.81
C PHE C 450 38.24 -21.64 -16.15
N GLU C 451 36.99 -22.09 -16.01
CA GLU C 451 36.66 -23.46 -16.39
C GLU C 451 36.68 -23.66 -17.90
N LYS C 452 36.37 -22.60 -18.66
CA LYS C 452 36.50 -22.67 -20.11
C LYS C 452 37.95 -22.94 -20.51
N THR C 453 38.89 -22.27 -19.86
CA THR C 453 40.31 -22.51 -20.15
C THR C 453 40.75 -23.87 -19.64
N ARG C 454 40.33 -24.25 -18.44
CA ARG C 454 40.70 -25.54 -17.85
C ARG C 454 40.40 -26.69 -18.80
N ARG C 455 39.27 -26.61 -19.50
CA ARG C 455 38.79 -27.74 -20.29
C ARG C 455 39.52 -27.86 -21.63
N GLN C 456 39.85 -26.74 -22.27
CA GLN C 456 40.59 -26.88 -23.53
C GLN C 456 42.07 -27.14 -23.31
N LEU C 457 42.59 -26.93 -22.11
CA LEU C 457 43.96 -27.33 -21.80
C LEU C 457 44.10 -28.83 -21.61
N ARG C 458 43.00 -29.53 -21.29
CA ARG C 458 42.96 -30.99 -21.17
C ARG C 458 44.06 -31.43 -20.19
N GLU C 459 44.91 -32.37 -20.56
CA GLU C 459 45.93 -32.90 -19.66
C GLU C 459 47.28 -32.21 -19.81
N ASN C 460 47.29 -30.97 -20.30
CA ASN C 460 48.53 -30.27 -20.57
C ASN C 460 48.90 -29.26 -19.49
N ALA C 461 48.08 -29.13 -18.45
CA ALA C 461 48.34 -28.17 -17.39
C ALA C 461 47.69 -28.66 -16.10
N GLU C 462 48.09 -28.04 -15.00
CA GLU C 462 47.54 -28.33 -13.69
C GLU C 462 47.09 -27.01 -13.06
N ASP C 463 46.04 -27.09 -12.25
CA ASP C 463 45.52 -25.91 -11.57
C ASP C 463 46.36 -25.65 -10.32
N MET C 464 47.16 -24.58 -10.35
CA MET C 464 48.02 -24.23 -9.24
C MET C 464 47.25 -23.83 -7.98
N GLY C 465 45.94 -23.63 -8.08
CA GLY C 465 45.11 -23.32 -6.94
C GLY C 465 44.90 -21.84 -6.68
N ASN C 466 45.67 -20.97 -7.33
CA ASN C 466 45.54 -19.52 -7.18
C ASN C 466 44.88 -18.86 -8.38
N GLY C 467 44.09 -19.62 -9.14
CA GLY C 467 43.52 -19.10 -10.36
C GLY C 467 44.47 -19.09 -11.53
N CYS C 468 45.60 -19.79 -11.45
CA CYS C 468 46.57 -19.86 -12.53
C CYS C 468 46.76 -21.32 -12.94
N PHE C 469 47.24 -21.50 -14.16
CA PHE C 469 47.61 -22.82 -14.68
C PHE C 469 49.12 -22.90 -14.84
N LYS C 470 49.70 -24.03 -14.44
CA LYS C 470 51.09 -24.34 -14.77
C LYS C 470 51.07 -25.23 -16.00
N ILE C 471 51.29 -24.62 -17.16
CA ILE C 471 51.27 -25.34 -18.43
C ILE C 471 52.61 -26.03 -18.62
N TYR C 472 52.57 -27.34 -18.89
CA TYR C 472 53.75 -28.19 -18.90
C TYR C 472 54.36 -28.35 -20.30
N HIS C 473 54.50 -27.26 -21.03
CA HIS C 473 55.20 -27.29 -22.31
C HIS C 473 55.56 -25.86 -22.70
N LYS C 474 56.57 -25.75 -23.56
CA LYS C 474 56.95 -24.46 -24.12
C LYS C 474 55.74 -23.79 -24.75
N CYS C 475 55.51 -22.53 -24.41
CA CYS C 475 54.31 -21.82 -24.87
C CYS C 475 54.70 -20.38 -25.15
N ASP C 476 55.07 -20.11 -26.41
CA ASP C 476 55.42 -18.77 -26.83
C ASP C 476 54.17 -17.90 -26.90
N ASN C 477 54.33 -16.65 -27.36
CA ASN C 477 53.19 -15.73 -27.36
C ASN C 477 52.09 -16.20 -28.31
N ALA C 478 52.46 -16.86 -29.41
CA ALA C 478 51.45 -17.40 -30.30
C ALA C 478 50.70 -18.56 -29.65
N CYS C 479 51.42 -19.37 -28.86
CA CYS C 479 50.78 -20.43 -28.08
C CYS C 479 49.75 -19.85 -27.11
N ILE C 480 50.15 -18.84 -26.34
CA ILE C 480 49.21 -18.19 -25.42
C ILE C 480 48.03 -17.62 -26.18
N GLY C 481 48.28 -17.00 -27.34
CA GLY C 481 47.21 -16.42 -28.11
C GLY C 481 46.18 -17.44 -28.57
N SER C 482 46.62 -18.67 -28.87
CA SER C 482 45.70 -19.72 -29.25
C SER C 482 44.78 -20.10 -28.09
N ILE C 483 45.32 -20.13 -26.87
CA ILE C 483 44.49 -20.38 -25.70
C ILE C 483 43.48 -19.25 -25.53
N ARG C 484 43.92 -18.01 -25.76
CA ARG C 484 43.03 -16.87 -25.61
C ARG C 484 41.96 -16.84 -26.71
N ASN C 485 42.34 -17.19 -27.94
CA ASN C 485 41.35 -17.27 -29.02
C ASN C 485 40.55 -18.56 -29.01
N GLY C 486 40.88 -19.52 -28.14
CA GLY C 486 40.22 -20.81 -28.15
C GLY C 486 40.58 -21.71 -29.31
N THR C 487 41.51 -21.30 -30.17
CA THR C 487 42.01 -22.13 -31.26
C THR C 487 43.06 -23.12 -30.80
N TYR C 488 43.31 -23.19 -29.49
CA TYR C 488 44.32 -24.07 -28.94
C TYR C 488 43.97 -25.54 -29.18
N ASP C 489 44.93 -26.30 -29.71
CA ASP C 489 44.80 -27.73 -29.92
C ASP C 489 45.70 -28.45 -28.94
N HIS C 490 45.11 -29.25 -28.05
CA HIS C 490 45.87 -29.85 -26.96
C HIS C 490 46.69 -31.05 -27.43
N ASP C 491 46.20 -31.79 -28.44
CA ASP C 491 46.94 -32.93 -28.96
C ASP C 491 48.30 -32.53 -29.51
N VAL C 492 48.44 -31.29 -29.97
CA VAL C 492 49.73 -30.82 -30.49
C VAL C 492 50.79 -30.86 -29.42
N TYR C 493 50.43 -30.60 -28.17
CA TYR C 493 51.39 -30.50 -27.06
C TYR C 493 51.25 -31.66 -26.08
N ARG C 494 50.34 -32.61 -26.32
CA ARG C 494 49.98 -33.58 -25.29
C ARG C 494 51.16 -34.45 -24.89
N ASP C 495 51.92 -34.95 -25.86
CA ASP C 495 53.05 -35.82 -25.53
C ASP C 495 54.12 -35.06 -24.75
N GLU C 496 54.39 -33.81 -25.14
CA GLU C 496 55.37 -33.01 -24.41
C GLU C 496 54.92 -32.75 -22.98
N ALA C 497 53.61 -32.52 -22.78
CA ALA C 497 53.11 -32.18 -21.46
C ALA C 497 53.10 -33.39 -20.54
N LEU C 498 52.57 -34.51 -21.01
CA LEU C 498 52.57 -35.74 -20.20
C LEU C 498 53.98 -36.16 -19.83
N ASN C 499 54.95 -35.94 -20.71
CA ASN C 499 56.34 -36.24 -20.37
C ASN C 499 56.82 -35.37 -19.22
N ASN C 500 56.36 -34.12 -19.14
CA ASN C 500 56.78 -33.22 -18.08
C ASN C 500 56.00 -33.44 -16.80
N ARG C 501 54.68 -33.62 -16.91
CA ARG C 501 53.86 -33.86 -15.72
C ARG C 501 54.30 -35.15 -15.02
N PHE C 502 54.30 -36.26 -15.74
CA PHE C 502 54.65 -37.55 -15.19
C PHE C 502 55.96 -38.00 -15.80
N GLN C 503 56.86 -38.53 -14.96
CA GLN C 503 58.17 -38.95 -15.45
C GLN C 503 58.02 -40.30 -16.15
N ILE C 504 58.53 -40.39 -17.37
CA ILE C 504 58.41 -41.61 -18.15
C ILE C 504 59.58 -42.54 -17.88
C1 NAG D . 19.88 -19.95 16.36
C2 NAG D . 20.57 -20.23 17.73
C3 NAG D . 20.60 -18.98 18.67
C4 NAG D . 20.73 -17.65 17.93
C5 NAG D . 19.79 -17.65 16.74
C6 NAG D . 19.77 -16.36 15.96
C7 NAG D . 20.39 -22.21 19.23
C8 NAG D . 21.86 -22.11 19.48
N2 NAG D . 19.85 -21.31 18.40
O3 NAG D . 21.69 -19.09 19.58
O4 NAG D . 20.38 -16.60 18.83
O5 NAG D . 20.25 -18.68 15.88
O6 NAG D . 21.03 -16.07 15.38
O7 NAG D . 19.70 -23.09 19.75
C1 NAG D . 21.43 -15.61 18.92
C2 NAG D . 20.86 -14.39 19.63
C3 NAG D . 21.94 -13.30 19.75
C4 NAG D . 23.19 -13.87 20.40
C5 NAG D . 23.65 -15.14 19.68
C6 NAG D . 24.81 -15.82 20.35
C7 NAG D . 18.49 -14.44 18.99
C8 NAG D . 17.40 -13.77 18.21
N2 NAG D . 19.70 -13.87 18.93
O3 NAG D . 21.43 -12.23 20.52
O4 NAG D . 24.24 -12.89 20.31
O5 NAG D . 22.58 -16.09 19.63
O6 NAG D . 24.69 -15.77 21.77
O7 NAG D . 18.29 -15.46 19.65
C1 BMA D . 24.61 -12.43 21.63
C2 BMA D . 25.78 -11.42 21.44
C3 BMA D . 26.17 -10.83 22.80
C4 BMA D . 24.95 -10.29 23.54
C5 BMA D . 23.85 -11.37 23.63
C6 BMA D . 22.58 -10.87 24.29
O2 BMA D . 25.39 -10.33 20.62
O3 BMA D . 27.16 -9.83 22.67
O4 BMA D . 25.31 -9.86 24.84
O5 BMA D . 23.53 -11.81 22.30
O6 BMA D . 21.72 -11.97 24.50
C1 NAG E . -14.46 4.64 39.43
C2 NAG E . -13.67 4.93 40.71
C3 NAG E . -14.01 3.91 41.79
C4 NAG E . -15.52 3.88 42.02
C5 NAG E . -16.23 3.59 40.70
C6 NAG E . -17.74 3.64 40.83
C7 NAG E . -11.58 6.05 40.13
C8 NAG E . -10.10 5.89 39.91
N2 NAG E . -12.24 4.95 40.46
O3 NAG E . -13.34 4.24 42.99
O4 NAG E . -15.84 2.87 42.98
O5 NAG E . -15.88 4.57 39.73
O6 NAG E . -18.18 4.91 41.27
O7 NAG E . -12.14 7.14 39.99
C1 NAG E . -16.50 3.47 44.12
C2 NAG E . -17.16 2.37 44.95
C3 NAG E . -17.86 2.97 46.17
C4 NAG E . -16.89 3.84 46.96
C5 NAG E . -16.22 4.87 46.05
C6 NAG E . -15.14 5.67 46.75
C7 NAG E . -17.78 0.50 43.47
C8 NAG E . -18.88 -0.14 42.70
N2 NAG E . -18.11 1.61 44.14
O3 NAG E . -18.35 1.92 46.99
O4 NAG E . -17.61 4.53 47.97
O5 NAG E . -15.58 4.21 44.94
O6 NAG E . -15.70 6.50 47.76
O7 NAG E . -16.64 0.05 43.48
C1 BMA E . -17.33 3.99 49.28
C2 BMA E . -17.76 5.03 50.34
C3 BMA E . -17.75 4.43 51.76
C4 BMA E . -18.45 3.07 51.80
C5 BMA E . -17.79 2.15 50.77
C6 BMA E . -18.37 0.75 50.76
O2 BMA E . -19.08 5.49 50.10
O3 BMA E . -18.34 5.31 52.70
O4 BMA E . -18.32 2.50 53.09
O5 BMA E . -18.00 2.74 49.47
O6 BMA E . -19.72 0.80 50.34
C1 NAG F . -19.33 44.93 27.56
C2 NAG F . -18.53 46.21 27.29
C3 NAG F . -19.32 47.44 27.79
C4 NAG F . -20.77 47.42 27.32
C5 NAG F . -21.41 46.06 27.57
C6 NAG F . -22.79 45.91 26.99
C7 NAG F . -16.09 45.88 27.29
C8 NAG F . -14.85 45.87 28.13
N2 NAG F . -17.23 46.15 27.95
O3 NAG F . -18.67 48.62 27.34
O4 NAG F . -21.52 48.34 28.10
O5 NAG F . -20.60 45.03 26.98
O6 NAG F . -22.85 46.20 25.60
O7 NAG F . -16.07 45.66 26.09
C1 NAG F . -21.70 49.62 27.48
C2 NAG F . -22.81 50.36 28.24
C3 NAG F . -22.98 51.77 27.69
C4 NAG F . -21.65 52.50 27.68
C5 NAG F . -20.60 51.69 26.93
C6 NAG F . -19.22 52.30 26.99
C7 NAG F . -24.61 49.05 29.25
C8 NAG F . -25.92 48.34 29.01
N2 NAG F . -24.05 49.62 28.18
O3 NAG F . -23.92 52.47 28.50
O4 NAG F . -21.80 53.78 27.04
O5 NAG F . -20.50 50.38 27.52
O6 NAG F . -18.68 52.20 28.30
O7 NAG F . -24.09 49.10 30.36
C1 BMA F . -21.79 54.83 28.03
C2 BMA F . -21.00 56.02 27.43
C3 BMA F . -21.14 57.26 28.33
C4 BMA F . -22.61 57.51 28.70
C5 BMA F . -23.20 56.25 29.35
C6 BMA F . -24.66 56.41 29.76
O2 BMA F . -21.50 56.38 26.15
O3 BMA F . -20.59 58.42 27.71
O4 BMA F . -22.70 58.60 29.60
O5 BMA F . -23.11 55.19 28.39
O6 BMA F . -25.25 55.12 29.87
C1 MAN F . -26.35 55.18 30.79
C2 MAN F . -26.68 53.72 31.23
C3 MAN F . -27.36 52.95 30.10
C4 MAN F . -28.51 53.75 29.46
C5 MAN F . -28.01 55.15 29.04
C6 MAN F . -29.11 56.02 28.50
O2 MAN F . -27.59 53.70 32.33
O3 MAN F . -27.84 51.70 30.55
O4 MAN F . -28.98 53.08 28.32
O5 MAN F . -27.47 55.81 30.20
O6 MAN F . -28.58 57.32 28.23
C1 FUC F . -22.73 44.99 24.84
C2 FUC F . -24.15 44.61 24.24
C3 FUC F . -24.16 44.27 22.75
C4 FUC F . -22.83 43.72 22.28
C5 FUC F . -21.79 44.81 22.51
C6 FUC F . -20.39 44.44 22.04
O2 FUC F . -25.13 45.61 24.55
O3 FUC F . -25.15 43.28 22.47
O4 FUC F . -22.49 42.52 22.98
O5 FUC F . -21.65 45.19 23.89
C1 NAG G . -19.78 43.10 16.88
C2 NAG G . -20.07 44.25 15.92
C3 NAG G . -18.86 44.52 15.02
C4 NAG G . -17.60 44.73 15.87
C5 NAG G . -17.42 43.55 16.83
C6 NAG G . -16.26 43.75 17.78
C7 NAG G . -21.99 44.90 14.53
C8 NAG G . -23.16 44.42 13.74
N2 NAG G . -21.25 43.96 15.12
O3 NAG G . -19.10 45.67 14.24
O4 NAG G . -16.46 44.81 15.03
O5 NAG G . -18.59 43.39 17.64
O6 NAG G . -16.69 44.33 19.00
O7 NAG G . -21.72 46.09 14.64
C1 NAG G . -15.94 46.16 14.98
C2 NAG G . -14.43 46.08 14.77
C3 NAG G . -13.83 47.48 14.67
C4 NAG G . -14.56 48.30 13.60
C5 NAG G . -16.06 48.28 13.85
C6 NAG G . -16.85 48.95 12.76
C7 NAG G . -13.41 44.05 15.69
C8 NAG G . -12.75 43.42 16.88
N2 NAG G . -13.78 45.32 15.82
O3 NAG G . -12.45 47.39 14.37
O4 NAG G . -14.10 49.65 13.63
O5 NAG G . -16.54 46.92 13.93
O6 NAG G . -16.82 50.37 12.89
O7 NAG G . -13.61 43.42 14.65
C1 BMA G . -13.14 49.88 12.57
C2 BMA G . -13.22 51.38 12.15
C3 BMA G . -12.06 51.75 11.21
C4 BMA G . -10.71 51.22 11.72
C5 BMA G . -10.82 49.73 11.99
C6 BMA G . -9.53 49.11 12.48
O2 BMA G . -13.11 52.22 13.29
O3 BMA G . -11.99 53.15 11.00
O4 BMA G . -9.70 51.47 10.75
O5 BMA G . -11.82 49.52 12.99
O6 BMA G . -9.25 49.62 13.77
C1 NAG H . 3.88 -26.70 -18.81
C2 NAG H . 3.43 -28.13 -19.04
C3 NAG H . 2.01 -28.32 -18.53
C4 NAG H . 1.88 -27.89 -17.08
C5 NAG H . 2.46 -26.49 -16.86
C6 NAG H . 2.62 -26.14 -15.40
C7 NAG H . 4.24 -29.57 -20.86
C8 NAG H . 4.24 -29.80 -22.34
N2 NAG H . 3.53 -28.50 -20.43
O3 NAG H . 1.64 -29.70 -18.67
O4 NAG H . 0.51 -27.86 -16.73
O5 NAG H . 3.79 -26.39 -17.43
O6 NAG H . 1.55 -25.32 -14.95
O7 NAG H . 4.85 -30.29 -20.08
C1 NAG H . 0.19 -28.69 -15.58
C2 NAG H . -1.19 -28.26 -15.07
C3 NAG H . -1.60 -29.13 -13.88
C4 NAG H . -1.51 -30.61 -14.22
C5 NAG H . -0.12 -30.93 -14.78
C6 NAG H . 0.01 -32.35 -15.26
C7 NAG H . -1.48 -25.88 -15.57
C8 NAG H . -1.47 -24.48 -15.02
N2 NAG H . -1.22 -26.85 -14.70
O3 NAG H . -2.93 -28.77 -13.51
O4 NAG H . -1.70 -31.41 -13.06
O5 NAG H . 0.17 -30.08 -15.91
O6 NAG H . -0.01 -32.41 -16.69
O7 NAG H . -1.71 -26.11 -16.76
C1 BMA H . -3.11 -31.67 -12.81
C2 BMA H . -3.37 -33.19 -12.82
C3 BMA H . -4.86 -33.44 -12.49
C4 BMA H . -5.32 -32.67 -11.24
C5 BMA H . -4.90 -31.19 -11.29
C6 BMA H . -5.17 -30.45 -9.99
O2 BMA H . -2.62 -33.84 -11.81
O3 BMA H . -5.13 -34.82 -12.34
O4 BMA H . -6.74 -32.75 -11.14
O5 BMA H . -3.49 -31.12 -11.56
O6 BMA H . -4.95 -29.06 -10.19
C1 NAG I . -51.41 7.55 22.57
C2 NAG I . -52.35 6.65 23.44
C3 NAG I . -53.48 7.47 24.11
C4 NAG I . -53.04 8.87 24.56
C5 NAG I . -52.18 9.51 23.48
C6 NAG I . -51.64 10.88 23.82
C7 NAG I . -53.24 4.38 23.01
C8 NAG I . -52.94 4.05 24.44
N2 NAG I . -52.93 5.62 22.60
O3 NAG I . -53.98 6.78 25.25
O4 NAG I . -54.23 9.64 24.75
O5 NAG I . -51.06 8.66 23.28
O6 NAG I . -51.86 11.78 22.75
O7 NAG I . -53.75 3.55 22.24
C1 NAG I . -54.14 10.51 25.91
C2 NAG I . -55.50 11.19 26.10
C3 NAG I . -55.43 12.17 27.26
C4 NAG I . -54.92 11.47 28.52
C5 NAG I . -53.62 10.69 28.24
C6 NAG I . -53.19 9.83 29.41
C7 NAG I . -56.68 11.29 23.95
C8 NAG I . -57.02 12.12 22.75
N2 NAG I . -55.92 11.86 24.88
O3 NAG I . -56.72 12.72 27.49
O4 NAG I . -54.62 12.46 29.51
O5 NAG I . -53.80 9.81 27.11
O6 NAG I . -53.98 8.65 29.50
O7 NAG I . -57.07 10.12 24.06
C1 BMA I . -55.66 12.52 30.50
C2 BMA I . -55.16 13.40 31.65
C3 BMA I . -56.28 13.66 32.66
C4 BMA I . -57.57 14.11 31.97
C5 BMA I . -57.96 13.12 30.87
C6 BMA I . -59.19 13.55 30.09
O2 BMA I . -54.77 14.68 31.17
O3 BMA I . -55.90 14.60 33.65
O4 BMA I . -58.63 14.19 32.92
O5 BMA I . -56.87 13.04 29.94
O6 BMA I . -60.04 14.29 30.97
C1 NAG J . -41.87 12.35 25.52
C2 NAG J . -41.82 13.19 26.78
C3 NAG J . -40.78 12.62 27.75
C4 NAG J . -41.04 11.14 28.02
C5 NAG J . -41.16 10.38 26.70
C6 NAG J . -41.55 8.93 26.87
C7 NAG J . -41.94 15.61 27.17
C8 NAG J . -41.53 16.96 26.67
N2 NAG J . -41.50 14.57 26.45
O3 NAG J . -40.85 13.35 28.97
O4 NAG J . -39.94 10.61 28.76
O5 NAG J . -42.16 10.99 25.86
O6 NAG J . -42.45 8.75 27.95
O7 NAG J . -42.62 15.46 28.19
C1 NAG J . -40.39 10.11 30.04
C2 NAG J . -39.43 9.01 30.48
C3 NAG J . -39.84 8.46 31.84
C4 NAG J . -39.95 9.59 32.85
C5 NAG J . -40.88 10.69 32.33
C6 NAG J . -40.93 11.90 33.23
C7 NAG J . -38.61 7.98 28.39
C8 NAG J . -38.68 6.78 27.50
N2 NAG J . -39.38 7.93 29.49
O3 NAG J . -38.88 7.50 32.26
O4 NAG J . -40.48 9.10 34.08
O5 NAG J . -40.42 11.14 31.04
O6 NAG J . -41.26 11.54 34.56
O7 NAG J . -37.91 8.94 28.14
C1 BMA J . -39.44 8.75 35.00
C2 BMA J . -39.98 8.85 36.44
C3 BMA J . -38.99 8.25 37.45
C4 BMA J . -38.49 6.86 37.00
C5 BMA J . -37.91 6.97 35.58
C6 BMA J . -37.42 5.64 35.04
O2 BMA J . -41.19 8.11 36.56
O3 BMA J . -39.56 8.15 38.75
O4 BMA J . -37.50 6.40 37.89
O5 BMA J . -38.95 7.45 34.71
O6 BMA J . -36.81 4.92 36.10
C1 NAG K . -14.79 -4.95 -18.21
C2 NAG K . -13.95 -5.01 -19.49
C3 NAG K . -13.08 -3.76 -19.61
C4 NAG K . -13.95 -2.51 -19.49
C5 NAG K . -14.74 -2.56 -18.19
C6 NAG K . -15.67 -1.38 -17.99
C7 NAG K . -13.29 -7.20 -20.38
C8 NAG K . -12.34 -8.35 -20.25
N2 NAG K . -13.12 -6.20 -19.51
O3 NAG K . -12.42 -3.77 -20.88
O4 NAG K . -13.11 -1.34 -19.51
O5 NAG K . -15.56 -3.74 -18.19
O6 NAG K . -16.96 -1.64 -18.52
O7 NAG K . -14.17 -7.18 -21.23
C1 NAG K . -13.56 -0.44 -20.55
C2 NAG K . -13.12 0.97 -20.14
C3 NAG K . -13.60 1.97 -21.19
C4 NAG K . -13.12 1.56 -22.58
C5 NAG K . -13.52 0.12 -22.88
C6 NAG K . -12.97 -0.41 -24.18
C7 NAG K . -12.84 1.49 -17.77
C8 NAG K . -13.52 1.86 -16.49
N2 NAG K . -13.63 1.33 -18.84
O3 NAG K . -13.09 3.27 -20.88
O4 NAG K . -13.69 2.42 -23.57
O5 NAG K . -13.04 -0.76 -21.84
O6 NAG K . -13.80 -0.03 -25.27
O7 NAG K . -11.62 1.34 -17.84
C1 NAG L . 21.03 -50.74 -13.62
C2 NAG L . 19.75 -51.55 -13.74
C3 NAG L . 20.06 -53.03 -13.53
C4 NAG L . 21.20 -53.48 -14.45
C5 NAG L . 22.37 -52.50 -14.43
C6 NAG L . 23.39 -52.79 -15.51
C7 NAG L . 17.76 -50.26 -13.11
C8 NAG L . 16.83 -49.89 -12.00
N2 NAG L . 18.76 -51.10 -12.79
O3 NAG L . 18.89 -53.79 -13.79
O4 NAG L . 21.67 -54.73 -13.96
O5 NAG L . 21.93 -51.14 -14.63
O6 NAG L . 22.86 -52.55 -16.81
O7 NAG L . 17.63 -49.82 -14.25
C1 NAG L . 21.37 -55.84 -14.84
C2 NAG L . 20.58 -56.86 -14.04
C3 NAG L . 20.26 -58.08 -14.92
C4 NAG L . 19.61 -57.65 -16.23
C5 NAG L . 20.40 -56.53 -16.91
C6 NAG L . 19.69 -55.95 -18.11
C7 NAG L . 20.70 -57.83 -11.79
C8 NAG L . 21.59 -58.18 -10.64
N2 NAG L . 21.30 -57.26 -12.85
O3 NAG L . 19.39 -58.95 -14.20
O4 NAG L . 19.59 -58.76 -17.12
O5 NAG L . 20.62 -55.44 -15.99
O6 NAG L . 18.64 -55.07 -17.71
O7 NAG L . 19.49 -58.07 -11.77
C1 BMA L . 18.34 -59.49 -17.07
C2 BMA L . 18.11 -60.10 -18.49
C3 BMA L . 16.92 -61.07 -18.47
C4 BMA L . 17.04 -62.06 -17.31
C5 BMA L . 17.17 -61.29 -16.00
C6 BMA L . 17.27 -62.20 -14.78
O2 BMA L . 19.25 -60.83 -18.90
O3 BMA L . 16.82 -61.76 -19.70
O4 BMA L . 15.89 -62.89 -17.27
O5 BMA L . 18.36 -60.49 -16.07
O6 BMA L . 18.38 -63.07 -14.96
C1 NAG M . 43.81 -14.18 -31.95
C2 NAG M . 44.85 -14.18 -33.06
C3 NAG M . 45.27 -12.75 -33.36
C4 NAG M . 44.06 -11.89 -33.68
C5 NAG M . 43.00 -12.02 -32.58
C6 NAG M . 41.69 -11.33 -32.93
C7 NAG M . 46.06 -16.30 -32.96
C8 NAG M . 47.32 -16.99 -32.54
N2 NAG M . 46.00 -14.99 -32.71
O3 NAG M . 46.17 -12.74 -34.47
O4 NAG M . 44.44 -10.52 -33.81
O5 NAG M . 42.68 -13.40 -32.34
O6 NAG M . 41.15 -11.85 -34.14
O7 NAG M . 45.14 -16.91 -33.50
C1 NAG M . 44.11 -10.08 -35.16
C2 NAG M . 44.65 -8.67 -35.40
C3 NAG M . 44.38 -8.24 -36.85
C4 NAG M . 44.87 -9.28 -37.83
C5 NAG M . 44.32 -10.66 -37.46
C6 NAG M . 44.86 -11.77 -38.32
C7 NAG M . 44.54 -6.48 -34.27
C8 NAG M . 43.80 -5.65 -33.27
N2 NAG M . 44.06 -7.72 -34.46
O3 NAG M . 45.01 -6.99 -37.10
O4 NAG M . 44.43 -8.95 -39.14
O5 NAG M . 44.68 -10.98 -36.10
O6 NAG M . 44.32 -13.03 -37.94
O7 NAG M . 45.52 -6.05 -34.88
C1 BMA M . 45.54 -8.48 -39.92
C2 BMA M . 45.24 -8.76 -41.41
C3 BMA M . 46.33 -8.13 -42.29
C4 BMA M . 46.58 -6.67 -41.92
C5 BMA M . 46.87 -6.54 -40.41
C6 BMA M . 47.06 -5.10 -39.96
O2 BMA M . 44.01 -8.16 -41.79
O3 BMA M . 46.00 -8.24 -43.67
O4 BMA M . 47.68 -6.17 -42.66
O5 BMA M . 45.76 -7.09 -39.69
O6 BMA M . 48.40 -4.72 -40.19
C1 NAG N . 11.50 21.17 -0.42
C2 NAG N . 12.75 20.73 0.36
C3 NAG N . 12.37 20.29 1.78
C4 NAG N . 11.52 21.35 2.47
C5 NAG N . 10.32 21.70 1.60
C6 NAG N . 9.45 22.79 2.18
C7 NAG N . 14.64 19.17 0.01
C8 NAG N . 15.18 18.07 -0.84
N2 NAG N . 13.44 19.66 -0.34
O3 NAG N . 13.55 20.05 2.54
O4 NAG N . 11.08 20.87 3.73
O5 NAG N . 10.79 22.17 0.32
O6 NAG N . 8.36 23.07 1.32
O7 NAG N . 15.26 19.62 0.98
C1 NAG N . 11.73 21.59 4.80
C2 NAG N . 10.91 21.42 6.09
C3 NAG N . 11.59 22.13 7.26
C4 NAG N . 13.03 21.66 7.41
C5 NAG N . 13.77 21.82 6.08
C6 NAG N . 15.17 21.27 6.10
C7 NAG N . 9.22 23.17 5.65
C8 NAG N . 7.75 23.45 5.51
N2 NAG N . 9.54 21.90 5.92
O3 NAG N . 10.86 21.86 8.46
O4 NAG N . 13.68 22.45 8.40
O5 NAG N . 13.08 21.12 5.03
O6 NAG N . 15.94 21.73 4.99
O7 NAG N . 10.06 24.06 5.52
C1 BMA N . 14.23 21.65 9.49
C2 BMA N . 13.28 21.74 10.73
C3 BMA N . 13.79 20.83 11.85
C4 BMA N . 14.15 19.42 11.34
C5 BMA N . 15.10 19.53 10.13
C6 BMA N . 15.49 18.18 9.56
O2 BMA N . 11.97 21.29 10.41
O3 BMA N . 12.85 20.73 12.92
O4 BMA N . 14.77 18.67 12.37
O5 BMA N . 14.44 20.29 9.10
O6 BMA N . 16.54 18.39 8.61
C1 NAG O . -41.29 27.76 -10.77
C2 NAG O . -42.66 27.17 -10.49
C3 NAG O . -42.73 25.73 -10.99
C4 NAG O . -42.34 25.65 -12.46
C5 NAG O . -40.98 26.33 -12.68
C6 NAG O . -40.58 26.42 -14.13
C7 NAG O . -43.57 28.31 -8.51
C8 NAG O . -43.82 28.22 -7.05
N2 NAG O . -42.98 27.25 -9.08
O3 NAG O . -44.05 25.22 -10.80
O4 NAG O . -42.25 24.28 -12.85
O5 NAG O . -41.01 27.67 -12.17
O6 NAG O . -41.56 27.12 -14.89
O7 NAG O . -43.88 29.30 -9.17
C1 NAG O . -43.10 24.02 -13.98
C2 NAG O . -42.51 22.82 -14.74
C3 NAG O . -43.39 22.48 -15.94
C4 NAG O . -44.84 22.27 -15.50
C5 NAG O . -45.33 23.46 -14.69
C6 NAG O . -46.71 23.25 -14.11
C7 NAG O . -40.09 22.95 -14.34
C8 NAG O . -38.76 23.27 -14.95
N2 NAG O . -41.15 23.09 -15.16
O3 NAG O . -42.87 21.32 -16.57
O4 NAG O . -45.67 22.10 -16.64
O5 NAG O . -44.45 23.72 -13.58
O6 NAG O . -47.66 22.94 -15.12
O7 NAG O . -40.21 22.59 -13.18
C1 BMA O . -45.94 20.69 -16.84
C2 BMA O . -47.42 20.50 -17.24
C3 BMA O . -47.68 19.02 -17.55
C4 BMA O . -46.65 18.45 -18.54
C5 BMA O . -45.22 18.74 -18.03
C6 BMA O . -44.13 18.25 -18.97
O2 BMA O . -47.73 21.23 -18.41
O3 BMA O . -48.99 18.82 -18.06
O4 BMA O . -46.82 17.05 -18.69
O5 BMA O . -45.07 20.16 -17.85
O6 BMA O . -44.21 18.95 -20.19
C1 NAG P . 1.22 41.71 -6.38
C2 NAG P . 1.74 42.43 -7.64
C3 NAG P . 2.78 43.47 -7.27
C4 NAG P . 2.20 44.45 -6.26
C5 NAG P . 1.74 43.66 -5.03
C6 NAG P . 1.12 44.53 -3.96
C7 NAG P . 1.56 40.88 -9.54
C8 NAG P . 2.29 39.92 -10.43
N2 NAG P . 2.29 41.47 -8.58
O3 NAG P . 3.19 44.16 -8.45
O4 NAG P . 3.17 45.42 -5.86
O5 NAG P . 0.77 42.69 -5.42
O6 NAG P . 2.04 45.46 -3.43
O7 NAG P . 0.36 41.12 -9.69
C1 NAG P . 3.07 46.65 -6.65
C2 NAG P . 2.42 47.78 -5.83
C3 NAG P . 2.43 49.08 -6.64
C4 NAG P . 3.85 49.40 -7.13
C5 NAG P . 4.40 48.21 -7.90
C6 NAG P . 5.83 48.41 -8.35
C7 NAG P . 0.40 48.03 -4.46
C8 NAG P . -1.00 47.54 -4.22
N2 NAG P . 1.06 47.43 -5.46
O3 NAG P . 1.94 50.15 -5.82
O4 NAG P . 3.83 50.53 -8.00
O5 NAG P . 4.39 47.05 -7.06
O6 NAG P . 5.89 49.14 -9.55
O7 NAG P . 0.90 48.93 -3.79
C1 BMA P . 4.18 51.76 -7.31
C2 BMA P . 5.70 51.75 -6.97
C3 BMA P . 6.08 53.08 -6.32
C4 BMA P . 5.62 54.28 -7.17
C5 BMA P . 4.12 54.17 -7.47
C6 BMA P . 3.63 55.27 -8.40
O2 BMA P . 6.46 51.63 -8.15
O3 BMA P . 7.49 53.17 -6.10
O4 BMA P . 5.89 55.50 -6.48
O5 BMA P . 3.85 52.90 -8.10
O6 BMA P . 2.29 55.01 -8.75
C1 NAG Q . 29.53 3.57 -14.38
C2 NAG Q . 30.11 3.84 -15.77
C3 NAG Q . 29.32 4.95 -16.47
C4 NAG Q . 27.83 4.63 -16.48
C5 NAG Q . 27.35 4.33 -15.06
C6 NAG Q . 25.91 3.87 -15.02
C7 NAG Q . 32.49 3.32 -15.97
C8 NAG Q . 33.90 3.84 -15.84
N2 NAG Q . 31.51 4.18 -15.69
O3 NAG Q . 29.80 5.10 -17.79
O4 NAG Q . 27.10 5.74 -16.99
O5 NAG Q . 28.13 3.28 -14.49
O6 NAG Q . 25.78 2.53 -15.46
O7 NAG Q . 32.26 2.16 -16.31
C1 NAG Q . 26.58 5.45 -18.31
C2 NAG Q . 25.33 6.29 -18.52
C3 NAG Q . 24.76 6.02 -19.90
C4 NAG Q . 25.81 6.25 -20.98
C5 NAG Q . 27.09 5.47 -20.66
C6 NAG Q . 28.24 5.82 -21.58
C7 NAG Q . 24.24 6.77 -16.38
C8 NAG Q . 23.16 6.39 -15.43
N2 NAG Q . 24.34 6.04 -17.50
O3 NAG Q . 23.64 6.86 -20.13
O4 NAG Q . 25.30 5.86 -22.25
O5 NAG Q . 27.54 5.74 -19.33
O6 NAG Q . 29.25 4.82 -21.54
O7 NAG Q . 25.00 7.72 -16.17
C1 BMA Q . 25.45 6.92 -23.21
C2 BMA Q . 25.44 6.30 -24.63
C3 BMA Q . 25.60 7.43 -25.66
C4 BMA Q . 24.59 8.56 -25.42
C5 BMA Q . 24.63 9.03 -23.95
C6 BMA Q . 23.55 10.06 -23.63
O2 BMA Q . 24.21 5.67 -24.91
O3 BMA Q . 25.49 6.94 -26.99
O4 BMA Q . 24.88 9.66 -26.27
O5 BMA Q . 24.41 7.88 -23.10
O6 BMA Q . 23.71 10.47 -22.27
C1 NAG R . -5.71 -9.00 21.39
C2 NAG R . -5.82 -10.53 21.21
C3 NAG R . -6.82 -10.87 20.11
C4 NAG R . -8.16 -10.17 20.36
C5 NAG R . -7.93 -8.67 20.52
C6 NAG R . -9.19 -7.90 20.84
C7 NAG R . -3.70 -11.59 21.83
C8 NAG R . -2.40 -12.16 21.33
N2 NAG R . -4.52 -11.12 20.90
O3 NAG R . -7.02 -12.28 20.06
O4 NAG R . -9.04 -10.39 19.27
O5 NAG R . -7.01 -8.44 21.61
O6 NAG R . -9.48 -7.95 22.23
O7 NAG R . -3.98 -11.57 23.02
C1 NAG S . 25.54 -14.20 15.04
C2 NAG S . 25.23 -15.67 14.92
C3 NAG S . 25.66 -16.36 16.21
C4 NAG S . 27.14 -16.05 16.50
C5 NAG S . 27.49 -14.56 16.31
C6 NAG S . 28.98 -14.32 16.26
C7 NAG S . 23.38 -16.90 13.87
C8 NAG S . 24.42 -17.77 13.23
N2 NAG S . 23.81 -15.91 14.67
O3 NAG S . 25.46 -17.77 16.13
O4 NAG S . 27.42 -16.40 17.84
O5 NAG S . 26.94 -14.02 15.08
O6 NAG S . 29.70 -15.51 16.54
O7 NAG S . 22.17 -17.08 13.66
C1 NAG T . 49.73 -23.26 10.39
C2 NAG T . 51.13 -23.78 10.66
C3 NAG T . 51.90 -22.78 11.53
C4 NAG T . 51.87 -21.39 10.90
C5 NAG T . 50.43 -20.98 10.54
C6 NAG T . 50.36 -19.68 9.78
C7 NAG T . 51.76 -26.14 10.80
C8 NAG T . 51.61 -27.42 11.57
N2 NAG T . 51.10 -25.09 11.29
O3 NAG T . 53.25 -23.21 11.68
O4 NAG T . 52.40 -20.44 11.81
O5 NAG T . 49.81 -22.00 9.73
O6 NAG T . 49.14 -19.60 9.04
O7 NAG T . 52.45 -26.07 9.78
C1 NAG U . 18.14 -28.64 19.01
C2 NAG U . 17.73 -27.22 19.48
C3 NAG U . 18.90 -26.55 20.19
C4 NAG U . 19.47 -27.44 21.29
C5 NAG U . 19.87 -28.78 20.70
C6 NAG U . 20.38 -29.75 21.74
C7 NAG U . 16.77 -25.20 18.46
C8 NAG U . 16.38 -24.53 17.16
N2 NAG U . 17.29 -26.42 18.35
O3 NAG U . 18.48 -25.32 20.77
O4 NAG U . 20.61 -26.83 21.89
O5 NAG U . 18.72 -29.38 20.10
O6 NAG U . 21.40 -29.17 22.54
O7 NAG U . 16.61 -24.64 19.54
C1 NAG V . -38.71 -3.52 -16.32
C2 NAG V . -39.38 -4.88 -16.47
C3 NAG V . -39.76 -5.13 -17.92
C4 NAG V . -40.61 -3.99 -18.46
C5 NAG V . -39.89 -2.66 -18.26
C6 NAG V . -40.73 -1.47 -18.65
C7 NAG V . -38.61 -6.44 -14.73
C8 NAG V . -37.65 -7.54 -14.39
N2 NAG V . -38.52 -5.95 -15.97
O3 NAG V . -40.48 -6.36 -18.03
O4 NAG V . -40.89 -4.19 -19.84
O5 NAG V . -39.56 -2.49 -16.87
O6 NAG V . -41.78 -1.26 -17.74
O7 NAG V . -39.43 -6.01 -13.92
C1 NAG W . 25.53 -0.04 -20.19
C2 NAG W . 26.90 -0.05 -19.46
C3 NAG W . 27.68 1.23 -19.73
C4 NAG W . 27.73 1.52 -21.23
C5 NAG W . 26.32 1.61 -21.74
C6 NAG W . 26.23 1.94 -23.22
C7 NAG W . 27.71 -0.39 -17.15
C8 NAG W . 27.32 -0.53 -15.72
N2 NAG W . 26.70 -0.23 -18.03
O3 NAG W . 29.00 1.12 -19.22
O4 NAG W . 28.43 2.74 -21.48
O5 NAG W . 25.71 0.33 -21.56
O6 NAG W . 26.53 0.80 -24.01
O7 NAG W . 28.88 -0.40 -17.51
C1 NAG X . -39.71 35.95 -16.91
C2 NAG X . -40.44 36.39 -15.64
C3 NAG X . -41.86 36.86 -16.00
C4 NAG X . -41.83 37.89 -17.12
C5 NAG X . -41.02 37.36 -18.30
C6 NAG X . -40.87 38.37 -19.42
C7 NAG X . -40.17 35.46 -13.39
C8 NAG X . -39.75 36.84 -12.96
N2 NAG X . -40.49 35.31 -14.68
O3 NAG X . -42.48 37.41 -14.84
O4 NAG X . -43.15 38.17 -17.55
O5 NAG X . -39.69 37.01 -17.87
O6 NAG X . -39.80 39.27 -19.18
O7 NAG X . -40.22 34.52 -12.59
#